data_6DGD
#
_entry.id   6DGD
#
_cell.length_a   100.560
_cell.length_b   106.760
_cell.length_c   256.830
_cell.angle_alpha   90.00
_cell.angle_beta   90.00
_cell.angle_gamma   90.00
#
_symmetry.space_group_name_H-M   'P 21 21 21'
#
loop_
_entity.id
_entity.type
_entity.pdbx_description
1 polymer "Primosomal protein N'"
2 polymer "DNA (5'-D(P*AP*GP*CP*AP*CP*GP*CP*CP*GP*AP*CP*T)-3')"
3 polymer "DNA (5'-D(P*GP*TP*CP*GP*GP*CP*GP*TP*GP*CP*TP*C)-3')"
4 polymer "DNA (5'-D(P*GP*AP*GP*CP*AP*CP*GP*CP*CP*GP*AP*CP*T)-3')"
5 non-polymer 'ZINC ION'
6 non-polymer 'SULFATE ION'
7 water water
#
loop_
_entity_poly.entity_id
_entity_poly.type
_entity_poly.pdbx_seq_one_letter_code
_entity_poly.pdbx_strand_id
1 'polypeptide(L)'
;MGSSHHHHHHSSGLVPRGSHMSVAHVALPVPLPRTFDYLLPEGMAVKAGCRVRVPFGKQERIGIVAAVSERSELPLDELK
PVAEALDDEPVFSTTVWRLLMWAAEYYHHPIGDVLFHALPVMLRQGKPASATPLWYWFATEQGQVVDLNGLKRSRKQQQA
LAALRQGKIWRHQVGELEFNEAALQALRGKGLAELACEAPALTDWRSAYSVAGERLRLNTEQATAVGAIHSAADRFSAWL
LAGITGSGKTEVYLSVLENVLAQGRQALVMVPEIGLTPQTIARFRQRFNAPVEVLHSGLNDSERLSAWLKAKNGEAAIVI
GTRSSLFTPFKDLGVIVIDEEHDSSYKQQEGWRYHARDLAVWRAHSEQIPIILGSATPALETLHNVRQGKYRQLTLSKRA
GNARPAQQHVLDLKGQPLQAGLSPALISRMRQHLQADNQVILFLNRRGFAPALLCHDCGWIAECPRCDSYYTLHQAQHHL
RCHHCDSQRPIPRQCPSCGSTHLVPVGIGTEQLEQALAPLFPEVPISRIDRDTTSRKGALEEHLAAVHRGGARILIGTQM
LAKGHHFPDVTLVSLLDVDGALFSADFRSAERFAQLYTQVSGRAGRAGKQGEVILQTHHPEHPLLQTLLYKGYDAFAEQA
LAERQTMQLPPWTSHVLIRAEDHNNQQAPLFLQQLRNLLQASPLADEKLWVLGPVPALAPKRGGRWRWQILLQHPSRVRL
QHIVSGTLALINTLPEARKVKWVLDVDPIEG
;
A,B
2 'polydeoxyribonucleotide' (DA)(DG)(DC)(DA)(DC)(DG)(DC)(DC)(DG)(DA)(DC)(DT) W
3 'polydeoxyribonucleotide' (DG)(DT)(DC)(DG)(DG)(DC)(DG)(DT)(DG)(DC)(DT)(DC) X,Z
4 'polydeoxyribonucleotide' (DG)(DA)(DG)(DC)(DA)(DC)(DG)(DC)(DC)(DG)(DA)(DC)(DT) Y
#
loop_
_chem_comp.id
_chem_comp.type
_chem_comp.name
_chem_comp.formula
DA DNA linking 2'-DEOXYADENOSINE-5'-MONOPHOSPHATE 'C10 H14 N5 O6 P'
DC DNA linking 2'-DEOXYCYTIDINE-5'-MONOPHOSPHATE 'C9 H14 N3 O7 P'
DG DNA linking 2'-DEOXYGUANOSINE-5'-MONOPHOSPHATE 'C10 H14 N5 O7 P'
DT DNA linking THYMIDINE-5'-MONOPHOSPHATE 'C10 H15 N2 O8 P'
SO4 non-polymer 'SULFATE ION' 'O4 S -2'
ZN non-polymer 'ZINC ION' 'Zn 2'
#
# COMPACT_ATOMS: atom_id res chain seq x y z
N MET A 21 17.00 -28.18 60.74
CA MET A 21 16.64 -27.20 59.71
C MET A 21 16.18 -27.85 58.40
N SER A 22 15.73 -27.00 57.47
CA SER A 22 15.07 -27.45 56.24
C SER A 22 16.05 -27.39 55.09
N VAL A 23 15.80 -28.25 54.09
CA VAL A 23 16.74 -28.42 52.99
C VAL A 23 16.17 -27.67 51.80
N ALA A 24 16.97 -26.73 51.30
CA ALA A 24 16.64 -25.93 50.13
C ALA A 24 17.31 -26.57 48.93
N HIS A 25 16.53 -27.26 48.09
CA HIS A 25 17.04 -27.75 46.79
C HIS A 25 16.96 -26.60 45.79
N VAL A 26 18.10 -26.10 45.34
CA VAL A 26 18.15 -24.95 44.44
C VAL A 26 18.74 -25.40 43.12
N ALA A 27 18.10 -24.99 42.03
CA ALA A 27 18.61 -25.22 40.69
C ALA A 27 19.56 -24.11 40.31
N LEU A 28 20.60 -24.45 39.55
CA LEU A 28 21.65 -23.49 39.25
C LEU A 28 21.89 -23.39 37.75
N PRO A 29 22.29 -22.21 37.27
CA PRO A 29 22.48 -22.01 35.83
C PRO A 29 23.70 -22.72 35.28
N VAL A 30 23.80 -24.02 35.52
CA VAL A 30 24.92 -24.85 35.07
C VAL A 30 24.35 -26.08 34.38
N PRO A 31 25.10 -26.73 33.47
CA PRO A 31 24.57 -27.87 32.72
C PRO A 31 24.59 -29.19 33.49
N LEU A 32 24.03 -29.17 34.69
CA LEU A 32 24.07 -30.34 35.58
C LEU A 32 22.66 -30.79 35.91
N PRO A 33 22.22 -31.95 35.43
CA PRO A 33 20.80 -32.32 35.55
C PRO A 33 20.37 -32.63 36.96
N ARG A 34 20.53 -31.66 37.86
CA ARG A 34 20.05 -31.88 39.22
C ARG A 34 20.10 -30.60 40.03
N THR A 35 19.30 -30.59 41.09
CA THR A 35 19.25 -29.54 42.08
C THR A 35 20.45 -29.68 43.01
N PHE A 36 20.71 -28.66 43.83
CA PHE A 36 21.73 -28.75 44.85
C PHE A 36 21.12 -28.39 46.20
N ASP A 37 21.45 -29.19 47.22
CA ASP A 37 20.86 -29.05 48.53
C ASP A 37 21.66 -28.06 49.38
N TYR A 38 20.93 -27.25 50.14
CA TYR A 38 21.50 -26.29 51.08
C TYR A 38 20.59 -26.24 52.31
N LEU A 39 21.01 -25.54 53.35
CA LEU A 39 20.21 -25.39 54.55
C LEU A 39 19.62 -23.99 54.64
N LEU A 40 18.42 -23.91 55.21
CA LEU A 40 17.96 -22.57 55.48
C LEU A 40 18.54 -22.10 56.81
N PRO A 41 18.99 -20.86 56.89
CA PRO A 41 19.12 -20.24 58.22
C PRO A 41 17.73 -20.16 58.83
N GLU A 42 17.48 -20.90 59.91
CA GLU A 42 16.12 -21.03 60.41
C GLU A 42 15.52 -19.65 60.71
N GLY A 43 14.32 -19.42 60.21
CA GLY A 43 13.73 -18.10 60.14
C GLY A 43 13.68 -17.54 58.74
N MET A 44 14.13 -18.34 57.78
CA MET A 44 14.12 -17.94 56.34
C MET A 44 13.03 -18.74 55.63
N ALA A 45 12.07 -18.08 55.02
CA ALA A 45 10.95 -18.74 54.35
C ALA A 45 10.97 -18.36 52.88
N VAL A 46 11.50 -19.25 52.05
CA VAL A 46 11.49 -19.07 50.60
C VAL A 46 10.72 -20.24 49.99
N LYS A 47 9.59 -19.94 49.37
CA LYS A 47 8.87 -20.97 48.63
C LYS A 47 9.60 -21.25 47.33
N ALA A 48 9.26 -22.38 46.72
CA ALA A 48 9.84 -22.70 45.43
C ALA A 48 9.47 -21.64 44.41
N GLY A 49 10.41 -21.32 43.52
CA GLY A 49 10.23 -20.27 42.54
C GLY A 49 10.91 -18.95 42.86
N CYS A 50 11.56 -18.84 44.01
CA CYS A 50 12.27 -17.63 44.37
C CYS A 50 13.75 -17.76 44.03
N ARG A 51 14.37 -16.62 43.73
CA ARG A 51 15.80 -16.55 43.48
C ARG A 51 16.54 -16.37 44.79
N VAL A 52 17.58 -17.18 45.00
CA VAL A 52 18.44 -17.08 46.17
C VAL A 52 19.89 -16.93 45.73
N ARG A 53 20.64 -16.08 46.42
CA ARG A 53 22.09 -16.00 46.26
C ARG A 53 22.71 -17.11 47.09
N VAL A 54 23.62 -17.86 46.48
CA VAL A 54 24.04 -19.12 47.09
C VAL A 54 25.50 -19.42 46.73
N PRO A 55 26.29 -19.93 47.67
CA PRO A 55 27.67 -20.31 47.34
C PRO A 55 27.69 -21.59 46.51
N PHE A 56 28.58 -21.61 45.53
CA PHE A 56 28.74 -22.77 44.64
C PHE A 56 30.23 -23.01 44.52
N GLY A 57 30.78 -23.79 45.45
CA GLY A 57 32.20 -24.05 45.47
C GLY A 57 33.01 -22.79 45.57
N LYS A 58 33.61 -22.37 44.46
CA LYS A 58 34.50 -21.18 44.48
C LYS A 58 33.78 -19.90 44.07
N GLN A 59 32.59 -19.96 43.47
CA GLN A 59 31.91 -18.76 43.07
C GLN A 59 30.73 -18.44 43.99
N GLU A 60 30.24 -17.21 43.86
CA GLU A 60 28.98 -16.78 44.45
C GLU A 60 28.02 -16.61 43.28
N ARG A 61 26.99 -17.44 43.24
CA ARG A 61 26.11 -17.51 42.09
C ARG A 61 24.67 -17.56 42.55
N ILE A 62 23.78 -17.23 41.61
CA ILE A 62 22.31 -17.19 41.89
C ILE A 62 21.69 -18.52 41.49
N GLY A 63 20.57 -18.86 42.12
CA GLY A 63 19.84 -20.08 41.87
C GLY A 63 18.36 -19.89 42.16
N ILE A 64 17.51 -20.63 41.45
CA ILE A 64 16.08 -20.68 41.81
C ILE A 64 15.89 -21.87 42.74
N VAL A 65 15.18 -21.64 43.84
CA VAL A 65 14.88 -22.73 44.76
C VAL A 65 13.83 -23.61 44.09
N ALA A 66 14.23 -24.83 43.73
CA ALA A 66 13.33 -25.76 43.07
C ALA A 66 12.33 -26.35 44.05
N ALA A 67 12.75 -26.60 45.29
CA ALA A 67 11.88 -27.13 46.34
C ALA A 67 12.62 -27.09 47.67
N VAL A 68 11.89 -26.77 48.73
CA VAL A 68 12.42 -26.73 50.09
C VAL A 68 11.63 -27.77 50.90
N SER A 69 12.34 -28.68 51.56
CA SER A 69 11.71 -29.73 52.36
C SER A 69 12.56 -29.90 53.64
N GLU A 70 12.36 -31.00 54.35
CA GLU A 70 13.11 -31.21 55.59
C GLU A 70 13.78 -32.57 55.61
N ARG A 71 14.38 -32.98 54.50
CA ARG A 71 15.14 -34.22 54.44
C ARG A 71 16.06 -34.16 53.24
N SER A 72 17.36 -34.31 53.46
CA SER A 72 18.36 -34.29 52.41
C SER A 72 18.87 -35.70 52.14
N GLU A 73 19.92 -35.79 51.34
CA GLU A 73 20.51 -37.12 51.00
C GLU A 73 22.01 -37.12 51.35
N LEU A 74 22.50 -36.11 52.05
CA LEU A 74 23.94 -36.05 52.42
C LEU A 74 24.09 -35.41 53.79
N PRO A 75 25.22 -35.65 54.48
CA PRO A 75 25.50 -35.10 55.82
C PRO A 75 25.20 -33.59 55.86
N LEU A 76 24.24 -33.18 56.68
CA LEU A 76 23.86 -31.77 56.78
C LEU A 76 25.01 -30.89 57.27
N ASP A 77 26.14 -31.47 57.68
CA ASP A 77 27.27 -30.66 58.13
C ASP A 77 28.05 -30.10 56.94
N GLU A 78 28.23 -30.93 55.92
CA GLU A 78 28.94 -30.52 54.70
C GLU A 78 28.17 -29.42 53.96
N LEU A 79 26.87 -29.62 53.83
CA LEU A 79 25.95 -28.72 53.08
C LEU A 79 26.12 -27.26 53.47
N LYS A 80 26.58 -26.43 52.54
CA LYS A 80 26.68 -24.99 52.77
C LYS A 80 25.30 -24.33 52.90
N PRO A 81 25.23 -23.15 53.49
CA PRO A 81 23.94 -22.46 53.63
C PRO A 81 23.67 -21.61 52.40
N VAL A 82 22.44 -21.15 52.30
CA VAL A 82 22.17 -20.15 51.29
C VAL A 82 22.57 -18.80 51.83
N ALA A 83 23.20 -18.02 50.97
CA ALA A 83 23.68 -16.71 51.37
C ALA A 83 22.52 -15.74 51.61
N GLU A 84 21.66 -15.59 50.60
CA GLU A 84 20.64 -14.55 50.64
C GLU A 84 19.41 -15.01 49.85
N ALA A 85 18.26 -14.45 50.21
CA ALA A 85 17.00 -14.70 49.52
C ALA A 85 16.58 -13.42 48.81
N LEU A 86 16.56 -13.47 47.47
CA LEU A 86 16.37 -12.28 46.66
C LEU A 86 14.92 -11.99 46.29
N ASP A 87 13.98 -12.90 46.57
CA ASP A 87 12.60 -12.69 46.19
C ASP A 87 11.67 -13.17 47.30
N ASP A 88 10.72 -12.30 47.69
CA ASP A 88 9.69 -12.70 48.65
C ASP A 88 8.69 -13.67 48.01
N GLU A 89 8.27 -13.39 46.78
CA GLU A 89 7.33 -14.20 46.04
C GLU A 89 8.01 -14.81 44.82
N PRO A 90 7.54 -15.96 44.34
CA PRO A 90 8.17 -16.58 43.16
C PRO A 90 8.00 -15.72 41.91
N VAL A 91 9.02 -15.74 41.06
CA VAL A 91 9.00 -14.98 39.82
C VAL A 91 8.31 -15.78 38.72
N PHE A 92 7.71 -16.91 39.10
CA PHE A 92 6.92 -17.71 38.18
C PHE A 92 5.53 -17.93 38.78
N SER A 93 4.49 -17.78 37.97
CA SER A 93 3.19 -18.25 38.38
C SER A 93 3.26 -19.77 38.45
N THR A 94 2.27 -20.36 39.12
CA THR A 94 2.31 -21.81 39.31
C THR A 94 2.12 -22.54 37.99
N THR A 95 1.36 -21.94 37.06
CA THR A 95 1.16 -22.55 35.75
C THR A 95 2.46 -22.54 34.96
N VAL A 96 3.08 -21.38 34.81
CA VAL A 96 4.32 -21.44 34.04
C VAL A 96 5.39 -22.22 34.78
N TRP A 97 5.36 -22.24 36.13
CA TRP A 97 6.31 -23.08 36.85
C TRP A 97 6.12 -24.55 36.52
N ARG A 98 4.93 -25.10 36.79
CA ARG A 98 4.61 -26.47 36.40
C ARG A 98 5.02 -26.76 34.95
N LEU A 99 4.73 -25.82 34.05
CA LEU A 99 5.07 -26.01 32.65
C LEU A 99 6.57 -26.15 32.45
N LEU A 100 7.36 -25.31 33.10
CA LEU A 100 8.82 -25.42 32.98
C LEU A 100 9.31 -26.74 33.57
N MET A 101 8.77 -27.13 34.73
CA MET A 101 9.17 -28.38 35.35
C MET A 101 8.90 -29.58 34.44
N TRP A 102 7.74 -29.58 33.76
CA TRP A 102 7.44 -30.69 32.87
C TRP A 102 8.34 -30.68 31.65
N ALA A 103 8.55 -29.51 31.04
CA ALA A 103 9.38 -29.42 29.85
C ALA A 103 10.83 -29.79 30.15
N ALA A 104 11.30 -29.53 31.37
CA ALA A 104 12.68 -29.86 31.70
C ALA A 104 12.92 -31.35 31.56
N GLU A 105 11.94 -32.17 31.95
CA GLU A 105 12.12 -33.61 31.82
C GLU A 105 11.72 -34.14 30.45
N TYR A 106 10.63 -33.64 29.87
CA TYR A 106 10.26 -34.10 28.54
C TYR A 106 11.37 -33.85 27.53
N TYR A 107 12.00 -32.68 27.60
CA TYR A 107 13.07 -32.36 26.69
C TYR A 107 14.44 -32.75 27.22
N HIS A 108 14.54 -33.10 28.50
CA HIS A 108 15.79 -33.54 29.13
C HIS A 108 16.88 -32.48 28.99
N HIS A 109 16.59 -31.32 29.56
CA HIS A 109 17.59 -30.28 29.64
C HIS A 109 17.82 -29.93 31.10
N PRO A 110 19.06 -29.62 31.49
CA PRO A 110 19.33 -29.34 32.91
C PRO A 110 18.39 -28.27 33.47
N ILE A 111 17.62 -28.67 34.48
CA ILE A 111 16.54 -27.83 35.02
C ILE A 111 17.02 -26.41 35.28
N GLY A 112 18.28 -26.25 35.68
CA GLY A 112 18.77 -24.91 35.98
C GLY A 112 18.86 -24.03 34.75
N ASP A 113 19.30 -24.61 33.62
CA ASP A 113 19.36 -23.84 32.38
C ASP A 113 17.95 -23.57 31.86
N VAL A 114 17.05 -24.54 32.00
CA VAL A 114 15.68 -24.31 31.56
C VAL A 114 15.05 -23.17 32.39
N LEU A 115 15.17 -23.22 33.73
CA LEU A 115 14.51 -22.22 34.55
C LEU A 115 15.07 -20.85 34.26
N PHE A 116 16.36 -20.77 33.98
CA PHE A 116 16.96 -19.46 33.81
C PHE A 116 16.70 -18.88 32.43
N HIS A 117 16.80 -19.73 31.41
CA HIS A 117 16.43 -19.33 30.06
C HIS A 117 15.08 -18.63 30.01
N ALA A 118 14.17 -19.00 30.90
CA ALA A 118 12.81 -18.45 30.89
C ALA A 118 12.68 -17.10 31.59
N LEU A 119 13.79 -16.45 31.92
CA LEU A 119 13.70 -15.18 32.62
C LEU A 119 14.48 -14.11 31.85
N PRO A 120 14.09 -12.85 32.01
CA PRO A 120 14.93 -11.76 31.50
C PRO A 120 16.33 -11.82 32.08
N VAL A 121 17.31 -11.40 31.27
CA VAL A 121 18.72 -11.50 31.66
C VAL A 121 18.96 -10.82 32.99
N MET A 122 18.32 -9.66 33.22
CA MET A 122 18.51 -8.95 34.47
C MET A 122 17.98 -9.74 35.66
N LEU A 123 16.98 -10.61 35.44
CA LEU A 123 16.52 -11.45 36.55
C LEU A 123 17.41 -12.67 36.72
N ARG A 124 18.00 -13.16 35.64
CA ARG A 124 19.06 -14.15 35.80
C ARG A 124 20.23 -13.59 36.57
N GLN A 125 20.39 -12.27 36.63
CA GLN A 125 21.53 -11.65 37.31
C GLN A 125 21.22 -11.16 38.72
N GLY A 126 20.02 -11.44 39.21
CA GLY A 126 19.71 -11.21 40.61
C GLY A 126 19.29 -9.79 40.94
N LYS A 127 19.25 -8.90 39.96
CA LYS A 127 18.73 -7.56 40.20
C LYS A 127 17.26 -7.66 40.59
N PRO A 128 16.71 -6.65 41.26
CA PRO A 128 15.32 -6.74 41.74
C PRO A 128 14.32 -6.76 40.61
N ALA A 129 13.25 -7.54 40.82
CA ALA A 129 12.15 -7.62 39.88
C ALA A 129 11.14 -6.51 40.13
N SER A 130 11.60 -5.27 40.03
CA SER A 130 10.74 -4.10 40.10
C SER A 130 11.18 -3.10 39.04
N ALA A 131 10.33 -2.10 38.80
CA ALA A 131 10.63 -1.11 37.77
C ALA A 131 11.84 -0.28 38.16
N THR A 132 12.71 0.00 37.20
CA THR A 132 13.88 0.82 37.40
C THR A 132 13.94 1.90 36.33
N PRO A 133 14.40 3.10 36.68
CA PRO A 133 14.49 4.17 35.68
C PRO A 133 15.56 3.84 34.64
N LEU A 134 15.22 4.07 33.38
CA LEU A 134 16.09 3.75 32.27
C LEU A 134 16.84 5.00 31.83
N TRP A 135 18.16 4.90 31.77
CA TRP A 135 19.03 6.00 31.35
C TRP A 135 19.35 5.85 29.88
N TYR A 136 19.23 6.93 29.11
CA TYR A 136 19.53 6.84 27.69
C TYR A 136 20.41 8.00 27.25
N TRP A 137 21.32 7.72 26.31
CA TRP A 137 22.03 8.78 25.59
C TRP A 137 21.17 9.28 24.43
N PHE A 138 21.02 10.59 24.30
CA PHE A 138 20.36 11.16 23.14
C PHE A 138 21.22 12.26 22.53
N ALA A 139 20.98 12.53 21.25
CA ALA A 139 21.66 13.62 20.58
C ALA A 139 20.97 14.94 20.89
N THR A 140 21.78 15.93 21.24
CA THR A 140 21.27 17.31 21.43
C THR A 140 20.83 17.82 20.04
N GLU A 141 20.10 18.91 19.94
CA GLU A 141 19.68 19.27 18.59
C GLU A 141 20.81 19.91 17.80
N GLN A 142 21.79 20.55 18.45
CA GLN A 142 23.01 20.76 17.68
C GLN A 142 23.61 19.46 17.23
N GLY A 143 23.58 18.45 18.11
CA GLY A 143 24.06 17.14 17.77
C GLY A 143 23.36 16.58 16.57
N GLN A 144 22.13 17.04 16.29
CA GLN A 144 21.47 16.62 15.08
C GLN A 144 21.57 17.64 13.95
N VAL A 145 22.08 18.85 14.20
CA VAL A 145 22.28 19.78 13.09
C VAL A 145 23.75 20.01 12.71
N VAL A 146 24.73 19.83 13.63
CA VAL A 146 26.10 20.16 13.23
C VAL A 146 26.57 19.18 12.17
N ASP A 147 27.30 19.72 11.21
CA ASP A 147 27.87 18.89 10.15
C ASP A 147 28.70 17.77 10.74
N LEU A 148 28.39 16.55 10.32
CA LEU A 148 29.01 15.36 10.90
C LEU A 148 30.50 15.27 10.56
N ASN A 149 30.90 15.73 9.37
CA ASN A 149 32.32 15.78 9.06
C ASN A 149 33.04 16.87 9.84
N GLY A 150 32.32 17.73 10.56
CA GLY A 150 32.96 18.72 11.42
C GLY A 150 33.93 18.10 12.40
N LEU A 151 33.67 16.88 12.84
CA LEU A 151 34.60 16.13 13.68
C LEU A 151 34.98 14.83 13.00
N LYS A 152 35.36 14.92 11.71
CA LYS A 152 35.52 13.74 10.88
C LYS A 152 36.60 12.80 11.40
N ARG A 153 37.71 13.35 11.89
CA ARG A 153 38.81 12.54 12.40
C ARG A 153 38.84 12.45 13.92
N SER A 154 37.68 12.57 14.59
CA SER A 154 37.55 12.44 16.04
C SER A 154 37.37 11.01 16.49
N ARG A 155 37.78 10.09 15.62
CA ARG A 155 37.72 8.64 15.94
C ARG A 155 36.28 8.12 15.86
N LYS A 156 35.75 7.63 16.97
CA LYS A 156 34.37 7.07 17.00
C LYS A 156 33.37 8.15 17.40
N GLN A 157 33.78 9.25 18.00
CA GLN A 157 32.80 10.26 18.38
C GLN A 157 31.84 10.42 17.21
N GLN A 158 32.42 10.49 16.01
CA GLN A 158 31.67 10.49 14.77
C GLN A 158 30.64 9.36 14.71
N GLN A 159 31.11 8.11 14.70
CA GLN A 159 30.15 7.02 14.53
C GLN A 159 29.24 6.87 15.75
N ALA A 160 29.63 7.44 16.89
CA ALA A 160 28.71 7.48 18.03
C ALA A 160 27.55 8.42 17.75
N LEU A 161 27.85 9.64 17.29
CA LEU A 161 26.79 10.57 16.90
C LEU A 161 25.97 10.01 15.75
N ALA A 162 26.62 9.28 14.84
CA ALA A 162 25.90 8.58 13.78
C ALA A 162 24.78 7.74 14.36
N ALA A 163 25.12 6.84 15.29
CA ALA A 163 24.12 5.99 15.92
C ALA A 163 23.11 6.81 16.72
N LEU A 164 23.53 7.95 17.27
CA LEU A 164 22.61 8.76 18.06
C LEU A 164 21.55 9.40 17.17
N ARG A 165 21.91 9.77 15.95
CA ARG A 165 20.97 10.44 15.08
C ARG A 165 19.87 9.51 14.57
N GLN A 166 19.96 8.21 14.88
CA GLN A 166 18.87 7.30 14.54
C GLN A 166 17.99 6.92 15.72
N GLY A 167 18.38 7.28 16.94
CA GLY A 167 17.53 6.98 18.08
C GLY A 167 18.31 7.01 19.38
N LYS A 168 17.55 6.92 20.46
CA LYS A 168 18.17 6.95 21.79
C LYS A 168 18.94 5.65 22.01
N ILE A 169 20.15 5.80 22.56
CA ILE A 169 21.02 4.70 22.93
C ILE A 169 20.99 4.57 24.45
N TRP A 170 20.74 3.34 24.89
CA TRP A 170 20.72 3.01 26.33
C TRP A 170 22.16 3.01 26.85
N ARG A 171 22.39 3.43 28.08
CA ARG A 171 23.75 3.49 28.63
C ARG A 171 24.46 2.14 28.64
N HIS A 172 23.82 1.12 29.24
CA HIS A 172 24.47 -0.19 29.43
C HIS A 172 24.60 -0.94 28.10
N GLN A 173 23.79 -0.59 27.08
CA GLN A 173 23.92 -1.19 25.77
C GLN A 173 25.15 -0.68 25.03
N VAL A 174 25.70 0.46 25.45
CA VAL A 174 26.87 1.02 24.76
C VAL A 174 28.00 0.00 24.72
N GLY A 175 28.13 -0.81 25.78
CA GLY A 175 29.19 -1.80 25.82
C GLY A 175 29.14 -2.78 24.67
N GLU A 176 27.92 -3.16 24.27
CA GLU A 176 27.76 -4.10 23.17
C GLU A 176 28.15 -3.50 21.82
N LEU A 177 28.08 -2.18 21.70
CA LEU A 177 28.34 -1.54 20.41
C LEU A 177 29.84 -1.26 20.22
N GLU A 178 30.17 -0.81 19.01
CA GLU A 178 31.58 -0.67 18.61
C GLU A 178 32.25 0.46 19.38
N PHE A 179 31.54 1.55 19.64
CA PHE A 179 32.14 2.65 20.37
C PHE A 179 31.94 2.45 21.88
N ASN A 180 32.62 3.29 22.66
CA ASN A 180 32.55 3.25 24.11
C ASN A 180 31.98 4.57 24.64
N GLU A 181 31.65 4.56 25.92
CA GLU A 181 31.11 5.76 26.56
C GLU A 181 32.09 6.93 26.53
N ALA A 182 33.38 6.65 26.35
CA ALA A 182 34.36 7.72 26.22
C ALA A 182 33.98 8.67 25.10
N ALA A 183 33.61 8.11 23.94
CA ALA A 183 33.17 8.92 22.83
C ALA A 183 31.94 9.74 23.20
N LEU A 184 30.90 9.07 23.70
CA LEU A 184 29.68 9.78 24.09
C LEU A 184 29.97 10.86 25.11
N GLN A 185 30.93 10.61 26.01
CA GLN A 185 31.33 11.64 26.98
C GLN A 185 31.96 12.84 26.27
N ALA A 186 32.92 12.58 25.37
CA ALA A 186 33.53 13.67 24.62
C ALA A 186 32.48 14.46 23.83
N LEU A 187 31.43 13.79 23.34
CA LEU A 187 30.38 14.51 22.62
C LEU A 187 29.60 15.41 23.56
N ARG A 188 29.23 14.90 24.76
CA ARG A 188 28.49 15.65 25.75
C ARG A 188 29.28 16.89 26.16
N GLY A 189 30.60 16.73 26.28
CA GLY A 189 31.44 17.89 26.47
C GLY A 189 31.27 18.91 25.36
N LYS A 190 31.24 18.46 24.11
CA LYS A 190 31.02 19.31 22.96
C LYS A 190 29.54 19.63 22.73
N GLY A 191 28.68 19.45 23.73
CA GLY A 191 27.29 19.82 23.65
C GLY A 191 26.46 19.05 22.64
N LEU A 192 27.03 17.99 22.08
CA LEU A 192 26.37 17.24 21.02
C LEU A 192 25.45 16.16 21.54
N ALA A 193 25.69 15.64 22.74
CA ALA A 193 24.85 14.60 23.32
C ALA A 193 24.60 14.92 24.79
N GLU A 194 23.76 14.09 25.41
CA GLU A 194 23.37 14.27 26.80
C GLU A 194 22.65 13.00 27.26
N LEU A 195 22.68 12.75 28.58
CA LEU A 195 22.05 11.58 29.18
C LEU A 195 20.82 12.00 29.99
N ALA A 196 19.83 11.12 30.03
CA ALA A 196 18.59 11.44 30.72
C ALA A 196 17.84 10.16 31.05
N CYS A 197 16.81 10.32 31.87
CA CYS A 197 16.06 9.21 32.45
C CYS A 197 14.61 9.28 31.96
N GLU A 198 14.22 8.33 31.12
CA GLU A 198 12.83 8.27 30.64
C GLU A 198 12.00 7.66 31.76
N ALA A 199 11.29 8.51 32.49
CA ALA A 199 10.47 8.03 33.59
C ALA A 199 9.40 7.09 33.06
N PRO A 200 9.02 6.05 33.81
CA PRO A 200 8.00 5.12 33.32
C PRO A 200 6.64 5.78 33.18
N ALA A 201 5.65 5.02 32.71
CA ALA A 201 4.29 5.51 32.60
C ALA A 201 3.33 4.44 33.08
N LEU A 202 2.38 4.84 33.92
CA LEU A 202 1.31 3.95 34.37
C LEU A 202 0.13 4.05 33.42
N THR A 203 -0.48 2.92 33.11
CA THR A 203 -1.63 2.89 32.21
C THR A 203 -2.67 1.94 32.76
N ASP A 204 -3.85 2.48 33.08
CA ASP A 204 -5.04 1.66 33.32
C ASP A 204 -5.86 1.71 32.03
N TRP A 205 -5.76 0.65 31.23
CA TRP A 205 -6.45 0.60 29.95
C TRP A 205 -7.83 -0.01 30.04
N ARG A 206 -8.07 -0.87 31.04
CA ARG A 206 -9.33 -1.62 31.10
C ARG A 206 -10.53 -0.69 31.17
N SER A 207 -10.43 0.38 31.94
CA SER A 207 -11.41 1.45 31.88
C SER A 207 -11.18 2.26 30.60
N ALA A 208 -12.26 2.54 29.88
CA ALA A 208 -12.20 3.27 28.61
C ALA A 208 -11.29 2.57 27.60
N TYR A 209 -11.69 1.37 27.21
CA TYR A 209 -11.05 0.62 26.14
C TYR A 209 -12.03 0.48 25.00
N SER A 210 -11.69 1.04 23.85
CA SER A 210 -12.53 0.99 22.66
C SER A 210 -11.76 0.32 21.52
N VAL A 211 -12.24 0.49 20.30
CA VAL A 211 -11.50 0.01 19.13
C VAL A 211 -11.55 1.06 18.04
N ALA A 212 -10.37 1.41 17.52
CA ALA A 212 -10.20 2.26 16.35
C ALA A 212 -10.09 1.37 15.10
N GLY A 213 -9.59 1.94 14.00
CA GLY A 213 -9.37 1.20 12.78
C GLY A 213 -10.62 1.08 11.93
N GLU A 214 -11.56 0.26 12.39
CA GLU A 214 -12.87 0.10 11.79
C GLU A 214 -13.72 -0.72 12.73
N ARG A 215 -15.02 -0.75 12.46
CA ARG A 215 -15.84 -1.83 12.97
C ARG A 215 -15.68 -3.04 12.05
N LEU A 216 -15.92 -4.22 12.61
CA LEU A 216 -15.65 -5.43 11.84
C LEU A 216 -16.56 -5.51 10.62
N ARG A 217 -15.99 -5.99 9.51
CA ARG A 217 -16.75 -6.24 8.30
C ARG A 217 -16.57 -7.70 7.89
N LEU A 218 -16.67 -8.60 8.85
CA LEU A 218 -16.42 -10.02 8.58
C LEU A 218 -17.45 -10.58 7.62
N ASN A 219 -17.05 -11.64 6.91
CA ASN A 219 -17.99 -12.41 6.11
C ASN A 219 -18.51 -13.57 6.95
N THR A 220 -19.17 -14.54 6.30
CA THR A 220 -19.94 -15.54 7.02
C THR A 220 -19.03 -16.50 7.80
N GLU A 221 -18.00 -17.04 7.15
CA GLU A 221 -17.16 -18.04 7.80
C GLU A 221 -16.35 -17.44 8.94
N GLN A 222 -15.75 -16.27 8.73
CA GLN A 222 -15.05 -15.59 9.81
C GLN A 222 -15.97 -15.37 10.99
N ALA A 223 -17.19 -14.91 10.73
CA ALA A 223 -18.18 -14.77 11.79
C ALA A 223 -18.39 -16.08 12.52
N THR A 224 -18.57 -17.18 11.77
CA THR A 224 -18.76 -18.48 12.39
C THR A 224 -17.56 -18.86 13.25
N ALA A 225 -16.35 -18.59 12.75
CA ALA A 225 -15.14 -18.91 13.51
C ALA A 225 -15.11 -18.16 14.84
N VAL A 226 -15.31 -16.83 14.79
CA VAL A 226 -15.32 -16.03 16.02
C VAL A 226 -16.39 -16.56 16.98
N GLY A 227 -17.55 -16.93 16.44
CA GLY A 227 -18.59 -17.50 17.29
C GLY A 227 -18.16 -18.78 17.96
N ALA A 228 -17.52 -19.67 17.20
CA ALA A 228 -17.10 -20.96 17.75
C ALA A 228 -16.05 -20.78 18.85
N ILE A 229 -15.14 -19.84 18.68
CA ILE A 229 -14.15 -19.56 19.73
C ILE A 229 -14.80 -18.87 20.90
N HIS A 230 -15.73 -17.96 20.65
CA HIS A 230 -16.38 -17.25 21.75
C HIS A 230 -17.19 -18.20 22.61
N SER A 231 -17.93 -19.12 21.99
CA SER A 231 -18.83 -20.02 22.72
C SER A 231 -18.05 -20.99 23.60
N ALA A 232 -16.73 -20.93 23.55
CA ALA A 232 -15.88 -21.76 24.40
C ALA A 232 -14.70 -20.98 24.95
N ALA A 233 -14.79 -19.66 25.01
CA ALA A 233 -13.65 -18.78 25.25
C ALA A 233 -13.08 -18.92 26.66
N ASP A 234 -13.64 -19.82 27.47
CA ASP A 234 -13.26 -19.90 28.87
C ASP A 234 -12.56 -21.21 29.23
N ARG A 235 -13.09 -22.36 28.77
CA ARG A 235 -12.43 -23.64 28.96
C ARG A 235 -11.24 -23.78 27.99
N PHE A 236 -10.42 -24.81 28.19
CA PHE A 236 -9.35 -25.09 27.24
C PHE A 236 -9.94 -25.51 25.90
N SER A 237 -9.38 -24.96 24.82
CA SER A 237 -9.80 -25.36 23.49
C SER A 237 -8.65 -25.12 22.52
N ALA A 238 -8.44 -26.07 21.62
CA ALA A 238 -7.38 -25.98 20.63
C ALA A 238 -8.02 -25.93 19.23
N TRP A 239 -7.87 -24.80 18.56
CA TRP A 239 -8.48 -24.58 17.25
C TRP A 239 -7.40 -24.46 16.19
N LEU A 240 -7.44 -25.34 15.19
CA LEU A 240 -6.69 -25.12 13.96
C LEU A 240 -7.56 -24.28 13.03
N LEU A 241 -7.10 -23.08 12.73
CA LEU A 241 -7.79 -22.16 11.82
C LEU A 241 -7.08 -22.26 10.47
N ALA A 242 -7.67 -23.00 9.53
CA ALA A 242 -7.03 -23.30 8.25
C ALA A 242 -7.61 -22.38 7.17
N GLY A 243 -6.74 -21.60 6.55
CA GLY A 243 -7.15 -20.74 5.46
C GLY A 243 -5.96 -20.25 4.67
N ILE A 244 -6.09 -20.24 3.34
CA ILE A 244 -4.99 -19.77 2.51
C ILE A 244 -4.80 -18.26 2.70
N THR A 245 -3.65 -17.76 2.25
CA THR A 245 -3.32 -16.35 2.45
C THR A 245 -4.40 -15.45 1.87
N GLY A 246 -4.74 -14.41 2.61
CA GLY A 246 -5.76 -13.47 2.20
C GLY A 246 -7.17 -13.85 2.58
N SER A 247 -7.40 -15.05 3.12
CA SER A 247 -8.72 -15.43 3.59
C SER A 247 -9.07 -14.82 4.94
N GLY A 248 -8.19 -14.02 5.52
CA GLY A 248 -8.51 -13.29 6.74
C GLY A 248 -8.28 -14.03 8.03
N LYS A 249 -7.25 -14.87 8.10
CA LYS A 249 -6.89 -15.47 9.38
C LYS A 249 -6.62 -14.38 10.42
N THR A 250 -5.88 -13.33 10.04
CA THR A 250 -5.55 -12.27 10.98
C THR A 250 -6.82 -11.62 11.52
N GLU A 251 -7.76 -11.30 10.64
CA GLU A 251 -9.00 -10.66 11.05
C GLU A 251 -9.64 -11.41 12.22
N VAL A 252 -9.88 -12.70 12.04
CA VAL A 252 -10.53 -13.42 13.12
C VAL A 252 -9.62 -13.53 14.35
N TYR A 253 -8.29 -13.40 14.20
CA TYR A 253 -7.46 -13.19 15.38
C TYR A 253 -7.88 -11.92 16.10
N LEU A 254 -8.06 -10.81 15.36
CA LEU A 254 -8.32 -9.56 16.06
C LEU A 254 -9.74 -9.50 16.63
N SER A 255 -10.70 -10.20 16.04
CA SER A 255 -12.02 -10.29 16.66
C SER A 255 -11.98 -11.14 17.92
N VAL A 256 -11.26 -12.26 17.86
CA VAL A 256 -11.06 -13.10 19.04
C VAL A 256 -10.39 -12.29 20.14
N LEU A 257 -9.31 -11.58 19.80
CA LEU A 257 -8.64 -10.75 20.79
C LEU A 257 -9.61 -9.74 21.40
N GLU A 258 -10.39 -9.07 20.56
CA GLU A 258 -11.36 -8.08 21.02
C GLU A 258 -12.25 -8.63 22.13
N ASN A 259 -12.92 -9.76 21.86
CA ASN A 259 -13.76 -10.40 22.87
C ASN A 259 -12.99 -10.68 24.15
N VAL A 260 -11.82 -11.34 24.02
CA VAL A 260 -11.00 -11.64 25.19
C VAL A 260 -10.55 -10.35 25.87
N LEU A 261 -10.32 -9.29 25.08
CA LEU A 261 -9.86 -8.04 25.68
C LEU A 261 -10.98 -7.30 26.39
N ALA A 262 -12.23 -7.56 26.00
CA ALA A 262 -13.36 -6.89 26.65
C ALA A 262 -13.51 -7.32 28.11
N GLN A 263 -13.19 -8.57 28.41
CA GLN A 263 -13.30 -9.08 29.77
C GLN A 263 -12.28 -8.48 30.72
N GLY A 264 -11.22 -7.87 30.20
CA GLY A 264 -10.10 -7.46 31.01
C GLY A 264 -8.97 -8.46 31.09
N ARG A 265 -9.10 -9.62 30.44
CA ARG A 265 -8.00 -10.56 30.33
C ARG A 265 -6.98 -10.07 29.30
N GLN A 266 -5.86 -10.79 29.21
CA GLN A 266 -4.77 -10.41 28.32
C GLN A 266 -4.62 -11.41 27.20
N ALA A 267 -3.87 -11.02 26.16
CA ALA A 267 -3.65 -11.87 25.00
C ALA A 267 -2.17 -11.95 24.66
N LEU A 268 -1.79 -13.12 24.22
CA LEU A 268 -0.41 -13.37 23.76
C LEU A 268 -0.48 -13.93 22.35
N VAL A 269 0.13 -13.23 21.43
CA VAL A 269 0.19 -13.69 20.04
C VAL A 269 1.64 -13.85 19.63
N MET A 270 1.96 -14.97 19.00
CA MET A 270 3.33 -15.29 18.65
C MET A 270 3.46 -15.40 17.14
N VAL A 271 4.58 -14.91 16.63
CA VAL A 271 4.89 -14.89 15.20
C VAL A 271 6.31 -15.41 15.01
N PRO A 272 6.71 -15.63 13.75
CA PRO A 272 8.07 -16.11 13.42
C PRO A 272 9.11 -15.01 13.65
N GLU A 273 10.39 -15.36 13.75
CA GLU A 273 11.46 -14.36 13.97
C GLU A 273 11.35 -13.28 12.89
N ILE A 274 11.15 -13.68 11.64
CA ILE A 274 11.02 -12.75 10.53
C ILE A 274 9.54 -12.48 10.20
N GLY A 275 8.64 -12.80 11.12
CA GLY A 275 7.24 -12.56 10.96
C GLY A 275 6.74 -11.26 11.56
N LEU A 276 7.63 -10.45 12.14
CA LEU A 276 7.26 -9.15 12.68
C LEU A 276 7.37 -8.07 11.60
N THR A 277 6.48 -8.15 10.63
CA THR A 277 6.34 -7.17 9.54
C THR A 277 5.65 -5.92 10.08
N PRO A 278 6.32 -4.80 10.13
CA PRO A 278 5.67 -3.65 10.77
C PRO A 278 4.25 -3.47 10.26
N GLN A 279 3.98 -4.04 9.09
CA GLN A 279 2.61 -4.11 8.59
C GLN A 279 1.70 -4.80 9.60
N THR A 280 2.11 -5.98 10.08
CA THR A 280 1.30 -6.71 11.05
C THR A 280 1.25 -5.97 12.39
N ILE A 281 2.36 -5.39 12.81
CA ILE A 281 2.38 -4.71 14.10
C ILE A 281 1.51 -3.46 14.05
N ALA A 282 1.73 -2.60 13.05
CA ALA A 282 0.96 -1.36 12.91
C ALA A 282 -0.53 -1.65 12.88
N ARG A 283 -0.93 -2.76 12.27
CA ARG A 283 -2.34 -3.15 12.26
C ARG A 283 -2.85 -3.41 13.68
N PHE A 284 -2.07 -4.12 14.48
CA PHE A 284 -2.49 -4.42 15.85
C PHE A 284 -2.55 -3.15 16.70
N ARG A 285 -1.54 -2.28 16.58
CA ARG A 285 -1.53 -1.06 17.37
C ARG A 285 -2.69 -0.14 17.03
N GLN A 286 -3.31 -0.31 15.87
CA GLN A 286 -4.43 0.55 15.50
C GLN A 286 -5.76 0.04 16.06
N ARG A 287 -5.96 -1.28 16.03
CA ARG A 287 -7.27 -1.84 16.32
C ARG A 287 -7.69 -1.66 17.78
N PHE A 288 -6.75 -1.54 18.71
CA PHE A 288 -7.06 -1.48 20.13
C PHE A 288 -6.48 -0.21 20.74
N ASN A 289 -7.27 0.47 21.57
CA ASN A 289 -6.71 1.50 22.45
C ASN A 289 -6.44 0.89 23.83
N ALA A 290 -5.53 -0.07 23.77
CA ALA A 290 -4.93 -0.72 24.91
C ALA A 290 -3.45 -0.91 24.59
N PRO A 291 -2.59 -0.95 25.59
CA PRO A 291 -1.16 -1.09 25.30
C PRO A 291 -0.86 -2.43 24.66
N VAL A 292 -0.04 -2.39 23.61
CA VAL A 292 0.59 -3.59 23.06
C VAL A 292 2.11 -3.48 23.28
N GLU A 293 2.70 -4.57 23.74
CA GLU A 293 4.12 -4.73 23.88
C GLU A 293 4.58 -5.80 22.91
N VAL A 294 5.61 -5.48 22.13
CA VAL A 294 6.06 -6.38 21.08
C VAL A 294 7.52 -6.66 21.31
N LEU A 295 7.89 -7.94 21.28
CA LEU A 295 9.25 -8.37 21.63
C LEU A 295 9.95 -8.91 20.40
N HIS A 296 10.95 -8.19 19.91
CA HIS A 296 11.76 -8.64 18.79
C HIS A 296 13.19 -8.71 19.25
N SER A 297 13.97 -9.63 18.65
CA SER A 297 15.30 -9.93 19.19
C SER A 297 16.16 -8.70 19.35
N GLY A 298 15.77 -7.55 18.78
CA GLY A 298 16.56 -6.35 18.88
C GLY A 298 16.33 -5.47 20.09
N LEU A 299 15.48 -5.86 21.03
CA LEU A 299 15.38 -5.09 22.27
C LEU A 299 16.52 -5.43 23.21
N ASN A 300 16.91 -4.44 23.98
CA ASN A 300 17.95 -4.63 24.98
C ASN A 300 17.38 -5.35 26.20
N ASP A 301 18.16 -5.36 27.29
CA ASP A 301 17.75 -6.08 28.49
C ASP A 301 16.75 -5.29 29.34
N SER A 302 16.89 -3.95 29.42
CA SER A 302 15.91 -3.16 30.15
C SER A 302 14.56 -3.14 29.49
N GLU A 303 14.52 -3.10 28.17
CA GLU A 303 13.23 -3.13 27.50
C GLU A 303 12.58 -4.50 27.65
N ARG A 304 13.39 -5.57 27.68
CA ARG A 304 12.82 -6.90 27.87
C ARG A 304 12.33 -7.08 29.30
N LEU A 305 13.07 -6.57 30.28
CA LEU A 305 12.62 -6.66 31.66
C LEU A 305 11.30 -5.94 31.86
N SER A 306 11.27 -4.64 31.54
CA SER A 306 10.06 -3.87 31.84
C SER A 306 8.84 -4.48 31.16
N ALA A 307 8.99 -4.97 29.93
CA ALA A 307 7.89 -5.67 29.27
C ALA A 307 7.44 -6.89 30.09
N TRP A 308 8.41 -7.59 30.69
CA TRP A 308 8.09 -8.72 31.57
C TRP A 308 7.19 -8.28 32.71
N LEU A 309 7.55 -7.18 33.38
CA LEU A 309 6.74 -6.74 34.52
C LEU A 309 5.43 -6.12 34.06
N LYS A 310 5.44 -5.33 32.99
CA LYS A 310 4.19 -4.77 32.49
C LYS A 310 3.17 -5.86 32.18
N ALA A 311 3.62 -6.95 31.55
CA ALA A 311 2.72 -8.07 31.28
C ALA A 311 2.19 -8.68 32.58
N LYS A 312 3.10 -8.92 33.53
CA LYS A 312 2.76 -9.58 34.78
C LYS A 312 1.85 -8.69 35.62
N ASN A 313 2.15 -7.40 35.67
CA ASN A 313 1.37 -6.43 36.45
C ASN A 313 0.03 -6.08 35.79
N GLY A 314 -0.25 -6.60 34.61
CA GLY A 314 -1.49 -6.30 33.93
C GLY A 314 -1.50 -5.03 33.10
N GLU A 315 -0.49 -4.16 33.24
CA GLU A 315 -0.44 -2.92 32.49
C GLU A 315 -0.26 -3.12 30.99
N ALA A 316 -0.17 -4.37 30.51
CA ALA A 316 -0.04 -4.67 29.09
C ALA A 316 -1.20 -5.56 28.67
N ALA A 317 -1.98 -5.11 27.70
CA ALA A 317 -3.12 -5.92 27.24
C ALA A 317 -2.67 -7.03 26.31
N ILE A 318 -1.83 -6.69 25.33
CA ILE A 318 -1.40 -7.61 24.28
C ILE A 318 0.11 -7.69 24.27
N VAL A 319 0.64 -8.89 24.18
CA VAL A 319 2.06 -9.12 23.93
C VAL A 319 2.19 -9.83 22.59
N ILE A 320 3.05 -9.29 21.72
CA ILE A 320 3.36 -9.87 20.43
C ILE A 320 4.83 -10.27 20.47
N GLY A 321 5.12 -11.49 20.05
CA GLY A 321 6.50 -11.92 20.09
C GLY A 321 6.74 -13.18 19.31
N THR A 322 7.88 -13.80 19.60
CA THR A 322 8.39 -14.97 18.94
C THR A 322 8.50 -16.10 19.97
N ARG A 323 9.21 -17.17 19.59
CA ARG A 323 9.39 -18.36 20.42
C ARG A 323 9.51 -18.06 21.92
N SER A 324 10.46 -17.21 22.30
CA SER A 324 10.74 -16.98 23.71
C SER A 324 9.57 -16.30 24.43
N SER A 325 8.70 -15.58 23.70
CA SER A 325 7.59 -14.85 24.31
C SER A 325 6.59 -15.77 25.00
N LEU A 326 6.73 -17.08 24.80
CA LEU A 326 5.83 -18.04 25.41
C LEU A 326 5.92 -18.04 26.93
N PHE A 327 7.10 -17.73 27.49
CA PHE A 327 7.29 -17.78 28.94
C PHE A 327 6.88 -16.49 29.64
N THR A 328 6.13 -15.61 28.95
CA THR A 328 5.84 -14.31 29.51
C THR A 328 4.85 -14.44 30.68
N PRO A 329 5.08 -13.74 31.78
CA PRO A 329 4.13 -13.79 32.90
C PRO A 329 2.92 -12.90 32.64
N PHE A 330 1.74 -13.42 32.97
CA PHE A 330 0.49 -12.72 32.72
C PHE A 330 -0.36 -12.71 33.98
N LYS A 331 -0.72 -11.51 34.45
CA LYS A 331 -1.69 -11.38 35.54
C LYS A 331 -2.92 -12.25 35.27
N ASP A 332 -3.58 -12.02 34.13
CA ASP A 332 -4.72 -12.84 33.72
C ASP A 332 -4.70 -12.97 32.20
N LEU A 333 -4.20 -14.10 31.71
CA LEU A 333 -4.10 -14.37 30.29
C LEU A 333 -5.40 -15.03 29.81
N GLY A 334 -5.95 -14.53 28.70
CA GLY A 334 -7.25 -15.00 28.26
C GLY A 334 -7.25 -15.83 27.00
N VAL A 335 -6.25 -15.61 26.15
CA VAL A 335 -6.14 -16.35 24.89
C VAL A 335 -4.71 -16.26 24.42
N ILE A 336 -4.28 -17.27 23.66
CA ILE A 336 -2.99 -17.21 22.96
C ILE A 336 -3.21 -17.75 21.55
N VAL A 337 -2.63 -17.03 20.57
CA VAL A 337 -2.79 -17.37 19.15
C VAL A 337 -1.42 -17.31 18.50
N ILE A 338 -1.06 -18.35 17.75
CA ILE A 338 0.21 -18.36 17.03
C ILE A 338 -0.05 -18.47 15.54
N ASP A 339 0.49 -17.52 14.79
CA ASP A 339 0.34 -17.46 13.34
C ASP A 339 1.43 -18.28 12.66
N GLU A 340 1.08 -18.87 11.51
CA GLU A 340 1.98 -19.71 10.75
C GLU A 340 2.55 -20.84 11.63
N GLU A 341 1.62 -21.63 12.20
CA GLU A 341 2.02 -22.65 13.15
C GLU A 341 2.93 -23.70 12.54
N HIS A 342 2.88 -23.88 11.22
CA HIS A 342 3.75 -24.85 10.55
C HIS A 342 5.21 -24.42 10.53
N ASP A 343 5.51 -23.16 10.85
CA ASP A 343 6.85 -22.64 10.71
C ASP A 343 7.84 -23.39 11.59
N SER A 344 8.97 -23.78 11.00
CA SER A 344 10.04 -24.45 11.72
C SER A 344 10.71 -23.53 12.75
N SER A 345 10.55 -22.21 12.60
CA SER A 345 11.15 -21.25 13.50
C SER A 345 10.72 -21.46 14.96
N TYR A 346 9.62 -22.17 15.19
CA TYR A 346 9.10 -22.44 16.53
C TYR A 346 9.85 -23.58 17.25
N LYS A 347 10.88 -24.13 16.64
CA LYS A 347 11.72 -25.16 17.26
C LYS A 347 13.12 -24.63 17.41
N GLN A 348 13.50 -24.26 18.64
CA GLN A 348 14.88 -23.87 18.91
C GLN A 348 15.80 -25.03 18.60
N GLN A 349 16.96 -24.73 18.01
CA GLN A 349 17.86 -25.80 17.63
C GLN A 349 19.27 -25.64 18.20
N GLU A 350 19.47 -24.67 19.10
CA GLU A 350 20.67 -24.56 19.91
C GLU A 350 20.26 -24.62 21.38
N GLY A 351 21.05 -25.33 22.19
CA GLY A 351 20.80 -25.33 23.62
C GLY A 351 19.54 -26.11 23.96
N TRP A 352 18.64 -25.50 24.72
CA TRP A 352 17.38 -26.16 25.08
C TRP A 352 16.50 -26.20 23.85
N ARG A 353 16.23 -27.39 23.34
CA ARG A 353 15.59 -27.54 22.03
C ARG A 353 14.09 -27.79 22.17
N TYR A 354 13.41 -26.78 22.69
CA TYR A 354 11.97 -26.85 22.87
C TYR A 354 11.25 -26.41 21.60
N HIS A 355 9.96 -26.72 21.56
CA HIS A 355 9.09 -26.35 20.45
C HIS A 355 7.97 -25.48 21.01
N ALA A 356 7.98 -24.20 20.64
CA ALA A 356 7.05 -23.26 21.27
C ALA A 356 5.59 -23.63 21.00
N ARG A 357 5.31 -24.28 19.88
CA ARG A 357 3.93 -24.65 19.58
C ARG A 357 3.41 -25.68 20.59
N ASP A 358 4.17 -26.76 20.79
CA ASP A 358 3.73 -27.81 21.71
C ASP A 358 3.62 -27.28 23.13
N LEU A 359 4.65 -26.58 23.61
CA LEU A 359 4.57 -25.99 24.94
C LEU A 359 3.43 -24.97 25.04
N ALA A 360 3.03 -24.38 23.91
CA ALA A 360 1.94 -23.41 23.95
C ALA A 360 0.61 -24.06 24.31
N VAL A 361 0.25 -25.15 23.63
CA VAL A 361 -1.02 -25.76 24.00
C VAL A 361 -0.95 -26.32 25.42
N TRP A 362 0.24 -26.76 25.88
CA TRP A 362 0.34 -27.21 27.25
C TRP A 362 0.04 -26.05 28.21
N ARG A 363 0.64 -24.89 27.96
CA ARG A 363 0.29 -23.73 28.77
C ARG A 363 -1.16 -23.34 28.57
N ALA A 364 -1.73 -23.59 27.39
CA ALA A 364 -3.13 -23.28 27.19
C ALA A 364 -4.03 -24.22 27.97
N HIS A 365 -3.75 -25.52 27.92
CA HIS A 365 -4.56 -26.48 28.64
C HIS A 365 -4.42 -26.32 30.15
N SER A 366 -3.21 -26.03 30.63
CA SER A 366 -3.02 -25.80 32.05
C SER A 366 -3.55 -24.45 32.51
N GLU A 367 -3.95 -23.58 31.59
CA GLU A 367 -4.55 -22.31 31.97
C GLU A 367 -6.05 -22.26 31.69
N GLN A 368 -6.60 -23.30 31.04
CA GLN A 368 -8.02 -23.34 30.68
C GLN A 368 -8.38 -22.15 29.78
N ILE A 369 -7.85 -22.23 28.55
CA ILE A 369 -7.76 -21.12 27.61
C ILE A 369 -7.92 -21.65 26.18
N PRO A 370 -8.46 -20.86 25.25
CA PRO A 370 -8.37 -21.24 23.83
C PRO A 370 -7.00 -20.90 23.24
N ILE A 371 -6.46 -21.85 22.47
CA ILE A 371 -5.25 -21.68 21.65
C ILE A 371 -5.67 -21.75 20.18
N ILE A 372 -5.20 -20.79 19.37
CA ILE A 372 -5.54 -20.73 17.95
C ILE A 372 -4.27 -20.93 17.14
N LEU A 373 -4.19 -22.03 16.39
CA LEU A 373 -3.07 -22.32 15.49
C LEU A 373 -3.53 -21.97 14.08
N GLY A 374 -3.08 -20.84 13.56
CA GLY A 374 -3.45 -20.39 12.23
C GLY A 374 -2.39 -20.73 11.19
N SER A 375 -2.84 -21.23 10.04
CA SER A 375 -1.92 -21.69 9.02
C SER A 375 -2.61 -21.71 7.66
N ALA A 376 -1.82 -21.43 6.61
CA ALA A 376 -2.22 -21.69 5.24
C ALA A 376 -1.75 -23.07 4.77
N THR A 377 -0.83 -23.68 5.50
CA THR A 377 -0.26 -24.98 5.15
C THR A 377 0.00 -25.73 6.45
N PRO A 378 -1.04 -26.35 7.01
CA PRO A 378 -0.93 -26.85 8.39
C PRO A 378 0.10 -27.97 8.52
N ALA A 379 0.82 -27.96 9.65
CA ALA A 379 1.78 -29.01 9.96
C ALA A 379 1.07 -30.36 9.99
N LEU A 380 1.78 -31.41 9.58
CA LEU A 380 1.12 -32.72 9.45
C LEU A 380 0.70 -33.30 10.80
N GLU A 381 1.43 -32.96 11.88
CA GLU A 381 1.09 -33.44 13.21
C GLU A 381 -0.14 -32.72 13.76
N THR A 382 -0.25 -31.42 13.53
CA THR A 382 -1.47 -30.73 13.97
C THR A 382 -2.68 -31.22 13.17
N LEU A 383 -2.51 -31.47 11.86
CA LEU A 383 -3.58 -32.10 11.11
C LEU A 383 -3.90 -33.46 11.71
N HIS A 384 -2.88 -34.16 12.21
CA HIS A 384 -3.09 -35.49 12.75
C HIS A 384 -3.87 -35.45 14.06
N ASN A 385 -3.63 -34.43 14.91
CA ASN A 385 -4.41 -34.33 16.13
C ASN A 385 -5.82 -33.81 15.86
N VAL A 386 -5.98 -32.95 14.86
CA VAL A 386 -7.32 -32.54 14.45
C VAL A 386 -8.16 -33.79 14.15
N ARG A 387 -7.59 -34.69 13.34
CA ARG A 387 -8.29 -35.94 13.04
C ARG A 387 -8.48 -36.77 14.31
N GLN A 388 -7.43 -36.84 15.15
CA GLN A 388 -7.52 -37.61 16.38
C GLN A 388 -8.54 -37.04 17.36
N GLY A 389 -9.01 -35.82 17.13
CA GLY A 389 -10.02 -35.22 17.98
C GLY A 389 -9.49 -34.37 19.11
N LYS A 390 -8.28 -33.85 18.99
CA LYS A 390 -7.68 -33.04 20.05
C LYS A 390 -7.65 -31.55 19.73
N TYR A 391 -7.48 -31.19 18.46
CA TYR A 391 -7.84 -29.87 17.99
C TYR A 391 -9.12 -29.95 17.17
N ARG A 392 -9.90 -28.88 17.21
CA ARG A 392 -11.01 -28.70 16.28
C ARG A 392 -10.55 -27.79 15.15
N GLN A 393 -11.10 -28.00 13.96
CA GLN A 393 -10.69 -27.29 12.77
C GLN A 393 -11.73 -26.24 12.40
N LEU A 394 -11.27 -25.01 12.16
CA LEU A 394 -12.10 -23.92 11.67
C LEU A 394 -11.56 -23.53 10.30
N THR A 395 -12.38 -23.68 9.26
CA THR A 395 -11.94 -23.46 7.89
C THR A 395 -12.49 -22.16 7.34
N LEU A 396 -11.67 -21.49 6.52
CA LEU A 396 -12.06 -20.32 5.76
C LEU A 396 -11.83 -20.61 4.28
N SER A 397 -12.57 -19.91 3.42
CA SER A 397 -12.47 -20.16 1.99
C SER A 397 -12.39 -18.86 1.19
N GLN A 407 0.13 -19.85 -14.09
CA GLN A 407 -0.12 -21.24 -14.44
C GLN A 407 1.15 -22.07 -14.19
N GLN A 408 1.14 -23.34 -14.58
CA GLN A 408 2.24 -24.24 -14.28
C GLN A 408 2.68 -25.02 -15.53
N HIS A 409 3.84 -25.66 -15.38
CA HIS A 409 4.33 -26.67 -16.30
C HIS A 409 5.26 -27.59 -15.54
N VAL A 410 5.01 -28.90 -15.61
CA VAL A 410 5.99 -29.89 -15.14
C VAL A 410 6.76 -30.42 -16.33
N LEU A 411 8.08 -30.45 -16.19
CA LEU A 411 8.99 -30.80 -17.27
C LEU A 411 9.79 -32.03 -16.86
N ASP A 412 9.50 -33.13 -17.54
CA ASP A 412 10.27 -34.35 -17.40
C ASP A 412 11.70 -34.15 -17.87
N LEU A 413 12.67 -34.40 -17.00
CA LEU A 413 14.06 -34.32 -17.40
C LEU A 413 14.62 -35.66 -17.86
N LYS A 414 13.76 -36.64 -18.18
CA LYS A 414 14.28 -37.97 -18.48
C LYS A 414 14.98 -37.96 -19.83
N GLY A 415 16.28 -37.70 -19.81
CA GLY A 415 17.12 -37.80 -20.98
C GLY A 415 17.52 -36.46 -21.58
N GLN A 416 16.74 -35.41 -21.36
CA GLN A 416 17.04 -34.11 -21.95
C GLN A 416 18.43 -33.64 -21.52
N PRO A 417 19.23 -33.07 -22.42
CA PRO A 417 20.56 -32.57 -22.02
C PRO A 417 20.41 -31.46 -21.01
N LEU A 418 21.21 -31.47 -19.95
CA LEU A 418 21.03 -30.43 -18.95
C LEU A 418 22.21 -29.46 -19.02
N GLN A 419 21.85 -28.20 -19.12
CA GLN A 419 22.71 -27.05 -19.19
C GLN A 419 22.80 -26.48 -17.76
N ALA A 420 23.86 -26.85 -17.03
CA ALA A 420 24.09 -26.42 -15.65
C ALA A 420 22.92 -26.83 -14.75
N GLY A 421 22.24 -27.92 -15.10
CA GLY A 421 21.16 -28.45 -14.32
C GLY A 421 19.77 -28.02 -14.74
N LEU A 422 19.65 -27.12 -15.71
CA LEU A 422 18.36 -26.63 -16.15
C LEU A 422 17.91 -27.38 -17.40
N SER A 423 16.61 -27.40 -17.61
CA SER A 423 15.99 -28.09 -18.73
C SER A 423 15.79 -27.11 -19.89
N PRO A 424 16.08 -27.54 -21.11
CA PRO A 424 15.94 -26.61 -22.26
C PRO A 424 14.57 -25.98 -22.35
N ALA A 425 13.51 -26.79 -22.28
CA ALA A 425 12.15 -26.27 -22.30
C ALA A 425 11.88 -25.22 -21.23
N LEU A 426 12.78 -25.07 -20.25
CA LEU A 426 12.64 -24.06 -19.19
C LEU A 426 13.60 -22.90 -19.39
N ILE A 427 14.86 -23.16 -19.77
CA ILE A 427 15.76 -22.04 -19.99
C ILE A 427 15.19 -21.11 -21.05
N SER A 428 14.59 -21.68 -22.10
CA SER A 428 13.94 -20.85 -23.12
C SER A 428 12.74 -20.12 -22.54
N ARG A 429 11.92 -20.82 -21.75
CA ARG A 429 10.86 -20.14 -21.00
C ARG A 429 11.43 -19.25 -19.89
N MET A 430 12.73 -19.33 -19.61
CA MET A 430 13.36 -18.41 -18.68
C MET A 430 13.74 -17.09 -19.37
N ARG A 431 14.46 -17.18 -20.49
CA ARG A 431 14.91 -15.96 -21.16
C ARG A 431 13.72 -15.11 -21.59
N GLN A 432 12.65 -15.74 -22.06
CA GLN A 432 11.42 -15.00 -22.37
C GLN A 432 10.93 -14.14 -21.21
N HIS A 433 11.29 -14.48 -19.97
CA HIS A 433 10.86 -13.73 -18.80
C HIS A 433 11.87 -12.65 -18.42
N LEU A 434 13.13 -12.98 -18.63
CA LEU A 434 14.22 -11.98 -18.45
C LEU A 434 14.19 -11.09 -19.69
N GLN A 435 13.45 -11.50 -20.73
CA GLN A 435 13.37 -10.69 -21.94
C GLN A 435 12.73 -9.33 -21.66
N ALA A 436 11.61 -9.34 -20.93
CA ALA A 436 10.92 -8.12 -20.54
C ALA A 436 11.49 -7.49 -19.29
N ASP A 437 12.71 -7.84 -18.93
CA ASP A 437 13.38 -7.32 -17.74
C ASP A 437 12.56 -7.61 -16.48
N ASN A 438 12.17 -8.87 -16.35
CA ASN A 438 11.52 -9.39 -15.15
C ASN A 438 12.55 -10.15 -14.32
N GLN A 439 12.13 -10.66 -13.16
CA GLN A 439 13.02 -11.37 -12.27
C GLN A 439 12.51 -12.77 -11.98
N VAL A 440 13.42 -13.65 -11.55
CA VAL A 440 13.10 -15.07 -11.44
C VAL A 440 13.76 -15.66 -10.21
N ILE A 441 13.01 -16.49 -9.50
CA ILE A 441 13.50 -17.24 -8.36
C ILE A 441 13.68 -18.68 -8.79
N LEU A 442 14.85 -19.24 -8.52
CA LEU A 442 15.03 -20.68 -8.70
C LEU A 442 15.33 -21.31 -7.34
N PHE A 443 14.51 -22.29 -6.97
CA PHE A 443 14.51 -22.88 -5.64
C PHE A 443 15.19 -24.24 -5.66
N LEU A 444 16.18 -24.41 -4.78
CA LEU A 444 16.88 -25.69 -4.61
C LEU A 444 16.66 -26.22 -3.20
N ASN A 445 17.23 -27.40 -2.94
CA ASN A 445 17.21 -28.00 -1.63
C ASN A 445 18.19 -27.26 -0.70
N ARG A 446 18.03 -27.50 0.59
CA ARG A 446 18.73 -26.72 1.61
C ARG A 446 20.25 -26.89 1.50
N ARG A 447 20.96 -25.91 2.05
CA ARG A 447 22.42 -25.99 2.12
C ARG A 447 22.85 -27.23 2.89
N GLY A 448 23.64 -28.08 2.24
CA GLY A 448 24.07 -29.31 2.86
C GLY A 448 23.10 -30.47 2.73
N PHE A 449 22.23 -30.44 1.72
CA PHE A 449 21.33 -31.55 1.47
C PHE A 449 22.13 -32.81 1.12
N ALA A 450 21.68 -33.96 1.62
CA ALA A 450 22.38 -35.22 1.41
C ALA A 450 21.88 -35.89 0.14
N PRO A 451 22.72 -36.14 -0.85
CA PRO A 451 22.25 -36.50 -2.20
C PRO A 451 22.02 -37.98 -2.46
N ALA A 452 20.97 -38.28 -3.21
CA ALA A 452 20.65 -39.63 -3.66
C ALA A 452 21.38 -39.91 -4.99
N LEU A 453 21.01 -41.02 -5.63
CA LEU A 453 21.57 -41.43 -6.91
C LEU A 453 20.42 -41.78 -7.86
N LEU A 454 20.51 -41.32 -9.11
CA LEU A 454 19.37 -41.43 -10.03
C LEU A 454 19.87 -41.63 -11.46
N CYS A 455 19.14 -42.43 -12.24
CA CYS A 455 19.50 -42.64 -13.64
C CYS A 455 18.85 -41.55 -14.48
N HIS A 456 19.70 -40.72 -15.11
CA HIS A 456 19.20 -39.60 -15.90
C HIS A 456 18.22 -40.04 -16.99
N ASP A 457 18.27 -41.29 -17.44
CA ASP A 457 17.50 -41.71 -18.60
C ASP A 457 16.23 -42.47 -18.25
N CYS A 458 16.26 -43.37 -17.26
CA CYS A 458 15.11 -44.23 -17.00
C CYS A 458 14.41 -43.93 -15.69
N GLY A 459 15.05 -43.22 -14.76
CA GLY A 459 14.42 -42.87 -13.51
C GLY A 459 14.71 -43.81 -12.36
N TRP A 460 15.59 -44.78 -12.53
CA TRP A 460 15.90 -45.70 -11.44
C TRP A 460 16.72 -44.98 -10.36
N ILE A 461 16.39 -45.28 -9.11
CA ILE A 461 17.01 -44.66 -7.95
C ILE A 461 17.74 -45.73 -7.13
N ALA A 462 18.92 -45.39 -6.64
CA ALA A 462 19.69 -46.30 -5.80
C ALA A 462 18.93 -46.54 -4.49
N GLU A 463 18.37 -47.73 -4.35
CA GLU A 463 17.68 -48.14 -3.13
C GLU A 463 18.59 -49.04 -2.30
N CYS A 464 18.28 -49.14 -1.02
CA CYS A 464 19.08 -49.96 -0.12
C CYS A 464 18.63 -51.42 -0.18
N PRO A 465 19.57 -52.36 -0.22
CA PRO A 465 19.21 -53.78 -0.26
C PRO A 465 18.78 -54.36 1.08
N ARG A 466 18.65 -53.55 2.13
CA ARG A 466 18.22 -54.02 3.44
C ARG A 466 16.82 -53.54 3.80
N CYS A 467 16.58 -52.23 3.76
CA CYS A 467 15.27 -51.64 3.88
C CYS A 467 14.91 -50.96 2.56
N ASP A 468 13.62 -50.78 2.29
CA ASP A 468 13.26 -50.14 1.03
C ASP A 468 13.49 -48.64 1.15
N SER A 469 14.66 -48.27 1.65
CA SER A 469 15.06 -46.89 1.85
C SER A 469 15.91 -46.45 0.67
N TYR A 470 16.17 -45.15 0.59
CA TYR A 470 16.96 -44.60 -0.49
C TYR A 470 18.41 -44.43 -0.04
N TYR A 471 19.33 -44.84 -0.90
CA TYR A 471 20.75 -44.72 -0.59
C TYR A 471 21.16 -43.25 -0.63
N THR A 472 22.10 -42.89 0.24
CA THR A 472 22.72 -41.58 0.22
C THR A 472 24.06 -41.70 -0.46
N LEU A 473 24.27 -40.92 -1.53
CA LEU A 473 25.54 -40.99 -2.25
C LEU A 473 26.59 -40.20 -1.50
N HIS A 474 27.82 -40.66 -1.61
CA HIS A 474 28.91 -39.98 -0.95
C HIS A 474 30.15 -40.12 -1.84
N GLN A 475 30.36 -39.15 -2.70
CA GLN A 475 31.30 -39.29 -3.80
C GLN A 475 32.72 -39.47 -3.30
N ALA A 476 33.17 -38.61 -2.40
CA ALA A 476 34.55 -38.66 -1.94
C ALA A 476 34.85 -39.87 -1.07
N GLN A 477 33.84 -40.60 -0.62
CA GLN A 477 33.99 -41.69 0.32
C GLN A 477 34.06 -43.05 -0.36
N HIS A 478 33.90 -43.11 -1.68
CA HIS A 478 34.05 -44.32 -2.47
C HIS A 478 32.83 -45.26 -2.35
N HIS A 479 31.84 -44.93 -1.53
CA HIS A 479 30.73 -45.85 -1.28
C HIS A 479 29.42 -45.09 -1.23
N LEU A 480 28.33 -45.85 -1.30
CA LEU A 480 27.02 -45.44 -0.85
C LEU A 480 26.88 -45.77 0.63
N ARG A 481 25.82 -45.24 1.25
CA ARG A 481 25.57 -45.53 2.67
C ARG A 481 24.12 -45.24 2.97
N CYS A 482 23.40 -46.25 3.43
CA CYS A 482 22.03 -46.07 3.90
C CYS A 482 22.04 -45.43 5.28
N HIS A 483 21.17 -44.42 5.45
CA HIS A 483 21.05 -43.66 6.69
C HIS A 483 20.12 -44.32 7.70
N HIS A 484 19.36 -45.34 7.27
CA HIS A 484 18.43 -46.06 8.12
C HIS A 484 19.00 -47.38 8.64
N CYS A 485 19.99 -47.96 7.97
CA CYS A 485 20.54 -49.23 8.38
C CYS A 485 22.06 -49.30 8.28
N ASP A 486 22.72 -48.19 7.95
CA ASP A 486 24.18 -48.13 7.85
C ASP A 486 24.74 -49.30 7.04
N SER A 487 24.20 -49.48 5.84
CA SER A 487 24.81 -50.39 4.90
C SER A 487 25.75 -49.62 3.98
N GLN A 488 26.60 -50.35 3.29
CA GLN A 488 27.53 -49.75 2.33
C GLN A 488 27.63 -50.64 1.10
N ARG A 489 27.82 -50.00 -0.04
CA ARG A 489 27.90 -50.66 -1.33
C ARG A 489 28.78 -49.82 -2.24
N PRO A 490 29.50 -50.44 -3.17
CA PRO A 490 30.28 -49.65 -4.12
C PRO A 490 29.35 -48.83 -5.01
N ILE A 491 29.87 -47.72 -5.51
CA ILE A 491 29.10 -46.82 -6.37
C ILE A 491 28.88 -47.51 -7.72
N PRO A 492 27.66 -47.92 -8.02
CA PRO A 492 27.42 -48.65 -9.28
C PRO A 492 27.60 -47.72 -10.47
N ARG A 493 28.47 -48.12 -11.40
CA ARG A 493 28.80 -47.26 -12.53
C ARG A 493 27.74 -47.28 -13.61
N GLN A 494 26.90 -48.31 -13.67
CA GLN A 494 25.88 -48.42 -14.69
C GLN A 494 24.52 -48.72 -14.06
N CYS A 495 23.47 -48.20 -14.68
CA CYS A 495 22.11 -48.36 -14.17
C CYS A 495 21.71 -49.83 -14.19
N PRO A 496 21.30 -50.40 -13.06
CA PRO A 496 20.92 -51.83 -13.06
C PRO A 496 19.50 -52.10 -13.53
N SER A 497 18.86 -51.16 -14.23
CA SER A 497 17.54 -51.45 -14.79
C SER A 497 17.45 -51.05 -16.26
N CYS A 498 18.25 -50.06 -16.69
CA CYS A 498 18.21 -49.64 -18.08
C CYS A 498 19.60 -49.54 -18.69
N GLY A 499 20.60 -49.22 -17.88
CA GLY A 499 22.00 -49.33 -18.29
C GLY A 499 22.68 -48.04 -18.69
N SER A 500 22.10 -46.87 -18.42
CA SER A 500 22.79 -45.62 -18.74
C SER A 500 24.00 -45.39 -17.83
N THR A 501 25.10 -44.94 -18.42
CA THR A 501 26.28 -44.55 -17.64
C THR A 501 26.16 -43.14 -17.05
N HIS A 502 25.06 -42.43 -17.34
CA HIS A 502 24.86 -41.05 -16.87
C HIS A 502 24.00 -41.04 -15.61
N LEU A 503 24.61 -41.57 -14.54
CA LEU A 503 24.02 -41.59 -13.20
C LEU A 503 24.46 -40.33 -12.46
N VAL A 504 23.48 -39.58 -11.95
CA VAL A 504 23.73 -38.24 -11.43
C VAL A 504 23.27 -38.15 -9.98
N PRO A 505 23.86 -37.29 -9.16
CA PRO A 505 23.29 -37.01 -7.83
C PRO A 505 22.05 -36.13 -7.96
N VAL A 506 21.43 -35.84 -6.82
CA VAL A 506 20.26 -34.96 -6.75
C VAL A 506 20.56 -33.82 -5.78
N GLY A 507 19.97 -32.66 -6.05
CA GLY A 507 20.15 -31.50 -5.19
C GLY A 507 21.38 -30.70 -5.55
N ILE A 508 21.23 -29.38 -5.66
CA ILE A 508 22.29 -28.50 -6.13
C ILE A 508 22.70 -27.49 -5.05
N GLY A 509 21.71 -26.86 -4.41
CA GLY A 509 21.96 -26.05 -3.22
C GLY A 509 23.04 -25.00 -3.39
N THR A 510 23.93 -24.93 -2.41
CA THR A 510 25.02 -23.96 -2.38
C THR A 510 26.27 -24.45 -3.09
N GLU A 511 26.12 -25.34 -4.07
CA GLU A 511 27.21 -25.76 -4.93
C GLU A 511 27.61 -24.69 -5.91
N GLN A 512 27.22 -23.43 -5.66
CA GLN A 512 27.55 -22.30 -6.51
C GLN A 512 27.06 -22.55 -7.95
N LEU A 513 25.75 -22.81 -8.03
CA LEU A 513 25.08 -22.82 -9.32
C LEU A 513 25.38 -21.52 -10.07
N GLU A 514 25.57 -20.44 -9.35
CA GLU A 514 26.09 -19.22 -9.95
C GLU A 514 27.29 -19.45 -10.87
N GLN A 515 28.24 -20.29 -10.48
CA GLN A 515 29.44 -20.45 -11.30
C GLN A 515 29.15 -21.11 -12.64
N ALA A 516 28.36 -22.19 -12.63
CA ALA A 516 27.97 -22.84 -13.88
C ALA A 516 26.93 -22.05 -14.68
N LEU A 517 26.32 -21.04 -14.08
CA LEU A 517 25.17 -20.35 -14.67
C LEU A 517 25.57 -19.11 -15.46
N ALA A 518 26.44 -18.27 -14.89
CA ALA A 518 26.79 -16.99 -15.52
C ALA A 518 27.16 -17.09 -17.00
N PRO A 519 27.92 -18.09 -17.47
CA PRO A 519 28.28 -18.12 -18.90
C PRO A 519 27.09 -18.17 -19.84
N LEU A 520 25.92 -18.61 -19.36
CA LEU A 520 24.74 -18.74 -20.20
C LEU A 520 23.88 -17.49 -20.13
N PHE A 521 23.90 -16.81 -18.98
CA PHE A 521 23.12 -15.59 -18.85
C PHE A 521 24.06 -14.42 -18.65
N PRO A 522 24.78 -14.00 -19.69
CA PRO A 522 25.85 -13.00 -19.52
C PRO A 522 25.30 -11.62 -19.18
N GLU A 523 26.09 -10.88 -18.39
CA GLU A 523 25.76 -9.52 -17.97
C GLU A 523 24.49 -9.50 -17.15
N VAL A 524 23.90 -10.67 -16.93
CA VAL A 524 22.77 -10.84 -16.02
C VAL A 524 23.33 -11.21 -14.65
N PRO A 525 23.09 -10.41 -13.61
CA PRO A 525 23.60 -10.72 -12.28
C PRO A 525 22.80 -11.82 -11.57
N ILE A 526 23.50 -12.50 -10.67
CA ILE A 526 22.98 -13.63 -9.90
C ILE A 526 23.12 -13.28 -8.43
N SER A 527 22.10 -13.57 -7.62
CA SER A 527 22.23 -13.37 -6.18
C SER A 527 21.38 -14.39 -5.43
N ARG A 528 21.39 -14.29 -4.10
CA ARG A 528 20.68 -15.19 -3.20
C ARG A 528 19.68 -14.41 -2.37
N ILE A 529 18.62 -15.10 -1.93
CA ILE A 529 17.59 -14.48 -1.12
C ILE A 529 17.48 -15.11 0.26
N ASP A 530 18.49 -15.87 0.69
CA ASP A 530 18.52 -16.38 2.06
C ASP A 530 19.37 -15.46 2.93
N ARG A 531 19.00 -15.36 4.20
CA ARG A 531 19.75 -14.53 5.15
C ARG A 531 20.49 -15.39 6.16
N ARG A 549 14.88 -2.07 -5.31
CA ARG A 549 15.32 -1.68 -6.65
C ARG A 549 14.65 -2.53 -7.72
N GLY A 550 15.11 -2.36 -8.95
CA GLY A 550 14.56 -3.15 -10.02
C GLY A 550 15.65 -3.95 -10.69
N GLY A 551 15.55 -4.13 -11.99
CA GLY A 551 16.65 -4.83 -12.60
C GLY A 551 16.41 -6.31 -12.84
N ALA A 552 16.79 -6.82 -14.02
CA ALA A 552 16.50 -8.17 -14.48
C ALA A 552 17.56 -9.09 -13.95
N ARG A 553 17.13 -10.16 -13.27
CA ARG A 553 18.10 -11.04 -12.65
C ARG A 553 17.47 -12.35 -12.17
N ILE A 554 18.35 -13.27 -11.74
CA ILE A 554 17.98 -14.59 -11.23
C ILE A 554 18.44 -14.72 -9.77
N LEU A 555 17.49 -14.97 -8.88
CA LEU A 555 17.77 -15.13 -7.46
C LEU A 555 17.50 -16.58 -7.08
N ILE A 556 18.54 -17.30 -6.64
CA ILE A 556 18.32 -18.67 -6.20
C ILE A 556 17.80 -18.65 -4.76
N GLY A 557 17.08 -19.72 -4.41
CA GLY A 557 16.47 -19.83 -3.10
C GLY A 557 16.60 -21.23 -2.55
N THR A 558 16.72 -21.30 -1.21
CA THR A 558 16.91 -22.56 -0.52
C THR A 558 15.84 -22.87 0.51
N GLN A 559 14.87 -21.99 0.73
CA GLN A 559 13.85 -22.19 1.76
C GLN A 559 12.62 -21.36 1.39
N MET A 560 11.56 -21.60 2.15
CA MET A 560 10.31 -20.86 2.00
C MET A 560 10.48 -19.37 2.28
N LEU A 561 9.67 -18.55 1.60
CA LEU A 561 9.68 -17.09 1.81
C LEU A 561 8.92 -16.71 3.06
N ALA A 562 9.17 -15.49 3.51
CA ALA A 562 8.40 -14.95 4.63
C ALA A 562 7.06 -14.40 4.15
N LYS A 563 6.03 -14.61 4.96
CA LYS A 563 4.68 -14.16 4.57
C LYS A 563 4.63 -12.67 4.35
N GLY A 564 5.44 -11.90 5.08
CA GLY A 564 5.51 -10.47 4.88
C GLY A 564 6.75 -10.05 4.12
N HIS A 565 7.13 -10.85 3.11
CA HIS A 565 8.34 -10.62 2.31
C HIS A 565 7.99 -10.98 0.88
N HIS A 566 7.58 -9.99 0.10
CA HIS A 566 7.21 -10.23 -1.28
C HIS A 566 8.31 -9.75 -2.22
N PHE A 567 8.23 -10.24 -3.45
CA PHE A 567 9.14 -9.84 -4.53
C PHE A 567 8.31 -9.27 -5.67
N PRO A 568 8.33 -7.96 -5.89
CA PRO A 568 7.39 -7.39 -6.87
C PRO A 568 7.78 -7.67 -8.32
N ASP A 569 9.06 -7.81 -8.63
CA ASP A 569 9.55 -7.95 -10.00
C ASP A 569 9.66 -9.42 -10.44
N VAL A 570 9.20 -10.37 -9.63
CA VAL A 570 9.37 -11.79 -9.94
C VAL A 570 8.10 -12.31 -10.60
N THR A 571 8.26 -12.86 -11.81
CA THR A 571 7.16 -13.38 -12.59
C THR A 571 7.27 -14.87 -12.89
N LEU A 572 8.44 -15.46 -12.66
CA LEU A 572 8.67 -16.85 -12.97
C LEU A 572 9.32 -17.47 -11.75
N VAL A 573 8.78 -18.62 -11.32
CA VAL A 573 9.40 -19.40 -10.24
C VAL A 573 9.41 -20.87 -10.63
N SER A 574 10.55 -21.50 -10.46
CA SER A 574 10.74 -22.89 -10.80
C SER A 574 11.37 -23.63 -9.64
N LEU A 575 10.81 -24.80 -9.31
CA LEU A 575 11.32 -25.61 -8.21
C LEU A 575 12.17 -26.72 -8.80
N LEU A 576 13.47 -26.58 -8.65
CA LEU A 576 14.41 -27.64 -9.00
C LEU A 576 14.61 -28.62 -7.85
N ASP A 577 13.94 -28.41 -6.72
CA ASP A 577 14.11 -29.24 -5.54
C ASP A 577 13.12 -30.38 -5.45
N VAL A 578 12.44 -30.74 -6.55
CA VAL A 578 11.42 -31.77 -6.42
C VAL A 578 12.06 -33.16 -6.30
N ASP A 579 13.20 -33.39 -6.99
CA ASP A 579 13.83 -34.70 -6.88
C ASP A 579 14.43 -34.91 -5.49
N GLY A 580 15.18 -33.90 -5.00
CA GLY A 580 15.72 -33.99 -3.66
C GLY A 580 14.65 -34.13 -2.59
N ALA A 581 13.49 -33.51 -2.77
CA ALA A 581 12.43 -33.61 -1.78
C ALA A 581 11.87 -35.02 -1.71
N LEU A 582 11.59 -35.61 -2.88
CA LEU A 582 10.80 -36.84 -2.97
C LEU A 582 11.63 -38.10 -2.71
N PHE A 583 12.95 -38.02 -2.80
CA PHE A 583 13.85 -39.15 -2.62
C PHE A 583 14.93 -38.82 -1.60
N SER A 584 14.58 -38.08 -0.56
CA SER A 584 15.55 -37.66 0.44
C SER A 584 15.73 -38.72 1.52
N ALA A 585 16.82 -38.60 2.26
CA ALA A 585 16.98 -39.37 3.49
C ALA A 585 16.14 -38.80 4.62
N ASP A 586 15.48 -37.67 4.41
CA ASP A 586 14.69 -36.98 5.42
C ASP A 586 13.21 -37.20 5.10
N PHE A 587 12.54 -37.99 5.92
CA PHE A 587 11.14 -38.34 5.67
C PHE A 587 10.22 -37.13 5.64
N ARG A 588 10.69 -35.97 6.10
CA ARG A 588 9.92 -34.73 6.10
C ARG A 588 10.18 -33.87 4.87
N SER A 589 11.11 -34.27 4.00
CA SER A 589 11.44 -33.45 2.83
C SER A 589 10.23 -33.17 1.97
N ALA A 590 9.39 -34.19 1.73
CA ALA A 590 8.21 -34.03 0.89
C ALA A 590 7.30 -32.91 1.40
N GLU A 591 6.95 -32.99 2.67
CA GLU A 591 6.05 -32.00 3.32
C GLU A 591 6.61 -30.59 3.09
N ARG A 592 7.85 -30.35 3.52
CA ARG A 592 8.46 -29.04 3.33
C ARG A 592 8.37 -28.57 1.90
N PHE A 593 8.51 -29.50 0.95
CA PHE A 593 8.36 -29.15 -0.45
C PHE A 593 6.92 -28.77 -0.75
N ALA A 594 5.98 -29.67 -0.45
CA ALA A 594 4.57 -29.38 -0.70
C ALA A 594 4.12 -28.11 -0.01
N GLN A 595 4.69 -27.79 1.15
CA GLN A 595 4.44 -26.48 1.73
C GLN A 595 4.96 -25.38 0.81
N LEU A 596 6.23 -25.45 0.41
CA LEU A 596 6.78 -24.40 -0.46
C LEU A 596 5.99 -24.28 -1.75
N TYR A 597 5.60 -25.40 -2.35
CA TYR A 597 4.86 -25.35 -3.60
C TYR A 597 3.56 -24.54 -3.46
N THR A 598 2.74 -24.88 -2.44
CA THR A 598 1.45 -24.18 -2.34
C THR A 598 1.63 -22.72 -1.99
N GLN A 599 2.71 -22.39 -1.29
CA GLN A 599 3.01 -20.98 -1.06
C GLN A 599 3.35 -20.28 -2.38
N VAL A 600 4.32 -20.80 -3.14
CA VAL A 600 4.69 -20.03 -4.35
C VAL A 600 3.62 -20.13 -5.44
N SER A 601 2.77 -21.16 -5.38
CA SER A 601 1.72 -21.26 -6.39
C SER A 601 0.60 -20.28 -6.12
N GLY A 602 0.23 -20.09 -4.85
CA GLY A 602 -0.78 -19.08 -4.52
C GLY A 602 -0.23 -17.67 -4.52
N ARG A 603 1.05 -17.51 -4.17
CA ARG A 603 1.62 -16.17 -4.08
C ARG A 603 1.82 -15.56 -5.47
N ALA A 604 2.65 -16.20 -6.29
CA ALA A 604 2.83 -15.70 -7.65
C ALA A 604 1.58 -15.93 -8.49
N GLY A 605 0.86 -17.01 -8.24
CA GLY A 605 -0.22 -17.39 -9.14
C GLY A 605 -1.38 -16.41 -9.16
N ARG A 606 -1.80 -15.93 -7.99
CA ARG A 606 -3.00 -15.10 -7.91
C ARG A 606 -2.78 -13.92 -6.97
N ALA A 607 -1.61 -13.30 -7.03
CA ALA A 607 -1.44 -12.01 -6.36
C ALA A 607 -2.06 -10.86 -7.16
N GLY A 608 -2.24 -11.04 -8.46
CA GLY A 608 -2.72 -9.99 -9.34
C GLY A 608 -2.10 -10.08 -10.73
N LYS A 609 -0.96 -10.76 -10.82
CA LYS A 609 -0.34 -11.13 -12.08
C LYS A 609 -0.44 -12.64 -12.25
N GLN A 610 -0.33 -13.10 -13.49
CA GLN A 610 -0.46 -14.53 -13.82
C GLN A 610 0.90 -15.20 -14.00
N GLY A 611 1.80 -15.08 -13.03
CA GLY A 611 3.12 -15.69 -13.16
C GLY A 611 3.06 -17.21 -13.12
N GLU A 612 4.13 -17.85 -13.62
CA GLU A 612 4.13 -19.30 -13.83
C GLU A 612 5.13 -20.01 -12.94
N VAL A 613 4.76 -21.23 -12.53
CA VAL A 613 5.62 -22.13 -11.76
C VAL A 613 5.93 -23.35 -12.62
N ILE A 614 7.19 -23.72 -12.66
CA ILE A 614 7.62 -24.90 -13.39
C ILE A 614 8.33 -25.85 -12.47
N LEU A 615 8.08 -27.12 -12.72
CA LEU A 615 8.58 -28.21 -11.92
C LEU A 615 9.49 -29.13 -12.75
N GLN A 616 10.57 -29.65 -12.15
CA GLN A 616 11.62 -30.36 -12.88
C GLN A 616 11.87 -31.70 -12.17
N THR A 617 11.06 -32.69 -12.50
CA THR A 617 11.20 -34.00 -11.89
C THR A 617 11.55 -35.03 -12.95
N HIS A 618 12.41 -35.97 -12.57
CA HIS A 618 12.58 -37.20 -13.35
C HIS A 618 11.44 -38.18 -13.15
N HIS A 619 10.40 -37.78 -12.40
CA HIS A 619 9.28 -38.67 -12.08
C HIS A 619 8.01 -37.85 -11.97
N PRO A 620 7.53 -37.26 -13.07
CA PRO A 620 6.25 -36.54 -13.02
C PRO A 620 5.06 -37.43 -12.78
N GLU A 621 5.22 -38.75 -12.96
CA GLU A 621 4.16 -39.71 -12.73
C GLU A 621 3.94 -40.00 -11.24
N HIS A 622 4.70 -39.37 -10.35
CA HIS A 622 4.69 -39.77 -8.95
C HIS A 622 3.35 -39.41 -8.29
N PRO A 623 2.77 -40.34 -7.52
CA PRO A 623 1.43 -40.13 -6.94
C PRO A 623 1.35 -38.97 -5.96
N LEU A 624 2.24 -38.93 -4.98
CA LEU A 624 2.25 -37.83 -4.02
C LEU A 624 2.44 -36.50 -4.72
N LEU A 625 3.32 -36.47 -5.73
CA LEU A 625 3.58 -35.26 -6.51
C LEU A 625 2.32 -34.79 -7.23
N GLN A 626 1.59 -35.72 -7.84
CA GLN A 626 0.41 -35.35 -8.61
C GLN A 626 -0.72 -34.92 -7.69
N THR A 627 -1.02 -35.74 -6.68
CA THR A 627 -2.07 -35.39 -5.73
C THR A 627 -1.86 -33.99 -5.18
N LEU A 628 -0.61 -33.65 -4.86
CA LEU A 628 -0.30 -32.27 -4.49
C LEU A 628 -0.70 -31.30 -5.59
N LEU A 629 -0.23 -31.55 -6.82
CA LEU A 629 -0.40 -30.60 -7.92
C LEU A 629 -1.86 -30.35 -8.25
N TYR A 630 -2.63 -31.42 -8.46
CA TYR A 630 -3.96 -31.30 -9.04
C TYR A 630 -5.08 -31.45 -8.01
N LYS A 631 -4.76 -31.63 -6.73
CA LYS A 631 -5.79 -31.77 -5.70
C LYS A 631 -5.56 -30.95 -4.45
N GLY A 632 -4.39 -30.35 -4.26
CA GLY A 632 -4.18 -29.38 -3.21
C GLY A 632 -3.47 -29.96 -2.00
N TYR A 633 -3.02 -29.04 -1.12
CA TYR A 633 -2.22 -29.41 0.03
C TYR A 633 -2.97 -30.35 0.97
N ASP A 634 -4.23 -30.03 1.28
CA ASP A 634 -4.99 -30.86 2.22
C ASP A 634 -5.09 -32.31 1.74
N ALA A 635 -5.31 -32.49 0.43
CA ALA A 635 -5.39 -33.86 -0.10
C ALA A 635 -4.04 -34.55 -0.04
N PHE A 636 -2.98 -33.84 -0.44
CA PHE A 636 -1.63 -34.37 -0.27
C PHE A 636 -1.37 -34.73 1.18
N ALA A 637 -1.74 -33.83 2.10
CA ALA A 637 -1.47 -34.07 3.52
C ALA A 637 -2.12 -35.37 3.98
N GLU A 638 -3.42 -35.54 3.72
CA GLU A 638 -4.11 -36.76 4.11
C GLU A 638 -3.39 -38.00 3.60
N GLN A 639 -2.84 -37.92 2.38
CA GLN A 639 -2.09 -39.03 1.82
C GLN A 639 -0.76 -39.20 2.54
N ALA A 640 0.00 -38.11 2.67
CA ALA A 640 1.30 -38.17 3.33
C ALA A 640 1.15 -38.66 4.77
N LEU A 641 0.12 -38.20 5.47
CA LEU A 641 -0.16 -38.72 6.81
C LEU A 641 -0.42 -40.22 6.76
N ALA A 642 -1.31 -40.66 5.87
CA ALA A 642 -1.70 -42.06 5.83
C ALA A 642 -0.53 -43.00 5.55
N GLU A 643 0.56 -42.51 4.95
CA GLU A 643 1.72 -43.39 4.78
C GLU A 643 2.84 -43.14 5.77
N ARG A 644 2.86 -41.98 6.45
CA ARG A 644 3.67 -41.88 7.66
C ARG A 644 3.28 -42.98 8.66
N GLN A 645 2.01 -43.37 8.66
CA GLN A 645 1.56 -44.44 9.55
C GLN A 645 2.08 -45.80 9.09
N THR A 646 2.07 -46.07 7.79
CA THR A 646 2.50 -47.41 7.35
C THR A 646 3.96 -47.66 7.67
N MET A 647 4.79 -46.62 7.67
CA MET A 647 6.19 -46.78 8.05
C MET A 647 6.46 -46.40 9.50
N GLN A 648 5.42 -46.02 10.25
CA GLN A 648 5.49 -45.78 11.69
C GLN A 648 6.49 -44.67 12.03
N LEU A 649 6.23 -43.47 11.51
CA LEU A 649 7.02 -42.29 11.81
C LEU A 649 6.12 -41.13 12.22
N PRO A 650 6.70 -40.13 12.91
CA PRO A 650 5.92 -38.96 13.35
C PRO A 650 4.96 -38.46 12.29
N PRO A 651 3.74 -38.05 12.70
CA PRO A 651 3.35 -37.96 14.10
C PRO A 651 2.75 -39.22 14.71
N TRP A 652 2.80 -40.35 14.01
CA TRP A 652 2.19 -41.56 14.57
C TRP A 652 3.06 -42.16 15.66
N THR A 653 4.37 -42.07 15.51
CA THR A 653 5.31 -42.49 16.53
C THR A 653 6.00 -41.27 17.11
N SER A 654 6.79 -41.49 18.16
CA SER A 654 7.58 -40.45 18.78
C SER A 654 9.05 -40.71 18.51
N HIS A 655 9.81 -39.65 18.29
CA HIS A 655 11.22 -39.76 17.92
C HIS A 655 12.07 -38.98 18.92
N VAL A 656 13.31 -39.45 19.12
CA VAL A 656 14.31 -38.76 19.92
C VAL A 656 15.68 -39.00 19.28
N LEU A 657 16.43 -37.93 18.99
CA LEU A 657 17.76 -38.04 18.38
C LEU A 657 18.82 -37.66 19.39
N ILE A 658 19.78 -38.54 19.58
CA ILE A 658 20.96 -38.23 20.35
C ILE A 658 22.12 -38.12 19.38
N ARG A 659 22.76 -36.97 19.37
CA ARG A 659 23.87 -36.68 18.48
C ARG A 659 25.11 -36.41 19.30
N ALA A 660 26.23 -36.98 18.86
CA ALA A 660 27.51 -36.72 19.47
C ALA A 660 28.55 -36.55 18.37
N GLU A 661 29.49 -35.64 18.58
CA GLU A 661 30.57 -35.40 17.63
C GLU A 661 31.92 -35.43 18.35
N ASP A 662 32.97 -35.74 17.59
CA ASP A 662 34.31 -35.87 18.14
C ASP A 662 35.33 -35.44 17.08
N HIS A 663 36.61 -35.62 17.40
CA HIS A 663 37.69 -35.24 16.51
C HIS A 663 38.46 -36.44 15.96
N ASN A 664 37.91 -37.65 16.06
CA ASN A 664 38.61 -38.81 15.55
C ASN A 664 37.73 -39.84 14.83
N ASN A 665 36.41 -39.65 14.78
CA ASN A 665 35.50 -40.52 14.03
C ASN A 665 35.39 -41.92 14.65
N GLN A 666 36.15 -42.19 15.71
CA GLN A 666 36.10 -43.49 16.35
C GLN A 666 35.47 -43.46 17.73
N GLN A 667 35.53 -42.32 18.43
CA GLN A 667 35.13 -42.28 19.83
C GLN A 667 33.66 -41.93 20.00
N ALA A 668 33.17 -40.93 19.26
CA ALA A 668 31.74 -40.62 19.31
C ALA A 668 30.87 -41.81 18.93
N PRO A 669 31.11 -42.53 17.82
CA PRO A 669 30.17 -43.61 17.47
C PRO A 669 30.07 -44.67 18.55
N LEU A 670 31.21 -45.14 19.07
CA LEU A 670 31.15 -46.26 20.00
C LEU A 670 30.57 -45.85 21.35
N PHE A 671 30.75 -44.59 21.76
CA PHE A 671 30.04 -44.11 22.93
C PHE A 671 28.53 -44.19 22.71
N LEU A 672 28.08 -43.82 21.50
CA LEU A 672 26.65 -43.95 21.21
C LEU A 672 26.23 -45.41 21.22
N GLN A 673 27.08 -46.30 20.68
CA GLN A 673 26.76 -47.73 20.66
C GLN A 673 26.56 -48.27 22.07
N GLN A 674 27.32 -47.75 23.04
CA GLN A 674 27.14 -48.21 24.43
C GLN A 674 25.82 -47.73 25.00
N LEU A 675 25.55 -46.42 24.88
CA LEU A 675 24.29 -45.85 25.33
C LEU A 675 23.12 -46.54 24.63
N ARG A 676 23.27 -46.84 23.34
CA ARG A 676 22.28 -47.64 22.63
C ARG A 676 22.00 -48.93 23.39
N ASN A 677 23.06 -49.67 23.73
CA ASN A 677 22.88 -50.94 24.42
C ASN A 677 22.29 -50.75 25.81
N LEU A 678 22.72 -49.67 26.49
CA LEU A 678 22.18 -49.42 27.82
C LEU A 678 20.70 -49.03 27.75
N LEU A 679 20.32 -48.21 26.77
CA LEU A 679 18.91 -47.82 26.58
C LEU A 679 18.03 -49.05 26.42
N GLN A 680 18.44 -49.98 25.55
CA GLN A 680 17.62 -51.15 25.28
C GLN A 680 17.46 -52.00 26.53
N ALA A 681 18.43 -51.94 27.44
CA ALA A 681 18.34 -52.70 28.68
C ALA A 681 17.47 -52.03 29.73
N SER A 682 16.81 -50.93 29.41
CA SER A 682 15.96 -50.27 30.39
C SER A 682 14.82 -51.20 30.81
N PRO A 683 14.38 -51.11 32.06
CA PRO A 683 13.20 -51.89 32.48
C PRO A 683 11.97 -51.64 31.63
N LEU A 684 11.79 -50.43 31.12
CA LEU A 684 10.56 -50.10 30.39
C LEU A 684 10.69 -50.32 28.89
N ALA A 685 11.84 -50.75 28.40
CA ALA A 685 11.91 -51.19 27.02
C ALA A 685 11.00 -52.38 26.81
N ASP A 686 10.29 -52.36 25.71
CA ASP A 686 9.56 -53.50 25.27
C ASP A 686 9.75 -53.55 23.78
N GLU A 687 8.88 -54.31 23.19
CA GLU A 687 8.92 -54.49 21.77
C GLU A 687 8.90 -53.18 20.97
N LYS A 688 8.07 -52.22 21.38
CA LYS A 688 7.83 -51.14 20.43
C LYS A 688 9.02 -50.18 20.31
N LEU A 689 9.92 -50.14 21.28
CA LEU A 689 11.04 -49.22 21.17
C LEU A 689 12.05 -49.72 20.13
N TRP A 690 12.49 -48.82 19.25
CA TRP A 690 13.53 -49.13 18.28
C TRP A 690 14.62 -48.06 18.37
N VAL A 691 15.87 -48.47 18.41
CA VAL A 691 16.97 -47.51 18.34
C VAL A 691 17.87 -47.91 17.20
N LEU A 692 17.66 -47.26 16.07
CA LEU A 692 18.53 -47.47 14.92
C LEU A 692 19.80 -46.63 15.10
N GLY A 693 20.92 -47.23 14.74
CA GLY A 693 22.18 -46.57 14.81
C GLY A 693 23.20 -47.35 15.59
N PRO A 694 24.38 -46.74 15.82
CA PRO A 694 24.77 -45.39 15.43
C PRO A 694 24.96 -45.23 13.93
N VAL A 695 24.67 -44.03 13.44
CA VAL A 695 24.73 -43.72 12.01
C VAL A 695 25.34 -42.32 11.90
N PRO A 696 26.19 -42.06 10.91
CA PRO A 696 26.69 -40.69 10.74
C PRO A 696 25.57 -39.75 10.36
N ALA A 697 25.63 -38.54 10.90
CA ALA A 697 24.64 -37.51 10.60
C ALA A 697 24.64 -37.19 9.11
N LEU A 698 23.53 -36.62 8.64
CA LEU A 698 23.43 -36.33 7.21
C LEU A 698 24.38 -35.22 6.78
N ALA A 699 24.92 -34.46 7.73
CA ALA A 699 26.08 -33.60 7.51
C ALA A 699 27.29 -34.28 8.14
N PRO A 700 27.94 -35.21 7.42
CA PRO A 700 28.92 -36.11 8.06
C PRO A 700 30.00 -35.40 8.84
N LYS A 701 30.77 -34.53 8.17
CA LYS A 701 31.88 -33.82 8.80
C LYS A 701 31.74 -32.34 8.49
N ARG A 702 30.98 -31.64 9.33
CA ARG A 702 30.87 -30.19 9.22
C ARG A 702 32.15 -29.59 9.80
N GLY A 703 33.02 -29.12 8.92
CA GLY A 703 34.33 -28.60 9.34
C GLY A 703 35.36 -29.71 9.49
N GLY A 704 35.80 -29.95 10.73
CA GLY A 704 36.74 -31.00 11.02
C GLY A 704 36.16 -32.12 11.87
N ARG A 705 35.23 -31.77 12.75
CA ARG A 705 34.63 -32.75 13.65
C ARG A 705 33.74 -33.71 12.87
N TRP A 706 33.53 -34.89 13.46
CA TRP A 706 32.73 -35.96 12.85
C TRP A 706 31.47 -36.17 13.67
N ARG A 707 30.32 -36.18 12.99
CA ARG A 707 29.01 -36.17 13.63
C ARG A 707 28.34 -37.52 13.45
N TRP A 708 27.98 -38.16 14.56
CA TRP A 708 27.21 -39.39 14.56
C TRP A 708 25.94 -39.18 15.38
N GLN A 709 24.95 -40.04 15.14
CA GLN A 709 23.70 -39.90 15.85
C GLN A 709 23.01 -41.26 16.00
N ILE A 710 22.09 -41.29 16.97
CA ILE A 710 21.32 -42.47 17.37
C ILE A 710 19.86 -42.03 17.48
N LEU A 711 18.95 -42.78 16.84
CA LEU A 711 17.52 -42.44 16.76
C LEU A 711 16.67 -43.44 17.52
N LEU A 712 15.91 -42.95 18.52
CA LEU A 712 14.97 -43.74 19.31
C LEU A 712 13.55 -43.46 18.86
N GLN A 713 12.71 -44.48 18.85
CA GLN A 713 11.32 -44.25 18.50
C GLN A 713 10.40 -45.22 19.22
N HIS A 714 9.17 -44.76 19.51
CA HIS A 714 8.21 -45.53 20.28
C HIS A 714 6.82 -44.99 20.04
N PRO A 715 5.78 -45.84 20.02
CA PRO A 715 4.41 -45.33 19.84
C PRO A 715 3.95 -44.40 20.95
N SER A 716 4.61 -44.40 22.10
CA SER A 716 4.12 -43.67 23.27
C SER A 716 5.14 -42.62 23.69
N ARG A 717 4.74 -41.35 23.59
CA ARG A 717 5.65 -40.25 23.91
C ARG A 717 6.20 -40.35 25.33
N VAL A 718 5.32 -40.60 26.32
CA VAL A 718 5.82 -40.57 27.70
C VAL A 718 6.49 -41.87 28.12
N ARG A 719 6.09 -43.01 27.56
CA ARG A 719 6.86 -44.23 27.78
C ARG A 719 8.31 -44.00 27.42
N LEU A 720 8.55 -43.52 26.20
CA LEU A 720 9.91 -43.23 25.76
C LEU A 720 10.55 -42.14 26.61
N GLN A 721 9.76 -41.15 27.05
CA GLN A 721 10.28 -40.17 27.99
C GLN A 721 10.79 -40.83 29.25
N HIS A 722 10.04 -41.81 29.77
CA HIS A 722 10.47 -42.52 30.97
C HIS A 722 11.69 -43.40 30.69
N ILE A 723 11.75 -44.01 29.50
CA ILE A 723 12.89 -44.83 29.13
C ILE A 723 14.18 -44.01 29.17
N VAL A 724 14.24 -42.91 28.42
CA VAL A 724 15.48 -42.16 28.43
C VAL A 724 15.68 -41.43 29.75
N SER A 725 14.59 -41.01 30.41
CA SER A 725 14.75 -40.30 31.67
C SER A 725 15.43 -41.18 32.71
N GLY A 726 15.05 -42.46 32.77
CA GLY A 726 15.72 -43.37 33.68
C GLY A 726 17.16 -43.66 33.26
N THR A 727 17.36 -43.94 31.97
CA THR A 727 18.69 -44.22 31.46
C THR A 727 19.64 -43.03 31.61
N LEU A 728 19.09 -41.81 31.73
CA LEU A 728 19.95 -40.64 31.82
C LEU A 728 20.55 -40.45 33.22
N ALA A 729 19.82 -40.82 34.27
CA ALA A 729 20.39 -40.72 35.61
C ALA A 729 21.62 -41.61 35.75
N LEU A 730 21.74 -42.64 34.92
CA LEU A 730 22.90 -43.52 34.98
C LEU A 730 23.84 -43.28 33.81
N ILE A 731 24.07 -42.02 33.43
CA ILE A 731 24.97 -41.75 32.32
C ILE A 731 26.42 -41.80 32.79
N ASN A 732 26.66 -41.53 34.07
CA ASN A 732 28.00 -41.65 34.63
C ASN A 732 28.52 -43.09 34.62
N THR A 733 27.68 -44.09 34.43
CA THR A 733 28.25 -45.42 34.20
C THR A 733 29.25 -45.44 33.03
N LEU A 734 29.00 -44.66 31.96
CA LEU A 734 29.92 -44.68 30.84
C LEU A 734 30.91 -43.55 31.01
N PRO A 735 32.17 -43.86 31.33
CA PRO A 735 33.14 -42.80 31.61
C PRO A 735 33.41 -41.85 30.43
N GLU A 736 33.12 -42.28 29.19
CA GLU A 736 33.36 -41.51 27.97
C GLU A 736 32.26 -40.50 27.68
N ALA A 737 31.16 -40.50 28.43
CA ALA A 737 30.10 -39.49 28.27
C ALA A 737 30.57 -38.09 28.61
N ARG A 738 31.79 -37.94 29.14
CA ARG A 738 32.34 -36.63 29.46
C ARG A 738 33.57 -36.29 28.62
N LYS A 739 33.82 -37.03 27.53
CA LYS A 739 34.88 -36.70 26.59
C LYS A 739 34.38 -36.61 25.16
N VAL A 740 33.10 -36.89 24.91
CA VAL A 740 32.43 -36.53 23.66
C VAL A 740 31.51 -35.35 23.93
N LYS A 741 31.16 -34.63 22.85
CA LYS A 741 30.19 -33.56 22.88
C LYS A 741 28.86 -34.17 22.46
N TRP A 742 27.96 -34.36 23.41
CA TRP A 742 26.70 -35.05 23.20
C TRP A 742 25.56 -34.04 23.39
N VAL A 743 24.53 -34.17 22.55
CA VAL A 743 23.32 -33.35 22.65
C VAL A 743 22.10 -34.24 22.47
N LEU A 744 21.00 -33.86 23.14
CA LEU A 744 19.75 -34.61 23.13
C LEU A 744 18.66 -33.76 22.47
N ASP A 745 18.03 -34.30 21.43
CA ASP A 745 17.02 -33.58 20.66
C ASP A 745 15.73 -34.37 20.72
N VAL A 746 14.74 -33.83 21.41
CA VAL A 746 13.44 -34.49 21.52
C VAL A 746 12.54 -34.00 20.39
N ASP A 747 11.86 -34.93 19.75
CA ASP A 747 10.96 -34.59 18.61
C ASP A 747 11.76 -33.69 17.68
N PRO A 748 12.66 -34.25 16.88
CA PRO A 748 13.47 -33.38 16.06
C PRO A 748 12.78 -32.97 14.78
N ILE A 749 13.24 -31.84 14.23
CA ILE A 749 12.80 -31.38 12.92
C ILE A 749 13.73 -31.85 11.81
N GLU A 750 15.02 -32.05 12.11
CA GLU A 750 16.02 -32.50 11.14
C GLU A 750 16.17 -31.48 10.02
N SER B 22 -48.95 25.29 -29.07
CA SER B 22 -49.18 26.72 -29.07
C SER B 22 -48.62 27.42 -27.82
N VAL B 23 -48.29 26.66 -26.77
CA VAL B 23 -47.59 27.18 -25.60
C VAL B 23 -46.12 26.81 -25.69
N ALA B 24 -45.27 27.76 -25.32
CA ALA B 24 -43.82 27.59 -25.38
C ALA B 24 -43.25 27.79 -23.98
N HIS B 25 -42.78 26.70 -23.38
CA HIS B 25 -42.04 26.77 -22.13
C HIS B 25 -40.65 27.30 -22.41
N VAL B 26 -40.25 28.35 -21.70
CA VAL B 26 -39.01 29.05 -22.05
C VAL B 26 -38.21 29.27 -20.78
N ALA B 27 -36.89 29.27 -20.96
CA ALA B 27 -35.94 29.48 -19.88
C ALA B 27 -35.25 30.82 -20.05
N LEU B 28 -34.91 31.44 -18.93
CA LEU B 28 -34.45 32.82 -18.91
C LEU B 28 -33.20 32.97 -18.05
N PRO B 29 -32.35 33.96 -18.36
CA PRO B 29 -31.06 34.06 -17.67
C PRO B 29 -31.21 34.51 -16.24
N VAL B 30 -31.95 33.72 -15.47
CA VAL B 30 -32.35 34.12 -14.13
C VAL B 30 -32.15 32.91 -13.23
N PRO B 31 -31.65 33.10 -12.00
CA PRO B 31 -31.29 31.96 -11.15
C PRO B 31 -32.49 31.31 -10.46
N LEU B 32 -33.34 30.64 -11.24
CA LEU B 32 -34.39 29.83 -10.62
C LEU B 32 -34.74 28.65 -11.52
N PRO B 33 -35.07 27.48 -10.94
CA PRO B 33 -35.26 26.24 -11.73
C PRO B 33 -36.67 26.08 -12.28
N ARG B 34 -37.11 27.06 -13.06
CA ARG B 34 -38.47 27.05 -13.61
C ARG B 34 -38.42 27.54 -15.04
N THR B 35 -39.19 26.91 -15.91
CA THR B 35 -39.53 27.55 -17.17
C THR B 35 -40.67 28.54 -16.95
N PHE B 36 -40.88 29.41 -17.93
CA PHE B 36 -42.04 30.29 -17.93
C PHE B 36 -42.81 30.06 -19.22
N ASP B 37 -44.12 29.95 -19.10
CA ASP B 37 -44.95 29.62 -20.25
C ASP B 37 -45.38 30.87 -20.99
N TYR B 38 -45.48 30.74 -22.32
CA TYR B 38 -45.99 31.81 -23.17
C TYR B 38 -46.77 31.19 -24.32
N LEU B 39 -47.73 31.97 -24.82
CA LEU B 39 -48.45 31.58 -26.02
C LEU B 39 -47.62 31.92 -27.24
N LEU B 40 -47.56 31.00 -28.20
CA LEU B 40 -46.76 31.18 -29.40
C LEU B 40 -47.68 31.31 -30.59
N PRO B 41 -47.77 32.48 -31.23
CA PRO B 41 -48.63 32.61 -32.42
C PRO B 41 -48.13 31.74 -33.56
N GLU B 42 -49.06 31.18 -34.33
CA GLU B 42 -48.64 30.44 -35.50
C GLU B 42 -48.03 31.39 -36.51
N GLY B 43 -46.93 30.94 -37.11
CA GLY B 43 -46.16 31.79 -37.98
C GLY B 43 -44.75 31.92 -37.46
N MET B 44 -44.62 31.94 -36.13
CA MET B 44 -43.31 31.96 -35.49
C MET B 44 -42.72 30.55 -35.52
N ALA B 45 -41.57 30.42 -36.18
CA ALA B 45 -40.92 29.12 -36.38
C ALA B 45 -39.80 28.97 -35.35
N VAL B 46 -40.19 28.68 -34.11
CA VAL B 46 -39.24 28.38 -33.05
C VAL B 46 -39.46 26.95 -32.59
N LYS B 47 -38.36 26.23 -32.41
CA LYS B 47 -38.36 24.89 -31.85
C LYS B 47 -37.40 24.90 -30.67
N ALA B 48 -37.40 23.80 -29.92
CA ALA B 48 -36.52 23.71 -28.75
C ALA B 48 -35.09 24.10 -29.10
N GLY B 49 -34.59 25.11 -28.40
CA GLY B 49 -33.23 25.58 -28.60
C GLY B 49 -33.06 26.91 -29.34
N CYS B 50 -34.10 27.71 -29.49
CA CYS B 50 -34.03 28.97 -30.21
C CYS B 50 -34.18 30.14 -29.24
N ARG B 51 -33.42 31.20 -29.47
CA ARG B 51 -33.56 32.41 -28.68
C ARG B 51 -34.80 33.20 -29.12
N VAL B 52 -35.41 33.91 -28.16
CA VAL B 52 -36.59 34.74 -28.42
C VAL B 52 -36.53 35.97 -27.51
N ARG B 53 -37.27 37.01 -27.91
CA ARG B 53 -37.46 38.20 -27.11
C ARG B 53 -38.89 38.13 -26.55
N VAL B 54 -39.04 38.21 -25.22
CA VAL B 54 -40.35 37.96 -24.61
C VAL B 54 -40.62 38.84 -23.40
N PRO B 55 -41.88 38.96 -22.97
CA PRO B 55 -42.19 39.72 -21.76
C PRO B 55 -41.82 38.94 -20.51
N PHE B 56 -41.10 39.61 -19.59
CA PHE B 56 -40.79 39.03 -18.28
C PHE B 56 -40.83 40.16 -17.25
N GLY B 57 -41.93 40.22 -16.48
CA GLY B 57 -42.12 41.26 -15.50
C GLY B 57 -42.32 42.64 -16.09
N LYS B 58 -41.36 43.53 -15.87
CA LYS B 58 -41.49 44.94 -16.24
C LYS B 58 -40.88 45.26 -17.60
N GLN B 59 -39.83 44.54 -17.99
CA GLN B 59 -39.22 44.69 -19.30
C GLN B 59 -39.23 43.35 -20.02
N GLU B 60 -38.63 43.32 -21.20
CA GLU B 60 -38.56 42.08 -22.02
C GLU B 60 -37.09 41.69 -22.20
N ARG B 61 -36.73 40.46 -21.84
CA ARG B 61 -35.32 39.99 -21.98
C ARG B 61 -35.24 38.91 -23.07
N ILE B 62 -34.08 38.29 -23.23
CA ILE B 62 -33.90 37.23 -24.27
C ILE B 62 -33.84 35.87 -23.57
N GLY B 63 -34.63 34.90 -24.03
CA GLY B 63 -34.64 33.58 -23.43
C GLY B 63 -34.63 32.51 -24.51
N ILE B 64 -34.59 31.26 -24.08
CA ILE B 64 -34.52 30.12 -24.99
C ILE B 64 -35.75 29.25 -24.75
N VAL B 65 -36.43 28.87 -25.82
CA VAL B 65 -37.65 28.07 -25.71
C VAL B 65 -37.24 26.64 -25.32
N ALA B 66 -37.64 26.19 -24.13
CA ALA B 66 -37.24 24.86 -23.66
C ALA B 66 -38.02 23.76 -24.37
N ALA B 67 -39.34 23.92 -24.50
CA ALA B 67 -40.12 22.92 -25.20
C ALA B 67 -41.39 23.58 -25.72
N VAL B 68 -41.89 23.09 -26.84
CA VAL B 68 -43.18 23.48 -27.40
C VAL B 68 -44.15 22.32 -27.23
N SER B 69 -45.39 22.64 -26.89
CA SER B 69 -46.41 21.63 -26.68
C SER B 69 -47.76 22.33 -26.61
N GLU B 70 -48.79 21.55 -26.24
CA GLU B 70 -50.15 22.05 -26.05
C GLU B 70 -50.59 21.86 -24.60
N ARG B 71 -49.65 21.89 -23.66
CA ARG B 71 -49.97 21.76 -22.25
C ARG B 71 -49.39 22.95 -21.49
N SER B 72 -50.19 23.51 -20.58
CA SER B 72 -49.76 24.64 -19.78
C SER B 72 -50.33 24.49 -18.38
N GLU B 73 -49.45 24.38 -17.38
CA GLU B 73 -49.88 24.24 -15.99
C GLU B 73 -50.68 25.43 -15.48
N LEU B 74 -50.71 26.53 -16.22
CA LEU B 74 -51.49 27.76 -16.11
C LEU B 74 -52.63 27.70 -17.14
N PRO B 75 -53.85 28.13 -16.83
CA PRO B 75 -54.81 28.40 -17.91
C PRO B 75 -54.37 29.56 -18.80
N LEU B 76 -54.71 29.41 -20.07
CA LEU B 76 -54.14 30.21 -21.13
C LEU B 76 -54.44 31.70 -21.02
N ASP B 77 -55.32 32.15 -20.13
CA ASP B 77 -55.56 33.60 -20.05
C ASP B 77 -54.48 34.33 -19.27
N GLU B 78 -53.92 33.69 -18.28
CA GLU B 78 -53.00 34.35 -17.38
C GLU B 78 -51.60 34.46 -17.95
N LEU B 79 -51.42 34.19 -19.23
CA LEU B 79 -50.13 34.12 -19.89
C LEU B 79 -49.99 35.23 -20.92
N LYS B 80 -48.74 35.47 -21.35
CA LYS B 80 -48.45 36.50 -22.34
C LYS B 80 -47.84 35.89 -23.60
N PRO B 81 -48.10 36.48 -24.76
CA PRO B 81 -47.56 35.93 -26.01
C PRO B 81 -46.08 36.22 -26.19
N VAL B 82 -45.41 35.33 -26.92
CA VAL B 82 -44.01 35.55 -27.27
C VAL B 82 -43.92 36.68 -28.28
N ALA B 83 -42.96 37.58 -28.09
CA ALA B 83 -42.89 38.80 -28.91
C ALA B 83 -42.20 38.56 -30.25
N GLU B 84 -40.91 38.21 -30.22
CA GLU B 84 -40.12 38.14 -31.43
C GLU B 84 -39.18 36.96 -31.37
N ALA B 85 -39.22 36.14 -32.41
CA ALA B 85 -38.31 35.02 -32.53
C ALA B 85 -36.97 35.50 -33.08
N LEU B 86 -35.88 34.96 -32.54
CA LEU B 86 -34.57 35.35 -32.98
C LEU B 86 -33.87 34.31 -33.85
N ASP B 87 -34.29 33.04 -33.77
CA ASP B 87 -33.61 31.97 -34.47
C ASP B 87 -34.60 31.08 -35.22
N ASP B 88 -34.37 30.91 -36.51
CA ASP B 88 -35.10 29.90 -37.27
C ASP B 88 -34.82 28.51 -36.71
N GLU B 89 -33.52 28.09 -36.72
CA GLU B 89 -32.98 26.82 -36.27
C GLU B 89 -32.29 26.96 -34.91
N PRO B 90 -32.31 25.89 -34.11
CA PRO B 90 -31.79 25.97 -32.73
C PRO B 90 -30.32 26.37 -32.69
N VAL B 91 -29.99 27.22 -31.71
CA VAL B 91 -28.62 27.72 -31.54
C VAL B 91 -27.70 26.71 -30.85
N PHE B 92 -28.20 25.52 -30.51
CA PHE B 92 -27.37 24.36 -30.23
C PHE B 92 -27.81 23.18 -31.08
N SER B 93 -26.84 22.35 -31.47
CA SER B 93 -27.15 21.07 -32.08
C SER B 93 -28.03 20.23 -31.13
N THR B 94 -28.57 19.14 -31.67
CA THR B 94 -29.44 18.29 -30.89
C THR B 94 -28.70 17.64 -29.73
N THR B 95 -27.54 17.04 -30.01
CA THR B 95 -26.85 16.33 -28.95
C THR B 95 -26.28 17.28 -27.91
N VAL B 96 -25.72 18.41 -28.32
CA VAL B 96 -25.23 19.34 -27.31
C VAL B 96 -26.41 19.89 -26.48
N TRP B 97 -27.58 20.04 -27.11
CA TRP B 97 -28.76 20.47 -26.38
C TRP B 97 -29.12 19.48 -25.27
N ARG B 98 -29.25 18.19 -25.60
CA ARG B 98 -29.62 17.21 -24.59
C ARG B 98 -28.58 17.15 -23.48
N LEU B 99 -27.30 17.31 -23.84
CA LEU B 99 -26.25 17.36 -22.85
C LEU B 99 -26.52 18.45 -21.82
N LEU B 100 -26.74 19.69 -22.27
CA LEU B 100 -26.95 20.76 -21.28
C LEU B 100 -28.22 20.56 -20.48
N MET B 101 -29.23 19.88 -21.04
CA MET B 101 -30.40 19.53 -20.24
C MET B 101 -30.03 18.54 -19.14
N TRP B 102 -29.31 17.49 -19.53
CA TRP B 102 -28.88 16.48 -18.58
C TRP B 102 -28.01 17.08 -17.49
N ALA B 103 -27.10 17.98 -17.87
CA ALA B 103 -26.22 18.61 -16.88
C ALA B 103 -27.02 19.41 -15.86
N ALA B 104 -27.90 20.30 -16.33
CA ALA B 104 -28.66 21.15 -15.41
C ALA B 104 -29.47 20.32 -14.43
N GLU B 105 -29.97 19.16 -14.86
CA GLU B 105 -30.67 18.28 -13.94
C GLU B 105 -29.69 17.61 -12.98
N TYR B 106 -28.55 17.14 -13.49
CA TYR B 106 -27.63 16.36 -12.66
C TYR B 106 -26.91 17.24 -11.65
N TYR B 107 -26.33 18.35 -12.09
CA TYR B 107 -25.64 19.26 -11.21
C TYR B 107 -26.57 20.21 -10.47
N HIS B 108 -27.89 20.05 -10.66
CA HIS B 108 -28.91 20.85 -9.99
C HIS B 108 -28.58 22.35 -10.06
N HIS B 109 -28.38 22.82 -11.30
CA HIS B 109 -28.22 24.25 -11.55
C HIS B 109 -29.45 24.80 -12.26
N PRO B 110 -29.79 26.08 -12.05
CA PRO B 110 -30.99 26.64 -12.70
C PRO B 110 -30.90 26.59 -14.22
N ILE B 111 -32.01 26.19 -14.84
CA ILE B 111 -32.04 25.84 -16.26
C ILE B 111 -31.48 26.97 -17.12
N GLY B 112 -31.94 28.21 -16.89
CA GLY B 112 -31.55 29.30 -17.77
C GLY B 112 -30.09 29.68 -17.63
N ASP B 113 -29.57 29.61 -16.40
CA ASP B 113 -28.17 29.97 -16.16
C ASP B 113 -27.23 29.02 -16.90
N VAL B 114 -27.60 27.76 -16.99
CA VAL B 114 -26.75 26.84 -17.72
C VAL B 114 -26.78 27.16 -19.22
N LEU B 115 -27.98 27.35 -19.80
CA LEU B 115 -28.08 27.49 -21.25
C LEU B 115 -27.40 28.75 -21.73
N PHE B 116 -27.56 29.85 -20.99
CA PHE B 116 -27.02 31.13 -21.46
C PHE B 116 -25.52 31.22 -21.26
N HIS B 117 -25.00 30.62 -20.19
CA HIS B 117 -23.57 30.68 -19.94
C HIS B 117 -22.76 29.85 -20.93
N ALA B 118 -23.39 28.86 -21.58
CA ALA B 118 -22.70 28.01 -22.55
C ALA B 118 -22.43 28.69 -23.88
N LEU B 119 -22.89 29.92 -24.07
CA LEU B 119 -22.87 30.60 -25.34
C LEU B 119 -22.12 31.91 -25.29
N PRO B 120 -21.61 32.40 -26.44
CA PRO B 120 -20.92 33.68 -26.43
C PRO B 120 -21.82 34.77 -25.87
N VAL B 121 -21.18 35.71 -25.15
CA VAL B 121 -21.87 36.76 -24.42
C VAL B 121 -22.78 37.56 -25.32
N MET B 122 -22.34 37.80 -26.53
CA MET B 122 -23.15 38.59 -27.45
C MET B 122 -24.38 37.83 -27.96
N LEU B 123 -24.29 36.52 -28.14
CA LEU B 123 -25.49 35.80 -28.50
C LEU B 123 -26.49 35.76 -27.34
N ARG B 124 -26.02 36.01 -26.12
CA ARG B 124 -26.97 36.20 -25.02
C ARG B 124 -27.78 37.49 -25.19
N GLN B 125 -27.23 38.48 -25.89
CA GLN B 125 -27.84 39.79 -26.00
C GLN B 125 -28.76 39.95 -27.22
N GLY B 126 -28.94 38.91 -28.04
CA GLY B 126 -29.96 38.91 -29.06
C GLY B 126 -29.49 39.03 -30.50
N LYS B 127 -28.24 38.82 -30.73
CA LYS B 127 -27.58 39.07 -31.98
C LYS B 127 -27.65 37.84 -32.88
N PRO B 128 -27.77 38.01 -34.20
CA PRO B 128 -27.96 36.86 -35.09
C PRO B 128 -26.86 35.81 -34.92
N ALA B 129 -27.26 34.55 -35.01
CA ALA B 129 -26.33 33.42 -34.95
C ALA B 129 -25.72 33.18 -36.32
N SER B 130 -25.15 34.25 -36.87
CA SER B 130 -24.64 34.21 -38.24
C SER B 130 -23.61 35.32 -38.43
N ALA B 131 -22.84 35.16 -39.50
CA ALA B 131 -21.88 36.19 -39.91
C ALA B 131 -22.61 37.46 -40.29
N THR B 132 -22.33 38.54 -39.58
CA THR B 132 -22.99 39.79 -39.87
C THR B 132 -22.50 40.32 -41.20
N PRO B 133 -23.38 40.65 -42.14
CA PRO B 133 -22.91 41.25 -43.39
C PRO B 133 -22.20 42.56 -43.11
N LEU B 134 -21.22 42.86 -43.96
CA LEU B 134 -20.64 44.19 -44.06
C LEU B 134 -20.73 44.61 -45.52
N TRP B 135 -20.81 45.92 -45.77
CA TRP B 135 -21.05 46.32 -47.15
C TRP B 135 -20.61 47.78 -47.37
N TYR B 136 -21.09 48.37 -48.46
CA TYR B 136 -20.40 49.45 -49.15
C TYR B 136 -21.40 50.46 -49.68
N TRP B 137 -20.88 51.56 -50.22
CA TRP B 137 -21.67 52.50 -51.02
C TRP B 137 -21.33 52.34 -52.49
N PHE B 138 -22.34 52.48 -53.34
CA PHE B 138 -22.15 52.35 -54.77
C PHE B 138 -23.07 53.33 -55.51
N ALA B 139 -22.91 53.38 -56.83
CA ALA B 139 -23.65 54.28 -57.70
C ALA B 139 -24.79 53.54 -58.41
N THR B 140 -25.85 54.29 -58.73
CA THR B 140 -27.08 53.82 -59.32
C THR B 140 -27.06 53.95 -60.85
N GLU B 141 -28.22 53.73 -61.47
CA GLU B 141 -28.41 54.07 -62.87
C GLU B 141 -28.16 55.54 -63.14
N GLN B 142 -28.22 56.38 -62.12
CA GLN B 142 -27.79 57.76 -62.27
C GLN B 142 -26.27 57.89 -62.34
N GLY B 143 -25.54 56.90 -61.79
CA GLY B 143 -24.11 56.79 -61.99
C GLY B 143 -23.34 57.97 -61.44
N GLN B 144 -22.10 58.13 -61.93
CA GLN B 144 -21.30 59.29 -61.59
C GLN B 144 -21.44 60.41 -62.62
N VAL B 145 -22.49 60.36 -63.44
CA VAL B 145 -22.53 61.14 -64.67
C VAL B 145 -23.04 62.56 -64.54
N VAL B 146 -23.77 62.90 -63.47
CA VAL B 146 -24.31 64.25 -63.38
C VAL B 146 -23.15 65.24 -63.27
N ASP B 147 -23.23 66.29 -64.08
CA ASP B 147 -22.12 67.24 -64.21
C ASP B 147 -21.83 67.92 -62.89
N LEU B 148 -20.61 67.69 -62.41
CA LEU B 148 -20.08 68.22 -61.16
C LEU B 148 -19.61 69.66 -61.34
N ASN B 149 -19.40 70.10 -62.60
CA ASN B 149 -18.93 71.45 -62.87
C ASN B 149 -20.10 72.42 -62.82
N GLY B 150 -20.95 72.27 -61.80
CA GLY B 150 -21.84 73.32 -61.36
C GLY B 150 -21.79 73.62 -59.88
N LEU B 151 -21.45 72.62 -59.05
CA LEU B 151 -21.46 72.82 -57.59
C LEU B 151 -20.56 71.77 -56.93
N LYS B 152 -19.35 72.18 -56.58
CA LYS B 152 -18.39 71.25 -55.98
C LYS B 152 -18.05 71.60 -54.54
N ARG B 153 -18.87 72.43 -53.87
CA ARG B 153 -18.49 72.90 -52.54
C ARG B 153 -19.64 72.94 -51.53
N SER B 154 -20.70 72.13 -51.72
CA SER B 154 -21.75 72.05 -50.72
C SER B 154 -21.17 71.70 -49.35
N ARG B 155 -20.16 70.84 -49.34
CA ARG B 155 -19.39 70.46 -48.16
C ARG B 155 -18.06 69.93 -48.68
N LYS B 156 -17.32 69.20 -47.84
CA LYS B 156 -16.20 68.43 -48.36
C LYS B 156 -16.78 67.28 -49.18
N GLN B 157 -17.34 67.61 -50.35
CA GLN B 157 -18.37 66.79 -50.96
C GLN B 157 -18.07 66.36 -52.38
N GLN B 158 -17.30 67.16 -53.12
CA GLN B 158 -17.11 66.90 -54.55
C GLN B 158 -16.51 65.52 -54.77
N GLN B 159 -15.35 65.25 -54.16
CA GLN B 159 -14.64 63.99 -54.37
C GLN B 159 -15.34 62.79 -53.74
N ALA B 160 -16.49 62.98 -53.11
CA ALA B 160 -17.23 61.85 -52.57
C ALA B 160 -17.70 60.89 -53.66
N LEU B 161 -17.72 61.34 -54.92
CA LEU B 161 -18.01 60.45 -56.05
C LEU B 161 -16.95 60.48 -57.12
N ALA B 162 -15.98 61.39 -57.06
CA ALA B 162 -14.77 61.24 -57.87
C ALA B 162 -13.98 60.01 -57.46
N ALA B 163 -14.04 59.66 -56.16
CA ALA B 163 -13.42 58.44 -55.68
C ALA B 163 -14.23 57.20 -56.02
N LEU B 164 -15.54 57.35 -56.27
CA LEU B 164 -16.40 56.24 -56.64
C LEU B 164 -16.62 56.14 -58.13
N ARG B 165 -15.84 56.87 -58.94
CA ARG B 165 -16.05 56.86 -60.39
C ARG B 165 -15.95 55.46 -60.96
N GLN B 166 -15.03 54.65 -60.45
CA GLN B 166 -14.86 53.29 -60.96
C GLN B 166 -14.89 52.30 -59.81
N GLY B 167 -14.36 52.71 -58.66
CA GLY B 167 -14.23 51.81 -57.54
C GLY B 167 -15.50 51.69 -56.74
N LYS B 168 -15.89 50.45 -56.45
CA LYS B 168 -16.87 50.20 -55.41
C LYS B 168 -16.14 50.23 -54.08
N ILE B 169 -16.37 51.28 -53.30
CA ILE B 169 -15.68 51.52 -52.03
C ILE B 169 -16.55 51.05 -50.90
N TRP B 170 -15.96 50.38 -49.91
CA TRP B 170 -16.71 49.84 -48.78
C TRP B 170 -17.01 50.94 -47.77
N ARG B 171 -17.56 50.54 -46.61
CA ARG B 171 -17.73 51.51 -45.54
C ARG B 171 -16.76 51.28 -44.40
N HIS B 172 -15.94 50.22 -44.46
CA HIS B 172 -14.89 50.00 -43.48
C HIS B 172 -13.62 50.78 -43.81
N GLN B 173 -13.48 51.24 -45.05
CA GLN B 173 -12.32 52.01 -45.52
C GLN B 173 -12.63 53.50 -45.63
N VAL B 174 -13.35 54.05 -44.65
CA VAL B 174 -13.70 55.46 -44.64
C VAL B 174 -12.99 56.24 -43.53
N GLY B 175 -12.66 55.61 -42.41
CA GLY B 175 -12.03 56.31 -41.30
C GLY B 175 -10.69 56.94 -41.65
N GLU B 176 -10.04 56.48 -42.73
CA GLU B 176 -8.75 57.00 -43.16
C GLU B 176 -8.87 57.79 -44.46
N LEU B 177 -10.05 58.30 -44.77
CA LEU B 177 -10.23 59.05 -46.00
C LEU B 177 -11.00 60.33 -45.76
N GLU B 178 -10.84 61.27 -46.70
CA GLU B 178 -11.53 62.54 -46.65
C GLU B 178 -12.98 62.38 -47.06
N PHE B 179 -13.75 61.62 -46.30
CA PHE B 179 -15.18 61.53 -46.49
C PHE B 179 -15.75 60.90 -45.23
N ASN B 180 -16.52 61.68 -44.47
CA ASN B 180 -17.37 61.10 -43.44
C ASN B 180 -18.67 60.66 -44.10
N GLU B 181 -19.31 59.66 -43.51
CA GLU B 181 -20.49 59.12 -44.17
C GLU B 181 -21.73 59.98 -43.99
N ALA B 182 -21.67 61.06 -43.20
CA ALA B 182 -22.78 61.99 -43.11
C ALA B 182 -22.84 62.90 -44.35
N ALA B 183 -21.74 63.62 -44.62
CA ALA B 183 -21.62 64.35 -45.89
C ALA B 183 -21.79 63.41 -47.07
N LEU B 184 -21.60 62.11 -46.82
CA LEU B 184 -21.71 61.09 -47.89
C LEU B 184 -23.15 60.60 -47.94
N GLN B 185 -23.75 60.34 -46.78
CA GLN B 185 -25.14 59.88 -46.75
C GLN B 185 -26.10 60.92 -47.33
N ALA B 186 -25.68 62.18 -47.42
CA ALA B 186 -26.48 63.18 -48.13
C ALA B 186 -26.65 62.84 -49.60
N LEU B 187 -25.75 62.02 -50.15
CA LEU B 187 -25.87 61.53 -51.52
C LEU B 187 -27.04 60.57 -51.66
N ARG B 188 -27.30 59.77 -50.63
CA ARG B 188 -28.47 58.90 -50.64
C ARG B 188 -29.75 59.72 -50.81
N GLY B 189 -29.87 60.80 -50.05
CA GLY B 189 -31.01 61.69 -50.21
C GLY B 189 -31.02 62.39 -51.55
N LYS B 190 -29.84 62.74 -52.06
CA LYS B 190 -29.71 63.36 -53.37
C LYS B 190 -29.77 62.34 -54.49
N GLY B 191 -29.92 61.06 -54.17
CA GLY B 191 -30.13 60.03 -55.17
C GLY B 191 -28.91 59.76 -56.04
N LEU B 192 -27.76 59.56 -55.38
CA LEU B 192 -26.54 59.23 -56.12
C LEU B 192 -25.69 58.11 -55.45
N ALA B 193 -25.97 57.75 -54.20
CA ALA B 193 -25.23 56.72 -53.49
C ALA B 193 -26.20 55.90 -52.65
N GLU B 194 -26.09 54.59 -52.74
CA GLU B 194 -26.94 53.64 -52.04
C GLU B 194 -26.05 52.62 -51.33
N LEU B 195 -26.70 51.64 -50.70
CA LEU B 195 -26.01 50.67 -49.86
C LEU B 195 -26.52 49.27 -50.21
N ALA B 196 -25.83 48.60 -51.13
CA ALA B 196 -26.11 47.18 -51.35
C ALA B 196 -25.38 46.34 -50.29
N CYS B 197 -25.82 45.08 -50.16
CA CYS B 197 -25.36 44.12 -49.17
C CYS B 197 -24.93 42.81 -49.82
N GLU B 198 -23.96 42.13 -49.19
CA GLU B 198 -23.72 40.73 -49.46
C GLU B 198 -23.03 40.10 -48.27
N ALA B 199 -23.36 38.82 -48.02
CA ALA B 199 -22.81 38.00 -46.95
C ALA B 199 -21.49 37.39 -47.40
N PRO B 200 -20.47 37.38 -46.55
CA PRO B 200 -19.19 36.79 -46.95
C PRO B 200 -19.32 35.29 -47.20
N ALA B 201 -18.62 34.81 -48.21
CA ALA B 201 -18.63 33.39 -48.53
C ALA B 201 -17.87 32.63 -47.47
N LEU B 202 -18.31 31.42 -47.19
CA LEU B 202 -17.66 30.58 -46.19
C LEU B 202 -16.58 29.74 -46.87
N THR B 203 -15.45 29.62 -46.20
CA THR B 203 -14.36 28.77 -46.65
C THR B 203 -14.60 27.33 -46.21
N ASP B 204 -14.25 26.38 -47.09
CA ASP B 204 -14.28 24.96 -46.75
C ASP B 204 -12.89 24.38 -46.96
N TRP B 205 -12.20 24.10 -45.84
CA TRP B 205 -10.89 23.48 -45.83
C TRP B 205 -10.89 22.02 -46.25
N ARG B 206 -12.08 21.38 -46.32
CA ARG B 206 -12.13 19.93 -46.45
C ARG B 206 -11.35 19.44 -47.66
N SER B 207 -11.60 20.01 -48.83
CA SER B 207 -10.74 19.78 -49.97
C SER B 207 -9.57 20.76 -49.93
N ALA B 208 -8.48 20.36 -50.58
CA ALA B 208 -7.22 21.12 -50.57
C ALA B 208 -6.67 21.26 -49.16
N TYR B 209 -6.34 20.10 -48.57
CA TYR B 209 -5.65 20.04 -47.28
C TYR B 209 -4.76 18.80 -47.27
N SER B 210 -3.47 19.00 -47.02
CA SER B 210 -2.49 17.93 -47.04
C SER B 210 -2.14 17.49 -45.62
N VAL B 211 -1.61 16.27 -45.53
CA VAL B 211 -1.39 15.64 -44.23
C VAL B 211 0.07 15.66 -43.77
N ALA B 212 1.03 15.73 -44.70
CA ALA B 212 2.46 15.68 -44.36
C ALA B 212 3.05 17.08 -44.48
N GLY B 213 2.98 17.84 -43.39
CA GLY B 213 3.55 19.18 -43.36
C GLY B 213 5.05 19.16 -43.12
N LEU B 216 6.72 12.47 -41.86
CA LEU B 216 5.93 11.32 -41.42
C LEU B 216 6.75 10.44 -40.47
N ARG B 217 6.73 10.79 -39.19
CA ARG B 217 7.40 10.02 -38.16
C ARG B 217 6.42 9.03 -37.54
N LEU B 218 6.88 7.78 -37.35
CA LEU B 218 6.02 6.71 -36.86
C LEU B 218 6.78 5.90 -35.82
N ASN B 219 6.07 4.94 -35.22
CA ASN B 219 6.61 4.08 -34.18
C ASN B 219 5.66 2.89 -34.02
N THR B 220 6.19 1.80 -33.47
CA THR B 220 5.44 0.53 -33.40
C THR B 220 4.47 0.49 -32.23
N GLU B 221 4.92 0.90 -31.04
CA GLU B 221 4.07 0.82 -29.86
C GLU B 221 2.80 1.65 -30.04
N GLN B 222 2.95 2.88 -30.53
CA GLN B 222 1.81 3.77 -30.71
C GLN B 222 0.94 3.37 -31.89
N ALA B 223 1.52 2.84 -32.97
CA ALA B 223 0.76 2.48 -34.15
C ALA B 223 -0.31 1.43 -33.85
N THR B 224 -0.18 0.66 -32.77
CA THR B 224 -1.27 -0.20 -32.34
C THR B 224 -2.49 0.61 -31.94
N ALA B 225 -2.27 1.77 -31.31
CA ALA B 225 -3.38 2.56 -30.79
C ALA B 225 -4.21 3.16 -31.92
N VAL B 226 -3.54 3.69 -32.94
CA VAL B 226 -4.24 4.31 -34.06
C VAL B 226 -5.16 3.30 -34.73
N GLY B 227 -4.63 2.10 -34.98
CA GLY B 227 -5.46 1.06 -35.58
C GLY B 227 -6.58 0.63 -34.67
N ALA B 228 -6.32 0.59 -33.37
CA ALA B 228 -7.37 0.23 -32.41
C ALA B 228 -8.51 1.23 -32.46
N ILE B 229 -8.24 2.48 -32.83
CA ILE B 229 -9.31 3.46 -32.96
C ILE B 229 -10.00 3.32 -34.32
N HIS B 230 -9.21 3.15 -35.39
CA HIS B 230 -9.76 3.06 -36.74
C HIS B 230 -10.84 1.98 -36.84
N SER B 231 -10.69 0.89 -36.09
CA SER B 231 -11.68 -0.18 -36.13
C SER B 231 -13.06 0.36 -35.76
N ALA B 232 -13.21 0.85 -34.54
CA ALA B 232 -14.42 1.54 -34.12
C ALA B 232 -14.22 3.05 -34.15
N ALA B 233 -13.93 3.57 -35.34
CA ALA B 233 -13.80 5.00 -35.55
C ALA B 233 -15.12 5.66 -35.91
N ASP B 234 -16.19 4.88 -36.07
CA ASP B 234 -17.51 5.41 -36.34
C ASP B 234 -18.51 5.06 -35.24
N ARG B 235 -18.07 4.40 -34.17
CA ARG B 235 -18.89 4.13 -33.00
C ARG B 235 -18.31 4.87 -31.80
N PHE B 236 -19.17 5.15 -30.82
CA PHE B 236 -18.69 5.75 -29.58
C PHE B 236 -17.75 4.79 -28.88
N SER B 237 -16.55 5.27 -28.57
CA SER B 237 -15.55 4.45 -27.89
C SER B 237 -14.70 5.34 -27.01
N ALA B 238 -14.67 5.04 -25.71
CA ALA B 238 -13.84 5.74 -24.75
C ALA B 238 -12.54 4.97 -24.56
N TRP B 239 -11.42 5.64 -24.80
CA TRP B 239 -10.10 5.09 -24.56
C TRP B 239 -9.33 6.00 -23.63
N LEU B 240 -8.55 5.41 -22.74
CA LEU B 240 -7.55 6.12 -21.97
C LEU B 240 -6.20 5.63 -22.43
N LEU B 241 -5.38 6.59 -22.82
CA LEU B 241 -3.98 6.43 -23.32
C LEU B 241 -3.04 6.58 -22.12
N ALA B 242 -2.62 5.50 -21.47
CA ALA B 242 -1.83 5.63 -20.26
C ALA B 242 -0.37 5.51 -20.66
N GLY B 243 0.32 6.64 -20.70
CA GLY B 243 1.70 6.70 -21.10
C GLY B 243 2.51 7.68 -20.29
N ILE B 244 3.78 7.37 -20.02
CA ILE B 244 4.67 8.24 -19.24
C ILE B 244 4.77 9.59 -19.91
N THR B 245 5.14 10.58 -19.12
CA THR B 245 5.49 11.84 -19.74
C THR B 245 6.73 11.66 -20.62
N GLY B 246 6.74 12.38 -21.73
CA GLY B 246 7.82 12.29 -22.69
C GLY B 246 7.72 11.13 -23.65
N SER B 247 6.70 10.26 -23.51
CA SER B 247 6.58 9.05 -24.33
C SER B 247 5.74 9.24 -25.61
N GLY B 248 5.30 10.45 -25.91
CA GLY B 248 4.68 10.69 -27.20
C GLY B 248 3.21 10.40 -27.30
N LYS B 249 2.44 10.55 -26.22
CA LYS B 249 0.99 10.60 -26.37
C LYS B 249 0.58 11.84 -27.14
N THR B 250 1.17 13.00 -26.79
CA THR B 250 0.97 14.23 -27.54
C THR B 250 1.33 14.05 -29.01
N GLU B 251 2.07 12.99 -29.35
CA GLU B 251 2.31 12.70 -30.76
C GLU B 251 1.24 11.80 -31.35
N VAL B 252 0.69 10.86 -30.57
CA VAL B 252 -0.42 10.05 -31.06
C VAL B 252 -1.68 10.90 -31.20
N TYR B 253 -1.76 12.02 -30.49
CA TYR B 253 -2.91 12.91 -30.65
C TYR B 253 -3.00 13.48 -32.06
N LEU B 254 -1.86 13.81 -32.67
CA LEU B 254 -1.85 14.20 -34.08
C LEU B 254 -1.92 12.98 -34.97
N SER B 255 -1.43 11.85 -34.52
CA SER B 255 -1.56 10.67 -35.36
C SER B 255 -3.02 10.26 -35.55
N VAL B 256 -3.87 10.35 -34.51
CA VAL B 256 -5.29 10.16 -34.80
C VAL B 256 -5.95 11.40 -35.40
N LEU B 257 -5.35 12.58 -35.28
CA LEU B 257 -5.96 13.79 -35.79
C LEU B 257 -5.80 13.90 -37.30
N GLU B 258 -4.72 13.34 -37.83
CA GLU B 258 -4.52 13.39 -39.27
C GLU B 258 -5.67 12.63 -39.99
N ASN B 259 -6.02 11.45 -39.48
CA ASN B 259 -7.00 10.59 -40.14
C ASN B 259 -8.40 11.18 -40.03
N VAL B 260 -8.75 11.69 -38.87
CA VAL B 260 -10.08 12.23 -38.69
C VAL B 260 -10.29 13.45 -39.60
N LEU B 261 -9.29 14.34 -39.65
CA LEU B 261 -9.41 15.53 -40.49
C LEU B 261 -9.41 15.19 -41.97
N ALA B 262 -8.73 14.10 -42.35
CA ALA B 262 -8.70 13.71 -43.76
C ALA B 262 -10.10 13.40 -44.29
N GLN B 263 -10.91 12.73 -43.47
CA GLN B 263 -12.29 12.47 -43.84
C GLN B 263 -13.20 13.68 -43.64
N GLY B 264 -12.63 14.86 -43.41
CA GLY B 264 -13.37 16.11 -43.43
C GLY B 264 -14.16 16.43 -42.17
N ARG B 265 -13.95 15.70 -41.08
CA ARG B 265 -14.67 15.94 -39.84
C ARG B 265 -13.80 16.77 -38.90
N GLN B 266 -14.47 17.53 -38.03
CA GLN B 266 -13.75 18.41 -37.14
C GLN B 266 -13.34 17.67 -35.87
N ALA B 267 -12.50 18.33 -35.06
CA ALA B 267 -12.03 17.73 -33.82
C ALA B 267 -11.82 18.81 -32.78
N LEU B 268 -12.23 18.49 -31.55
CA LEU B 268 -12.08 19.41 -30.39
C LEU B 268 -11.04 18.83 -29.42
N VAL B 269 -9.99 19.60 -29.14
CA VAL B 269 -8.91 19.19 -28.24
C VAL B 269 -8.97 20.13 -27.08
N MET B 270 -8.91 19.61 -25.88
CA MET B 270 -8.94 20.48 -24.68
C MET B 270 -7.74 20.16 -23.79
N VAL B 271 -7.27 21.17 -23.12
CA VAL B 271 -6.07 21.13 -22.28
C VAL B 271 -6.47 21.72 -20.94
N PRO B 272 -5.67 21.53 -19.89
CA PRO B 272 -5.97 22.19 -18.61
C PRO B 272 -5.90 23.70 -18.77
N GLU B 273 -6.39 24.40 -17.73
CA GLU B 273 -6.64 25.84 -17.84
C GLU B 273 -5.40 26.58 -18.33
N ILE B 274 -4.22 26.14 -17.87
CA ILE B 274 -2.92 26.63 -18.30
C ILE B 274 -2.22 25.60 -19.22
N GLY B 275 -2.98 24.74 -19.84
CA GLY B 275 -2.41 23.94 -20.87
C GLY B 275 -2.27 24.61 -22.21
N LEU B 276 -2.43 25.93 -22.29
CA LEU B 276 -2.22 26.58 -23.56
C LEU B 276 -0.75 26.80 -23.81
N THR B 277 0.03 25.75 -23.56
CA THR B 277 1.44 25.75 -23.88
C THR B 277 1.64 26.09 -25.35
N PRO B 278 2.47 27.08 -25.69
CA PRO B 278 2.73 27.33 -27.11
C PRO B 278 3.45 26.19 -27.76
N GLN B 279 4.13 25.37 -26.96
CA GLN B 279 4.65 24.07 -27.36
C GLN B 279 3.57 23.32 -28.13
N THR B 280 2.33 23.38 -27.65
CA THR B 280 1.25 22.74 -28.36
C THR B 280 0.44 23.65 -29.30
N ILE B 281 0.48 24.98 -29.17
CA ILE B 281 -0.30 25.75 -30.15
C ILE B 281 0.23 25.50 -31.56
N ALA B 282 1.56 25.50 -31.72
CA ALA B 282 2.12 25.27 -33.05
C ALA B 282 2.37 23.80 -33.35
N ARG B 283 2.33 22.93 -32.35
CA ARG B 283 2.41 21.50 -32.61
C ARG B 283 1.37 21.06 -33.62
N PHE B 284 0.11 21.43 -33.37
CA PHE B 284 -0.95 21.12 -34.33
C PHE B 284 -1.06 22.16 -35.45
N ARG B 285 -0.60 23.39 -35.23
CA ARG B 285 -0.71 24.40 -36.28
C ARG B 285 0.20 24.05 -37.45
N GLN B 286 1.45 23.69 -37.15
CA GLN B 286 2.42 23.30 -38.16
C GLN B 286 2.34 21.80 -38.48
N ARG B 287 1.49 20.99 -37.85
CA ARG B 287 1.35 19.64 -38.39
C ARG B 287 0.27 19.53 -39.48
N PHE B 288 -0.62 20.53 -39.61
CA PHE B 288 -1.79 20.52 -40.50
C PHE B 288 -2.05 21.82 -41.23
N ASN B 289 -2.44 21.75 -42.52
CA ASN B 289 -2.75 22.95 -43.29
C ASN B 289 -4.23 23.20 -43.12
N ALA B 290 -4.60 23.94 -42.03
CA ALA B 290 -6.04 24.15 -41.78
C ALA B 290 -6.29 25.28 -40.78
N PRO B 291 -7.41 26.01 -40.90
CA PRO B 291 -7.80 27.01 -39.89
C PRO B 291 -8.03 26.36 -38.52
N VAL B 292 -7.26 26.82 -37.54
CA VAL B 292 -7.39 26.41 -36.14
C VAL B 292 -7.45 27.66 -35.27
N GLU B 293 -8.18 27.57 -34.16
CA GLU B 293 -8.32 28.70 -33.24
C GLU B 293 -8.06 28.30 -31.81
N VAL B 294 -7.55 29.26 -31.05
CA VAL B 294 -7.06 29.04 -29.69
C VAL B 294 -8.00 29.79 -28.77
N LEU B 295 -8.71 29.07 -27.91
CA LEU B 295 -9.68 29.73 -27.01
C LEU B 295 -8.95 30.24 -25.77
N HIS B 296 -8.23 31.34 -25.99
CA HIS B 296 -7.45 31.97 -24.96
C HIS B 296 -8.37 32.67 -23.96
N SER B 297 -7.84 32.95 -22.78
CA SER B 297 -8.59 33.72 -21.79
C SER B 297 -8.70 35.19 -22.16
N GLY B 298 -7.93 35.64 -23.15
CA GLY B 298 -7.92 37.06 -23.55
C GLY B 298 -8.60 37.34 -24.87
N LEU B 299 -9.69 36.65 -25.18
CA LEU B 299 -10.43 36.91 -26.45
C LEU B 299 -11.64 37.78 -26.10
N ASN B 300 -11.73 39.00 -26.63
CA ASN B 300 -12.87 39.84 -26.27
C ASN B 300 -14.14 39.27 -26.88
N ASP B 301 -15.25 39.97 -26.64
CA ASP B 301 -16.57 39.42 -26.91
C ASP B 301 -16.78 39.12 -28.38
N SER B 302 -16.38 40.03 -29.27
CA SER B 302 -16.62 39.82 -30.69
C SER B 302 -15.71 38.77 -31.28
N GLU B 303 -14.47 38.66 -30.79
CA GLU B 303 -13.59 37.60 -31.27
C GLU B 303 -14.13 36.23 -30.90
N ARG B 304 -14.64 36.08 -29.67
CA ARG B 304 -15.13 34.78 -29.23
C ARG B 304 -16.37 34.36 -30.03
N LEU B 305 -17.27 35.30 -30.34
CA LEU B 305 -18.42 34.98 -31.20
C LEU B 305 -17.93 34.43 -32.53
N SER B 306 -17.13 35.23 -33.26
CA SER B 306 -16.69 34.81 -34.59
C SER B 306 -16.13 33.40 -34.57
N ALA B 307 -15.27 33.11 -33.58
CA ALA B 307 -14.77 31.75 -33.39
C ALA B 307 -15.91 30.76 -33.18
N TRP B 308 -16.82 31.06 -32.25
CA TRP B 308 -18.05 30.28 -32.10
C TRP B 308 -18.72 30.07 -33.46
N LEU B 309 -18.88 31.14 -34.22
CA LEU B 309 -19.42 31.03 -35.57
C LEU B 309 -18.55 30.15 -36.45
N LYS B 310 -17.23 30.30 -36.35
CA LYS B 310 -16.28 29.62 -37.22
C LYS B 310 -16.12 28.13 -36.92
N ALA B 311 -16.82 27.59 -35.92
CA ALA B 311 -16.87 26.16 -35.67
C ALA B 311 -18.19 25.53 -36.06
N LYS B 312 -19.31 26.25 -35.89
CA LYS B 312 -20.62 25.71 -36.30
C LYS B 312 -20.69 25.50 -37.81
N ASN B 313 -20.26 26.49 -38.58
CA ASN B 313 -20.22 26.42 -40.04
C ASN B 313 -19.54 25.16 -40.58
N GLY B 314 -18.50 24.72 -39.89
CA GLY B 314 -17.72 23.54 -40.30
C GLY B 314 -16.41 23.97 -40.96
N GLU B 315 -16.06 25.24 -40.82
CA GLU B 315 -14.81 25.78 -41.43
C GLU B 315 -13.61 25.37 -40.58
N ALA B 316 -13.59 25.71 -39.29
CA ALA B 316 -12.45 25.35 -38.44
C ALA B 316 -12.30 23.83 -38.42
N ALA B 317 -11.07 23.35 -38.61
CA ALA B 317 -10.81 21.92 -38.58
C ALA B 317 -10.57 21.41 -37.16
N ILE B 318 -9.75 22.10 -36.37
CA ILE B 318 -9.56 21.75 -34.98
C ILE B 318 -9.64 23.01 -34.14
N VAL B 319 -9.94 22.83 -32.86
CA VAL B 319 -10.23 23.94 -31.96
C VAL B 319 -9.68 23.57 -30.58
N ILE B 320 -8.62 24.22 -30.18
CA ILE B 320 -8.01 23.98 -28.89
C ILE B 320 -8.68 24.88 -27.86
N GLY B 321 -8.87 24.35 -26.65
CA GLY B 321 -9.53 25.12 -25.61
C GLY B 321 -9.24 24.56 -24.24
N THR B 322 -9.83 25.22 -23.25
CA THR B 322 -9.81 24.85 -21.85
C THR B 322 -11.19 24.33 -21.46
N ARG B 323 -11.40 24.19 -20.16
CA ARG B 323 -12.64 23.61 -19.61
C ARG B 323 -13.93 24.02 -20.35
N SER B 324 -14.15 25.33 -20.53
CA SER B 324 -15.42 25.74 -21.13
C SER B 324 -15.56 25.30 -22.59
N SER B 325 -14.46 24.98 -23.28
CA SER B 325 -14.50 24.72 -24.71
C SER B 325 -15.32 23.50 -25.12
N LEU B 326 -15.80 22.68 -24.16
CA LEU B 326 -16.59 21.52 -24.55
C LEU B 326 -18.00 21.89 -24.98
N PHE B 327 -18.39 23.16 -24.81
CA PHE B 327 -19.69 23.64 -25.20
C PHE B 327 -19.73 24.23 -26.62
N THR B 328 -18.60 24.22 -27.34
CA THR B 328 -18.60 24.86 -28.65
C THR B 328 -19.46 24.09 -29.64
N PRO B 329 -20.10 24.81 -30.57
CA PRO B 329 -20.92 24.16 -31.60
C PRO B 329 -20.05 23.53 -32.67
N PHE B 330 -20.64 22.62 -33.45
CA PHE B 330 -19.88 21.87 -34.44
C PHE B 330 -20.79 21.34 -35.55
N LYS B 331 -20.23 21.30 -36.77
CA LYS B 331 -20.96 20.76 -37.93
C LYS B 331 -20.96 19.24 -37.93
N ASP B 332 -19.77 18.62 -37.94
CA ASP B 332 -19.66 17.16 -37.78
C ASP B 332 -18.37 16.87 -37.04
N LEU B 333 -18.48 16.17 -35.90
CA LEU B 333 -17.32 15.89 -35.07
C LEU B 333 -16.79 14.47 -35.29
N GLY B 334 -15.47 14.38 -35.34
CA GLY B 334 -14.80 13.12 -35.54
C GLY B 334 -14.18 12.49 -34.29
N VAL B 335 -13.47 13.26 -33.48
CA VAL B 335 -12.95 12.78 -32.21
C VAL B 335 -12.88 13.93 -31.23
N ILE B 336 -12.78 13.60 -29.95
CA ILE B 336 -12.68 14.59 -28.88
C ILE B 336 -11.52 14.14 -28.02
N VAL B 337 -10.44 14.91 -28.09
CA VAL B 337 -9.19 14.63 -27.35
C VAL B 337 -9.16 15.47 -26.08
N ILE B 338 -8.90 14.85 -24.95
CA ILE B 338 -8.87 15.56 -23.67
C ILE B 338 -7.54 15.16 -23.01
N ASP B 339 -6.60 16.09 -22.99
CA ASP B 339 -5.27 15.91 -22.45
C ASP B 339 -5.25 16.15 -20.95
N GLU B 340 -4.36 15.42 -20.26
CA GLU B 340 -4.21 15.50 -18.81
C GLU B 340 -5.56 15.31 -18.11
N GLU B 341 -6.23 14.20 -18.44
CA GLU B 341 -7.57 13.95 -17.91
C GLU B 341 -7.59 13.98 -16.39
N HIS B 342 -6.48 13.56 -15.76
CA HIS B 342 -6.40 13.61 -14.31
C HIS B 342 -6.55 15.02 -13.76
N ASP B 343 -6.34 16.04 -14.58
CA ASP B 343 -6.16 17.38 -14.03
C ASP B 343 -7.47 17.92 -13.45
N SER B 344 -7.33 18.78 -12.45
CA SER B 344 -8.48 19.29 -11.71
C SER B 344 -9.02 20.61 -12.25
N SER B 345 -8.32 21.25 -13.19
CA SER B 345 -8.89 22.44 -13.82
C SER B 345 -10.11 22.10 -14.66
N TYR B 346 -10.29 20.83 -15.06
CA TYR B 346 -11.50 20.38 -15.73
C TYR B 346 -12.68 20.31 -14.80
N LYS B 347 -12.53 20.82 -13.59
CA LYS B 347 -13.61 20.96 -12.63
C LYS B 347 -13.72 22.42 -12.25
N GLN B 348 -14.94 22.95 -12.27
CA GLN B 348 -15.18 24.34 -11.90
C GLN B 348 -15.51 24.44 -10.43
N GLN B 349 -14.95 25.45 -9.78
CA GLN B 349 -15.21 25.70 -8.37
C GLN B 349 -15.77 27.11 -8.17
N GLU B 350 -16.43 27.64 -9.21
CA GLU B 350 -17.13 28.92 -9.13
C GLU B 350 -18.46 28.77 -9.83
N GLY B 351 -19.54 29.06 -9.12
CA GLY B 351 -20.87 28.98 -9.72
C GLY B 351 -21.25 27.55 -10.03
N TRP B 352 -21.54 27.28 -11.30
CA TRP B 352 -21.87 25.95 -11.77
C TRP B 352 -20.64 25.04 -11.64
N ARG B 353 -20.77 23.96 -10.86
CA ARG B 353 -19.64 23.06 -10.60
C ARG B 353 -19.73 21.78 -11.45
N TYR B 354 -19.64 21.94 -12.77
CA TYR B 354 -19.60 20.77 -13.62
C TYR B 354 -18.18 20.24 -13.74
N HIS B 355 -18.06 18.97 -14.14
CA HIS B 355 -16.78 18.39 -14.49
C HIS B 355 -16.72 18.26 -16.01
N ALA B 356 -15.81 19.03 -16.62
CA ALA B 356 -15.71 19.03 -18.08
C ALA B 356 -15.43 17.63 -18.61
N ARG B 357 -14.68 16.80 -17.88
CA ARG B 357 -14.26 15.52 -18.45
C ARG B 357 -15.39 14.50 -18.47
N ASP B 358 -16.19 14.43 -17.41
CA ASP B 358 -17.36 13.57 -17.44
C ASP B 358 -18.36 14.04 -18.50
N LEU B 359 -18.56 15.36 -18.58
CA LEU B 359 -19.52 15.87 -19.56
C LEU B 359 -19.02 15.65 -20.99
N ALA B 360 -17.70 15.74 -21.20
CA ALA B 360 -17.15 15.52 -22.52
C ALA B 360 -17.25 14.04 -22.93
N VAL B 361 -17.29 13.13 -21.97
CA VAL B 361 -17.53 11.74 -22.30
C VAL B 361 -19.01 11.51 -22.64
N TRP B 362 -19.92 12.23 -21.96
CA TRP B 362 -21.33 12.11 -22.28
C TRP B 362 -21.62 12.60 -23.70
N ARG B 363 -21.02 13.74 -24.07
CA ARG B 363 -21.15 14.24 -25.44
C ARG B 363 -20.66 13.20 -26.45
N ALA B 364 -19.55 12.53 -26.13
CA ALA B 364 -19.01 11.53 -27.05
C ALA B 364 -19.95 10.35 -27.21
N HIS B 365 -20.58 9.91 -26.12
CA HIS B 365 -21.62 8.89 -26.22
C HIS B 365 -22.78 9.39 -27.06
N SER B 366 -23.13 10.67 -26.92
CA SER B 366 -24.35 11.18 -27.54
C SER B 366 -24.18 11.35 -29.04
N GLU B 367 -22.97 11.62 -29.51
CA GLU B 367 -22.70 11.72 -30.94
C GLU B 367 -22.10 10.43 -31.51
N GLN B 368 -22.00 9.38 -30.69
CA GLN B 368 -21.44 8.09 -31.10
C GLN B 368 -20.04 8.24 -31.67
N ILE B 369 -19.32 9.20 -31.11
CA ILE B 369 -17.99 9.60 -31.56
C ILE B 369 -16.99 9.12 -30.51
N PRO B 370 -15.79 8.67 -30.88
CA PRO B 370 -14.83 8.25 -29.85
C PRO B 370 -14.30 9.41 -29.03
N ILE B 371 -13.86 9.07 -27.83
CA ILE B 371 -13.16 9.99 -26.93
C ILE B 371 -11.95 9.29 -26.36
N ILE B 372 -10.80 9.94 -26.34
CA ILE B 372 -9.62 9.41 -25.67
C ILE B 372 -9.27 10.38 -24.57
N LEU B 373 -8.89 9.83 -23.43
CA LEU B 373 -8.41 10.56 -22.27
C LEU B 373 -6.92 10.27 -22.13
N GLY B 374 -6.12 11.31 -21.88
CA GLY B 374 -4.69 11.09 -21.84
C GLY B 374 -4.01 11.71 -20.63
N SER B 375 -3.14 10.95 -19.97
CA SER B 375 -2.40 11.38 -18.80
C SER B 375 -1.38 10.32 -18.45
N ALA B 376 -0.29 10.76 -17.81
CA ALA B 376 0.70 9.82 -17.30
C ALA B 376 0.32 9.27 -15.94
N THR B 377 -0.46 10.03 -15.17
CA THR B 377 -0.88 9.64 -13.83
C THR B 377 -2.41 9.61 -13.78
N PRO B 378 -3.03 8.62 -14.44
CA PRO B 378 -4.49 8.65 -14.65
C PRO B 378 -5.28 8.81 -13.37
N ALA B 379 -6.41 9.49 -13.49
CA ALA B 379 -7.33 9.67 -12.37
C ALA B 379 -7.98 8.34 -12.01
N LEU B 380 -8.25 8.15 -10.72
CA LEU B 380 -8.77 6.87 -10.26
C LEU B 380 -10.12 6.55 -10.90
N GLU B 381 -10.98 7.55 -11.03
CA GLU B 381 -12.35 7.30 -11.50
C GLU B 381 -12.36 6.77 -12.93
N THR B 382 -11.43 7.21 -13.78
CA THR B 382 -11.34 6.64 -15.12
C THR B 382 -10.65 5.29 -15.15
N LEU B 383 -9.66 5.08 -14.28
CA LEU B 383 -9.12 3.74 -14.13
C LEU B 383 -10.20 2.78 -13.67
N HIS B 384 -11.04 3.19 -12.72
CA HIS B 384 -12.18 2.38 -12.33
C HIS B 384 -13.10 2.14 -13.53
N ASN B 385 -13.38 3.20 -14.30
CA ASN B 385 -14.18 3.05 -15.51
C ASN B 385 -13.60 1.98 -16.42
N VAL B 386 -12.28 2.02 -16.63
CA VAL B 386 -11.62 1.01 -17.46
C VAL B 386 -11.76 -0.37 -16.85
N ARG B 387 -11.66 -0.46 -15.52
CA ARG B 387 -11.79 -1.75 -14.84
C ARG B 387 -13.20 -2.29 -14.94
N GLN B 388 -14.21 -1.42 -14.91
CA GLN B 388 -15.56 -1.85 -15.21
C GLN B 388 -15.79 -2.03 -16.71
N GLY B 389 -14.83 -1.62 -17.54
CA GLY B 389 -14.89 -1.90 -18.95
C GLY B 389 -15.92 -1.10 -19.73
N LYS B 390 -16.34 0.04 -19.19
CA LYS B 390 -17.05 1.02 -20.00
C LYS B 390 -16.08 1.87 -20.81
N TYR B 391 -14.82 1.91 -20.39
CA TYR B 391 -13.73 2.50 -21.16
C TYR B 391 -12.74 1.39 -21.47
N ARG B 392 -12.25 1.33 -22.71
CA ARG B 392 -11.13 0.45 -22.95
C ARG B 392 -9.83 1.22 -22.75
N GLN B 393 -8.75 0.49 -22.55
CA GLN B 393 -7.46 1.09 -22.20
C GLN B 393 -6.39 0.62 -23.16
N LEU B 394 -5.50 1.55 -23.51
CA LEU B 394 -4.31 1.23 -24.30
C LEU B 394 -3.10 1.93 -23.68
N THR B 395 -1.94 1.24 -23.74
CA THR B 395 -0.69 1.64 -23.07
C THR B 395 0.46 1.99 -24.04
N LEU B 396 1.35 2.81 -23.50
CA LEU B 396 2.61 3.29 -24.14
C LEU B 396 3.73 3.10 -23.12
N SER B 397 4.82 2.42 -23.50
CA SER B 397 5.93 2.13 -22.59
C SER B 397 7.22 2.75 -23.12
N LYS B 398 8.31 2.51 -22.40
CA LYS B 398 9.65 3.00 -22.76
C LYS B 398 9.67 4.51 -22.98
N ALA B 406 17.01 7.09 -11.54
CA ALA B 406 17.01 7.79 -10.26
C ALA B 406 17.26 6.83 -9.10
N GLN B 407 17.81 7.37 -8.00
CA GLN B 407 18.00 6.63 -6.77
C GLN B 407 17.27 7.33 -5.64
N GLN B 408 16.78 6.55 -4.68
CA GLN B 408 15.99 7.12 -3.61
C GLN B 408 16.31 6.46 -2.29
N HIS B 409 15.81 7.08 -1.22
CA HIS B 409 15.90 6.59 0.14
C HIS B 409 14.66 7.06 0.87
N VAL B 410 13.93 6.15 1.51
CA VAL B 410 12.89 6.53 2.44
C VAL B 410 13.44 6.41 3.84
N LEU B 411 13.20 7.43 4.66
CA LEU B 411 13.73 7.50 6.00
C LEU B 411 12.58 7.21 6.97
N ASP B 412 12.76 6.17 7.78
CA ASP B 412 11.82 5.89 8.85
C ASP B 412 12.09 6.87 9.99
N LEU B 413 11.08 7.68 10.33
CA LEU B 413 11.26 8.73 11.32
C LEU B 413 11.04 8.26 12.74
N LYS B 414 10.48 7.07 12.95
CA LYS B 414 10.12 6.65 14.30
C LYS B 414 11.33 6.68 15.24
N GLY B 415 11.18 7.40 16.34
CA GLY B 415 12.25 7.51 17.36
C GLY B 415 13.55 8.02 16.75
N GLN B 416 13.48 9.13 16.03
CA GLN B 416 14.68 9.80 15.49
C GLN B 416 14.63 11.23 16.00
N PRO B 417 15.73 11.80 16.47
CA PRO B 417 15.78 13.16 17.01
C PRO B 417 15.50 14.23 15.95
N LEU B 418 14.26 14.41 15.57
CA LEU B 418 13.90 15.33 14.50
C LEU B 418 14.25 16.77 14.89
N GLN B 419 14.66 17.54 13.89
CA GLN B 419 14.92 18.98 14.03
C GLN B 419 13.86 19.72 13.21
N ALA B 420 12.90 20.33 13.91
CA ALA B 420 11.80 21.08 13.30
C ALA B 420 10.95 20.22 12.38
N GLY B 421 11.05 18.89 12.49
CA GLY B 421 10.30 17.97 11.67
C GLY B 421 11.16 17.19 10.70
N LEU B 422 12.45 17.50 10.63
CA LEU B 422 13.37 16.98 9.63
C LEU B 422 14.26 15.91 10.26
N SER B 423 14.36 14.75 9.61
CA SER B 423 15.34 13.77 10.02
C SER B 423 16.75 14.35 9.86
N PRO B 424 17.68 14.05 10.76
CA PRO B 424 19.03 14.62 10.63
C PRO B 424 19.70 14.21 9.32
N ALA B 425 19.38 13.03 8.79
CA ALA B 425 20.03 12.56 7.58
C ALA B 425 19.54 13.32 6.36
N LEU B 426 18.24 13.64 6.33
CA LEU B 426 17.71 14.49 5.27
C LEU B 426 18.45 15.82 5.22
N ILE B 427 18.81 16.37 6.38
CA ILE B 427 19.55 17.63 6.40
C ILE B 427 20.99 17.41 5.93
N SER B 428 21.60 16.31 6.33
CA SER B 428 22.97 16.05 5.95
C SER B 428 23.10 15.87 4.44
N ARG B 429 22.29 14.97 3.86
CA ARG B 429 22.28 14.79 2.42
C ARG B 429 21.76 16.03 1.70
N MET B 430 21.07 16.92 2.42
CA MET B 430 20.68 18.20 1.85
C MET B 430 21.86 19.16 1.76
N ARG B 431 22.59 19.32 2.88
CA ARG B 431 23.67 20.30 2.91
C ARG B 431 24.76 20.00 1.89
N GLN B 432 25.05 18.71 1.65
CA GLN B 432 26.10 18.38 0.70
C GLN B 432 25.69 18.76 -0.72
N HIS B 433 24.41 18.60 -1.07
CA HIS B 433 23.93 19.09 -2.36
C HIS B 433 24.09 20.60 -2.47
N LEU B 434 23.83 21.32 -1.38
CA LEU B 434 23.98 22.77 -1.39
C LEU B 434 25.43 23.20 -1.40
N GLN B 435 26.33 22.38 -0.84
CA GLN B 435 27.74 22.74 -0.85
C GLN B 435 28.43 22.42 -2.17
N ALA B 436 27.77 21.62 -3.02
CA ALA B 436 28.12 21.55 -4.44
C ALA B 436 27.39 22.61 -5.25
N ASP B 437 26.64 23.50 -4.56
CA ASP B 437 26.00 24.66 -5.18
C ASP B 437 24.88 24.23 -6.14
N ASN B 438 24.06 23.28 -5.69
CA ASN B 438 22.86 22.86 -6.39
C ASN B 438 21.64 23.44 -5.70
N GLN B 439 20.48 22.98 -6.14
CA GLN B 439 19.18 23.44 -5.57
C GLN B 439 18.31 22.23 -5.27
N VAL B 440 17.28 22.41 -4.44
CA VAL B 440 16.37 21.33 -4.09
C VAL B 440 15.00 21.91 -3.80
N ILE B 441 14.00 21.07 -3.87
CA ILE B 441 12.63 21.53 -3.66
C ILE B 441 11.98 20.61 -2.62
N LEU B 442 11.53 21.26 -1.55
CA LEU B 442 10.84 20.60 -0.40
C LEU B 442 9.34 20.65 -0.66
N PHE B 443 8.73 19.47 -0.81
CA PHE B 443 7.28 19.34 -1.05
C PHE B 443 6.56 19.09 0.28
N LEU B 444 5.46 19.77 0.50
CA LEU B 444 4.69 19.65 1.72
C LEU B 444 3.21 19.49 1.38
N ASN B 445 2.37 19.46 2.41
CA ASN B 445 0.94 19.31 2.17
C ASN B 445 0.31 20.68 1.90
N ARG B 446 -0.95 20.69 1.45
CA ARG B 446 -1.65 21.95 1.16
C ARG B 446 -1.53 22.90 2.33
N ARG B 447 -1.12 24.14 2.05
CA ARG B 447 -1.12 25.18 3.08
C ARG B 447 -2.47 25.21 3.78
N GLY B 448 -2.43 25.18 5.11
CA GLY B 448 -3.66 25.01 5.86
C GLY B 448 -4.19 23.59 5.83
N PHE B 449 -3.31 22.61 5.70
CA PHE B 449 -3.73 21.21 5.84
C PHE B 449 -4.15 20.95 7.27
N ALA B 450 -5.12 20.05 7.43
CA ALA B 450 -5.52 19.62 8.76
C ALA B 450 -4.65 18.45 9.17
N PRO B 451 -3.63 18.66 10.00
CA PRO B 451 -2.69 17.58 10.30
C PRO B 451 -3.23 16.63 11.35
N ALA B 452 -2.86 15.37 11.18
CA ALA B 452 -3.20 14.34 12.16
C ALA B 452 -2.07 14.22 13.19
N LEU B 453 -2.33 13.43 14.22
CA LEU B 453 -1.41 13.26 15.32
C LEU B 453 -0.97 11.79 15.37
N LEU B 454 0.30 11.56 15.67
CA LEU B 454 0.78 10.19 15.86
C LEU B 454 1.90 10.14 16.89
N CYS B 455 2.21 8.93 17.34
CA CYS B 455 3.27 8.68 18.31
C CYS B 455 4.61 8.65 17.59
N HIS B 456 5.48 9.62 17.92
CA HIS B 456 6.78 9.73 17.28
C HIS B 456 7.64 8.49 17.46
N ASP B 457 7.37 7.67 18.47
CA ASP B 457 8.21 6.51 18.73
C ASP B 457 7.62 5.20 18.23
N CYS B 458 6.29 5.05 18.27
CA CYS B 458 5.72 3.73 18.04
C CYS B 458 4.82 3.67 16.80
N GLY B 459 4.49 4.80 16.19
CA GLY B 459 3.75 4.83 14.95
C GLY B 459 2.27 5.07 15.12
N TRP B 460 1.74 4.86 16.32
CA TRP B 460 0.30 4.92 16.53
C TRP B 460 -0.23 6.29 16.13
N ILE B 461 -1.21 6.29 15.23
CA ILE B 461 -1.87 7.52 14.79
C ILE B 461 -3.19 7.61 15.53
N ALA B 462 -3.60 8.84 15.83
CA ALA B 462 -4.81 9.10 16.60
C ALA B 462 -6.04 9.02 15.69
N GLU B 463 -6.88 8.01 15.92
CA GLU B 463 -8.09 7.78 15.14
C GLU B 463 -9.33 8.10 15.95
N CYS B 464 -10.43 8.29 15.24
CA CYS B 464 -11.72 8.32 15.88
C CYS B 464 -12.23 6.89 16.10
N PRO B 465 -12.83 6.61 17.26
CA PRO B 465 -13.42 5.28 17.48
C PRO B 465 -14.87 5.15 17.03
N ARG B 466 -15.54 6.26 16.75
CA ARG B 466 -16.94 6.23 16.34
C ARG B 466 -17.10 6.05 14.83
N CYS B 467 -16.29 6.74 14.03
CA CYS B 467 -16.33 6.62 12.57
C CYS B 467 -15.07 6.03 11.99
N ASP B 468 -14.09 5.65 12.82
CA ASP B 468 -12.88 4.95 12.41
C ASP B 468 -12.06 5.72 11.38
N SER B 469 -12.31 7.01 11.21
CA SER B 469 -11.47 7.81 10.34
C SER B 469 -10.37 8.48 11.19
N TYR B 470 -9.57 9.32 10.56
CA TYR B 470 -8.36 9.85 11.17
C TYR B 470 -8.64 11.20 11.81
N TYR B 471 -8.41 11.29 13.12
CA TYR B 471 -8.52 12.56 13.82
C TYR B 471 -7.60 13.58 13.18
N THR B 472 -7.89 14.84 13.44
CA THR B 472 -7.02 15.92 13.00
C THR B 472 -6.75 16.84 14.20
N LEU B 473 -5.57 17.47 14.20
CA LEU B 473 -5.05 18.17 15.39
C LEU B 473 -5.01 19.67 15.11
N HIS B 474 -5.77 20.47 15.86
CA HIS B 474 -5.68 21.93 15.78
C HIS B 474 -4.96 22.41 17.04
N GLN B 475 -3.69 22.76 16.88
CA GLN B 475 -2.89 23.19 18.02
C GLN B 475 -3.34 24.55 18.53
N ALA B 476 -3.85 25.40 17.62
CA ALA B 476 -4.22 26.76 18.00
C ALA B 476 -5.32 26.78 19.05
N GLN B 477 -6.19 25.77 19.06
CA GLN B 477 -7.35 25.77 19.96
C GLN B 477 -7.35 24.60 20.94
N HIS B 478 -6.27 23.82 21.00
CA HIS B 478 -6.06 22.80 22.03
C HIS B 478 -7.17 21.75 22.02
N HIS B 479 -7.28 21.02 20.91
CA HIS B 479 -8.32 19.99 20.75
C HIS B 479 -8.05 19.23 19.47
N LEU B 480 -8.87 18.20 19.24
CA LEU B 480 -8.80 17.42 18.00
C LEU B 480 -10.20 17.20 17.46
N ARG B 481 -10.53 17.92 16.40
CA ARG B 481 -11.81 17.75 15.73
C ARG B 481 -11.72 16.57 14.77
N CYS B 482 -12.73 15.71 14.79
CA CYS B 482 -12.87 14.72 13.74
C CYS B 482 -13.58 15.34 12.55
N HIS B 483 -13.12 15.00 11.35
CA HIS B 483 -13.70 15.55 10.14
C HIS B 483 -14.82 14.69 9.57
N HIS B 484 -15.02 13.49 10.09
CA HIS B 484 -16.05 12.60 9.57
C HIS B 484 -17.35 12.70 10.36
N CYS B 485 -17.27 12.95 11.67
CA CYS B 485 -18.46 13.00 12.51
C CYS B 485 -18.49 14.20 13.45
N ASP B 486 -17.52 15.11 13.34
CA ASP B 486 -17.46 16.33 14.16
C ASP B 486 -17.35 16.00 15.65
N SER B 487 -16.32 15.22 16.01
CA SER B 487 -15.97 14.98 17.40
C SER B 487 -14.95 16.02 17.83
N GLN B 488 -14.92 16.34 19.13
CA GLN B 488 -13.89 17.21 19.67
C GLN B 488 -13.34 16.58 20.94
N ARG B 489 -12.14 16.00 20.83
CA ARG B 489 -11.45 15.35 21.92
C ARG B 489 -10.21 16.14 22.32
N PRO B 490 -9.75 16.00 23.55
CA PRO B 490 -8.50 16.66 23.96
C PRO B 490 -7.28 15.85 23.54
N ILE B 491 -6.16 16.56 23.40
CA ILE B 491 -4.92 15.95 22.92
C ILE B 491 -4.41 14.94 23.94
N PRO B 492 -4.31 13.66 23.59
CA PRO B 492 -3.92 12.64 24.56
C PRO B 492 -2.56 12.95 25.16
N ARG B 493 -2.47 12.80 26.48
CA ARG B 493 -1.21 13.08 27.16
C ARG B 493 -0.13 12.07 26.77
N GLN B 494 -0.52 10.83 26.46
CA GLN B 494 0.46 9.81 26.09
C GLN B 494 -0.19 8.77 25.17
N CYS B 495 0.64 8.16 24.33
CA CYS B 495 0.21 7.16 23.35
C CYS B 495 -0.45 5.98 24.06
N PRO B 496 -1.73 5.70 23.79
CA PRO B 496 -2.40 4.57 24.44
C PRO B 496 -1.87 3.21 24.02
N SER B 497 -0.88 3.16 23.14
CA SER B 497 -0.41 1.90 22.58
C SER B 497 0.94 1.48 23.12
N CYS B 498 1.85 2.43 23.31
CA CYS B 498 3.17 2.17 23.85
C CYS B 498 3.52 3.04 25.05
N GLY B 499 2.80 4.14 25.29
CA GLY B 499 3.03 4.98 26.43
C GLY B 499 3.94 6.17 26.19
N SER B 500 4.43 6.36 24.96
CA SER B 500 5.36 7.44 24.68
C SER B 500 4.68 8.79 24.91
N THR B 501 5.37 9.66 25.64
CA THR B 501 4.92 11.01 25.90
C THR B 501 5.29 11.98 24.77
N HIS B 502 5.65 11.45 23.60
CA HIS B 502 6.04 12.26 22.44
C HIS B 502 5.08 11.93 21.31
N LEU B 503 4.12 12.81 21.07
CA LEU B 503 3.15 12.64 19.98
C LEU B 503 3.09 13.94 19.18
N VAL B 504 3.79 13.95 18.05
CA VAL B 504 3.95 15.16 17.25
C VAL B 504 2.95 15.14 16.09
N PRO B 505 2.74 16.26 15.37
CA PRO B 505 1.85 16.22 14.20
C PRO B 505 2.46 15.53 13.00
N VAL B 506 1.79 15.56 11.86
CA VAL B 506 2.31 14.97 10.62
C VAL B 506 2.54 16.11 9.64
N GLY B 507 3.80 16.52 9.49
CA GLY B 507 4.14 17.40 8.40
C GLY B 507 3.69 18.84 8.52
N ILE B 508 4.30 19.60 9.45
CA ILE B 508 4.06 21.04 9.50
C ILE B 508 4.45 21.66 8.18
N GLY B 509 3.68 22.65 7.74
CA GLY B 509 3.88 23.29 6.46
C GLY B 509 4.80 24.48 6.47
N THR B 510 4.47 25.50 5.71
CA THR B 510 5.33 26.68 5.59
C THR B 510 5.31 27.56 6.80
N GLU B 511 4.66 27.11 7.88
CA GLU B 511 4.50 27.92 9.08
C GLU B 511 5.82 27.96 9.82
N GLN B 512 6.66 28.94 9.47
CA GLN B 512 8.00 29.12 10.02
C GLN B 512 8.92 27.93 9.78
N LEU B 513 8.57 27.06 8.81
CA LEU B 513 9.50 25.98 8.41
C LEU B 513 10.76 26.69 7.89
N GLU B 514 10.55 27.67 7.00
CA GLU B 514 11.67 28.50 6.55
C GLU B 514 12.46 29.04 7.73
N GLN B 515 11.76 29.57 8.73
CA GLN B 515 12.43 30.07 9.94
C GLN B 515 13.34 29.01 10.53
N ALA B 516 12.86 27.77 10.61
CA ALA B 516 13.70 26.69 11.11
C ALA B 516 14.95 26.51 10.25
N LEU B 517 14.84 26.65 8.91
CA LEU B 517 16.02 26.39 8.06
C LEU B 517 16.98 27.54 8.01
N ALA B 518 16.50 28.76 8.23
CA ALA B 518 17.33 29.94 8.04
C ALA B 518 18.65 29.80 8.78
N PRO B 519 18.65 29.54 10.10
CA PRO B 519 19.94 29.40 10.77
C PRO B 519 20.64 28.09 10.46
N LEU B 520 19.89 27.02 10.20
CA LEU B 520 20.51 25.78 9.77
C LEU B 520 21.29 25.98 8.47
N PHE B 521 20.75 26.80 7.57
CA PHE B 521 21.36 27.04 6.26
C PHE B 521 21.56 28.52 6.04
N PRO B 522 22.73 29.04 6.36
CA PRO B 522 23.02 30.45 6.12
C PRO B 522 23.42 30.69 4.66
N GLU B 523 23.24 31.94 4.25
CA GLU B 523 23.66 32.39 2.92
C GLU B 523 23.01 31.56 1.80
N VAL B 524 21.71 31.33 1.92
CA VAL B 524 20.96 30.70 0.85
C VAL B 524 19.59 31.37 0.79
N PRO B 525 19.26 32.01 -0.33
CA PRO B 525 17.92 32.56 -0.49
C PRO B 525 16.90 31.45 -0.79
N ILE B 526 15.77 31.52 -0.11
CA ILE B 526 14.69 30.50 -0.27
C ILE B 526 13.37 31.22 -0.53
N SER B 527 12.44 30.55 -1.20
CA SER B 527 11.13 31.12 -1.53
C SER B 527 10.20 30.04 -2.06
N ARG B 528 8.89 30.29 -1.99
CA ARG B 528 7.88 29.33 -2.41
C ARG B 528 7.60 29.43 -3.91
N ILE B 529 6.85 28.44 -4.42
CA ILE B 529 6.44 28.42 -5.82
C ILE B 529 5.21 29.28 -6.04
N ARG B 549 22.16 32.05 -16.08
CA ARG B 549 21.77 30.79 -15.46
C ARG B 549 22.74 30.40 -14.35
N GLY B 550 22.49 30.89 -13.14
CA GLY B 550 23.27 30.51 -11.97
C GLY B 550 22.42 30.63 -10.73
N GLY B 551 22.93 30.05 -9.64
CA GLY B 551 22.28 30.15 -8.34
C GLY B 551 21.93 28.85 -7.64
N ALA B 552 22.37 28.71 -6.38
CA ALA B 552 22.05 27.58 -5.50
C ALA B 552 21.18 28.06 -4.35
N ARG B 553 19.90 27.69 -4.40
CA ARG B 553 18.93 28.13 -3.43
C ARG B 553 18.14 26.93 -2.95
N ILE B 554 17.38 27.08 -1.87
CA ILE B 554 16.44 26.04 -1.45
C ILE B 554 15.10 26.48 -1.99
N LEU B 555 14.41 25.63 -2.74
CA LEU B 555 13.07 25.99 -3.18
C LEU B 555 12.06 25.13 -2.44
N ILE B 556 10.89 25.69 -2.15
CA ILE B 556 9.87 24.99 -1.38
C ILE B 556 8.59 24.96 -2.19
N GLY B 557 8.08 23.75 -2.45
CA GLY B 557 6.87 23.56 -3.22
C GLY B 557 5.79 22.92 -2.36
N THR B 558 4.58 22.85 -2.92
CA THR B 558 3.43 22.39 -2.15
C THR B 558 2.52 21.41 -2.88
N GLN B 559 2.64 21.25 -4.19
CA GLN B 559 1.97 20.16 -4.90
C GLN B 559 2.50 20.10 -6.33
N MET B 560 1.87 19.24 -7.14
CA MET B 560 2.29 18.95 -8.51
C MET B 560 2.61 20.21 -9.30
N LEU B 561 3.58 20.09 -10.21
CA LEU B 561 3.92 21.15 -11.15
C LEU B 561 3.16 20.94 -12.44
N ALA B 562 2.96 22.03 -13.18
CA ALA B 562 2.36 21.92 -14.51
C ALA B 562 3.32 21.20 -15.44
N LYS B 563 2.75 20.37 -16.32
CA LYS B 563 3.58 19.57 -17.22
C LYS B 563 4.62 20.42 -17.94
N GLY B 564 4.25 21.62 -18.35
CA GLY B 564 5.19 22.56 -18.92
C GLY B 564 5.84 23.43 -17.87
N HIS B 565 6.58 22.80 -16.97
CA HIS B 565 7.29 23.49 -15.89
C HIS B 565 8.35 22.53 -15.37
N HIS B 566 9.61 22.92 -15.44
CA HIS B 566 10.68 22.08 -14.97
C HIS B 566 11.81 22.95 -14.43
N PHE B 567 12.39 22.52 -13.31
CA PHE B 567 13.59 23.13 -12.76
C PHE B 567 14.77 22.23 -13.10
N PRO B 568 15.59 22.63 -14.09
CA PRO B 568 16.76 21.87 -14.53
C PRO B 568 17.92 22.02 -13.53
N ASP B 569 17.80 22.93 -12.57
CA ASP B 569 18.88 23.15 -11.56
C ASP B 569 18.46 22.49 -10.24
N VAL B 570 17.94 21.26 -10.29
CA VAL B 570 17.52 20.54 -9.06
C VAL B 570 18.03 19.09 -9.14
N THR B 571 18.85 18.68 -8.18
CA THR B 571 19.39 17.33 -8.17
C THR B 571 18.83 16.46 -7.06
N LEU B 572 18.36 17.05 -5.96
CA LEU B 572 17.75 16.32 -4.86
C LEU B 572 16.32 16.82 -4.67
N VAL B 573 15.39 15.89 -4.43
CA VAL B 573 13.98 16.20 -4.19
C VAL B 573 13.53 15.47 -2.94
N SER B 574 12.96 16.21 -1.99
CA SER B 574 12.59 15.70 -0.68
C SER B 574 11.08 15.84 -0.53
N LEU B 575 10.40 14.75 -0.15
CA LEU B 575 8.94 14.76 0.00
C LEU B 575 8.60 14.62 1.49
N LEU B 576 8.23 15.74 2.12
CA LEU B 576 7.85 15.80 3.54
C LEU B 576 6.37 15.59 3.74
N ASP B 577 5.66 15.12 2.72
CA ASP B 577 4.20 15.13 2.75
C ASP B 577 3.63 13.72 2.72
N VAL B 578 4.47 12.71 2.96
CA VAL B 578 3.98 11.34 2.96
C VAL B 578 2.99 11.13 4.11
N ASP B 579 3.47 11.24 5.36
CA ASP B 579 2.59 11.07 6.52
C ASP B 579 1.31 11.88 6.34
N GLY B 580 1.43 13.13 5.90
CA GLY B 580 0.24 13.95 5.70
C GLY B 580 -0.72 13.37 4.67
N ALA B 581 -0.19 12.85 3.57
CA ALA B 581 -1.04 12.27 2.54
C ALA B 581 -1.80 11.05 3.05
N LEU B 582 -1.09 10.08 3.63
CA LEU B 582 -1.76 8.81 3.88
C LEU B 582 -2.68 8.86 5.09
N PHE B 583 -2.44 9.79 6.02
CA PHE B 583 -3.23 9.85 7.25
C PHE B 583 -4.10 11.11 7.30
N SER B 584 -4.71 11.45 6.16
CA SER B 584 -5.37 12.72 5.96
C SER B 584 -6.87 12.62 6.18
N ALA B 585 -7.48 13.76 6.53
CA ALA B 585 -8.94 13.85 6.57
C ALA B 585 -9.53 13.70 5.17
N ASP B 586 -8.78 14.09 4.14
CA ASP B 586 -9.22 14.01 2.76
C ASP B 586 -8.77 12.67 2.18
N PHE B 587 -9.74 11.86 1.74
CA PHE B 587 -9.42 10.50 1.31
C PHE B 587 -8.77 10.43 -0.07
N ARG B 588 -8.61 11.56 -0.75
CA ARG B 588 -7.92 11.62 -2.04
C ARG B 588 -6.48 12.09 -1.90
N SER B 589 -6.02 12.37 -0.68
CA SER B 589 -4.64 12.82 -0.51
C SER B 589 -3.65 11.77 -0.99
N ALA B 590 -4.00 10.48 -0.86
CA ALA B 590 -3.11 9.41 -1.30
C ALA B 590 -2.97 9.42 -2.81
N GLU B 591 -4.09 9.52 -3.53
CA GLU B 591 -4.04 9.65 -4.99
C GLU B 591 -3.25 10.89 -5.38
N ARG B 592 -3.52 12.01 -4.70
CA ARG B 592 -2.82 13.25 -5.05
C ARG B 592 -1.32 13.11 -4.85
N PHE B 593 -0.90 12.47 -3.75
CA PHE B 593 0.52 12.31 -3.47
C PHE B 593 1.18 11.38 -4.47
N ALA B 594 0.53 10.25 -4.77
CA ALA B 594 1.08 9.29 -5.72
C ALA B 594 1.40 9.97 -7.05
N GLN B 595 0.44 10.72 -7.59
CA GLN B 595 0.68 11.44 -8.84
C GLN B 595 1.84 12.41 -8.69
N LEU B 596 1.83 13.22 -7.62
CA LEU B 596 2.97 14.09 -7.37
C LEU B 596 4.26 13.28 -7.36
N TYR B 597 4.28 12.14 -6.68
CA TYR B 597 5.49 11.32 -6.64
C TYR B 597 5.86 10.82 -8.02
N THR B 598 4.91 10.19 -8.72
CA THR B 598 5.20 9.67 -10.06
C THR B 598 5.78 10.76 -10.95
N GLN B 599 5.24 11.98 -10.87
CA GLN B 599 5.77 13.07 -11.65
C GLN B 599 7.22 13.37 -11.29
N VAL B 600 7.47 13.66 -10.00
CA VAL B 600 8.79 14.13 -9.58
C VAL B 600 9.84 13.02 -9.69
N SER B 601 9.43 11.76 -9.59
CA SER B 601 10.37 10.65 -9.72
C SER B 601 10.82 10.49 -11.15
N GLY B 602 9.90 10.66 -12.10
CA GLY B 602 10.24 10.55 -13.50
C GLY B 602 11.19 11.65 -13.95
N ARG B 603 10.98 12.85 -13.41
CA ARG B 603 11.85 14.01 -13.74
C ARG B 603 13.20 13.85 -13.04
N ALA B 604 13.31 12.97 -12.04
CA ALA B 604 14.58 12.78 -11.34
C ALA B 604 15.54 12.10 -12.31
N GLY B 605 16.13 12.90 -13.18
CA GLY B 605 17.11 12.41 -14.13
C GLY B 605 16.57 11.51 -15.21
N ARG B 606 15.77 12.07 -16.11
CA ARG B 606 15.22 11.29 -17.22
C ARG B 606 16.33 10.67 -18.05
N ALA B 607 17.18 11.51 -18.66
CA ALA B 607 18.31 11.04 -19.45
C ALA B 607 19.48 12.01 -19.23
N GLY B 608 20.34 11.66 -18.28
CA GLY B 608 21.59 12.38 -18.08
C GLY B 608 21.67 13.31 -16.89
N LYS B 609 20.72 13.24 -15.95
CA LYS B 609 20.72 14.12 -14.78
C LYS B 609 20.75 13.25 -13.52
N GLN B 610 21.95 12.93 -13.04
CA GLN B 610 22.05 12.05 -11.89
C GLN B 610 21.39 12.70 -10.67
N GLY B 611 20.20 12.22 -10.31
CA GLY B 611 19.38 12.87 -9.31
C GLY B 611 18.97 11.92 -8.21
N GLU B 612 18.47 12.51 -7.13
CA GLU B 612 18.20 11.79 -5.89
C GLU B 612 16.92 12.31 -5.26
N VAL B 613 16.07 11.39 -4.83
CA VAL B 613 14.81 11.75 -4.19
C VAL B 613 14.70 10.96 -2.89
N ILE B 614 14.37 11.62 -1.80
CA ILE B 614 14.19 10.91 -0.56
C ILE B 614 12.86 11.30 0.05
N LEU B 615 12.26 10.33 0.74
CA LEU B 615 10.94 10.46 1.34
C LEU B 615 11.02 10.24 2.84
N GLN B 616 10.29 11.04 3.61
CA GLN B 616 10.28 10.94 5.06
C GLN B 616 8.93 10.40 5.51
N THR B 617 8.96 9.38 6.37
CA THR B 617 7.68 8.89 6.90
C THR B 617 7.89 8.13 8.20
N HIS B 618 6.84 8.13 9.02
CA HIS B 618 6.79 7.24 10.18
C HIS B 618 6.30 5.85 9.81
N HIS B 619 5.73 5.67 8.62
CA HIS B 619 5.16 4.39 8.20
C HIS B 619 5.64 3.99 6.82
N PRO B 620 6.95 3.73 6.66
CA PRO B 620 7.46 3.27 5.36
C PRO B 620 6.88 1.93 4.93
N GLU B 621 6.25 1.18 5.83
CA GLU B 621 5.72 -0.15 5.55
C GLU B 621 4.29 -0.12 5.08
N HIS B 622 3.71 1.05 5.01
CA HIS B 622 2.30 1.21 4.55
C HIS B 622 2.06 0.37 3.31
N PRO B 623 1.02 -0.42 3.29
CA PRO B 623 0.90 -1.30 2.10
C PRO B 623 0.92 -0.60 0.73
N LEU B 624 0.11 0.47 0.58
CA LEU B 624 -0.04 1.14 -0.71
C LEU B 624 1.25 1.78 -1.16
N LEU B 625 1.82 2.51 -0.24
CA LEU B 625 3.07 3.29 -0.44
C LEU B 625 4.12 2.37 -1.02
N GLN B 626 4.14 1.15 -0.56
CA GLN B 626 5.12 0.19 -1.03
C GLN B 626 4.79 -0.26 -2.45
N THR B 627 3.52 -0.61 -2.70
CA THR B 627 3.07 -0.83 -4.07
C THR B 627 3.41 0.37 -4.94
N LEU B 628 3.29 1.57 -4.38
CA LEU B 628 3.65 2.79 -5.11
C LEU B 628 5.13 2.80 -5.48
N LEU B 629 6.01 2.55 -4.51
CA LEU B 629 7.44 2.75 -4.72
C LEU B 629 8.07 1.68 -5.60
N TYR B 630 7.53 0.46 -5.62
CA TYR B 630 8.21 -0.67 -6.26
C TYR B 630 7.47 -1.24 -7.45
N LYS B 631 6.15 -1.33 -7.39
CA LYS B 631 5.38 -1.81 -8.54
C LYS B 631 5.05 -0.67 -9.50
N GLY B 632 4.45 0.41 -9.01
CA GLY B 632 4.26 1.60 -9.81
C GLY B 632 2.86 2.16 -9.68
N TYR B 633 2.62 3.25 -10.42
CA TYR B 633 1.38 4.00 -10.25
C TYR B 633 0.15 3.19 -10.60
N ASP B 634 0.25 2.35 -11.63
CA ASP B 634 -0.89 1.53 -12.01
C ASP B 634 -1.27 0.57 -10.90
N ALA B 635 -0.28 -0.10 -10.31
CA ALA B 635 -0.55 -1.04 -9.22
C ALA B 635 -1.06 -0.32 -7.99
N PHE B 636 -0.47 0.83 -7.66
CA PHE B 636 -1.01 1.65 -6.57
C PHE B 636 -2.49 1.94 -6.78
N ALA B 637 -2.85 2.31 -8.01
CA ALA B 637 -4.23 2.66 -8.30
C ALA B 637 -5.18 1.49 -8.07
N GLU B 638 -4.83 0.31 -8.60
CA GLU B 638 -5.70 -0.85 -8.44
C GLU B 638 -5.92 -1.16 -6.97
N GLN B 639 -4.88 -1.06 -6.15
CA GLN B 639 -5.02 -1.37 -4.74
C GLN B 639 -5.82 -0.29 -4.02
N ALA B 640 -5.48 0.98 -4.28
CA ALA B 640 -6.24 2.07 -3.67
C ALA B 640 -7.71 2.00 -4.04
N LEU B 641 -8.01 1.60 -5.29
CA LEU B 641 -9.40 1.44 -5.70
C LEU B 641 -10.10 0.34 -4.89
N ALA B 642 -9.43 -0.80 -4.73
CA ALA B 642 -9.98 -1.84 -3.86
C ALA B 642 -10.23 -1.31 -2.46
N GLU B 643 -9.36 -0.42 -1.98
CA GLU B 643 -9.57 0.17 -0.67
C GLU B 643 -10.81 1.07 -0.67
N ARG B 644 -10.95 1.91 -1.69
CA ARG B 644 -12.09 2.83 -1.75
C ARG B 644 -13.41 2.08 -1.65
N GLN B 645 -13.56 0.99 -2.41
CA GLN B 645 -14.77 0.18 -2.31
C GLN B 645 -14.98 -0.32 -0.89
N THR B 646 -13.92 -0.80 -0.25
CA THR B 646 -14.04 -1.30 1.13
C THR B 646 -14.57 -0.21 2.05
N MET B 647 -13.95 0.96 2.04
CA MET B 647 -14.43 2.07 2.86
C MET B 647 -15.69 2.72 2.30
N GLN B 648 -16.22 2.22 1.17
CA GLN B 648 -17.47 2.69 0.59
C GLN B 648 -17.37 4.16 0.19
N LEU B 649 -16.38 4.45 -0.64
CA LEU B 649 -16.09 5.79 -1.10
C LEU B 649 -16.13 5.86 -2.62
N PRO B 650 -16.27 7.05 -3.19
CA PRO B 650 -16.18 7.19 -4.64
C PRO B 650 -14.79 6.72 -5.12
N PRO B 651 -14.72 6.16 -6.32
CA PRO B 651 -15.79 6.00 -7.32
C PRO B 651 -16.68 4.78 -7.13
N TRP B 652 -16.90 4.34 -5.89
CA TRP B 652 -17.79 3.22 -5.63
C TRP B 652 -19.11 3.63 -5.00
N THR B 653 -19.14 4.72 -4.25
CA THR B 653 -20.36 5.41 -3.87
C THR B 653 -20.37 6.77 -4.55
N SER B 654 -21.43 7.54 -4.28
CA SER B 654 -21.57 8.87 -4.86
C SER B 654 -21.69 9.89 -3.74
N HIS B 655 -21.00 11.01 -3.92
CA HIS B 655 -20.91 12.07 -2.93
C HIS B 655 -21.49 13.36 -3.48
N VAL B 656 -22.15 14.12 -2.60
CA VAL B 656 -22.56 15.49 -2.87
C VAL B 656 -22.30 16.30 -1.60
N LEU B 657 -21.64 17.45 -1.75
CA LEU B 657 -21.36 18.37 -0.66
C LEU B 657 -22.35 19.52 -0.68
N ILE B 658 -22.78 19.95 0.49
CA ILE B 658 -23.52 21.21 0.64
C ILE B 658 -22.65 22.11 1.49
N ARG B 659 -21.96 23.07 0.84
CA ARG B 659 -21.08 24.01 1.52
C ARG B 659 -21.81 25.29 1.88
N ALA B 660 -21.64 25.73 3.12
CA ALA B 660 -22.19 27.00 3.57
C ALA B 660 -21.08 27.82 4.20
N GLU B 661 -21.26 29.12 4.19
CA GLU B 661 -20.17 30.02 4.55
C GLU B 661 -20.74 31.33 5.09
N ASP B 662 -20.25 31.74 6.26
CA ASP B 662 -20.74 32.92 6.94
C ASP B 662 -19.57 33.80 7.36
N HIS B 663 -19.90 34.89 8.04
CA HIS B 663 -18.91 35.88 8.48
C HIS B 663 -18.66 35.84 9.98
N ASN B 664 -19.32 34.98 10.75
CA ASN B 664 -19.08 35.00 12.19
C ASN B 664 -19.00 33.63 12.86
N ASN B 665 -18.98 32.53 12.09
CA ASN B 665 -18.89 31.16 12.60
C ASN B 665 -20.14 30.73 13.40
N GLN B 666 -21.30 31.38 13.19
CA GLN B 666 -22.56 30.91 13.81
C GLN B 666 -23.65 30.58 12.80
N GLN B 667 -23.82 31.39 11.74
CA GLN B 667 -24.91 31.14 10.79
C GLN B 667 -24.70 29.87 9.96
N ALA B 668 -23.53 29.75 9.28
CA ALA B 668 -23.18 28.54 8.53
C ALA B 668 -23.41 27.26 9.33
N PRO B 669 -22.75 27.04 10.48
CA PRO B 669 -22.97 25.78 11.20
C PRO B 669 -24.41 25.61 11.65
N LEU B 670 -25.20 26.69 11.75
CA LEU B 670 -26.60 26.56 12.15
C LEU B 670 -27.50 26.21 10.98
N PHE B 671 -27.27 26.85 9.83
CA PHE B 671 -28.08 26.58 8.66
C PHE B 671 -27.98 25.11 8.27
N LEU B 672 -26.80 24.49 8.44
CA LEU B 672 -26.71 23.10 8.05
C LEU B 672 -27.19 22.16 9.15
N GLN B 673 -27.12 22.60 10.42
CA GLN B 673 -27.70 21.80 11.50
C GLN B 673 -29.20 21.61 11.33
N GLN B 674 -29.88 22.69 10.96
CA GLN B 674 -31.35 22.65 10.75
C GLN B 674 -31.67 21.79 9.53
N LEU B 675 -30.95 21.97 8.42
CA LEU B 675 -31.21 21.19 7.21
C LEU B 675 -30.86 19.73 7.42
N ARG B 676 -29.81 19.47 8.18
CA ARG B 676 -29.51 18.12 8.67
C ARG B 676 -30.74 17.45 9.24
N ASN B 677 -31.33 18.05 10.27
CA ASN B 677 -32.46 17.40 10.92
C ASN B 677 -33.69 17.41 10.02
N LEU B 678 -33.84 18.43 9.18
CA LEU B 678 -34.99 18.48 8.28
C LEU B 678 -34.92 17.38 7.23
N LEU B 679 -33.72 17.08 6.73
CA LEU B 679 -33.58 15.99 5.77
C LEU B 679 -33.69 14.64 6.47
N GLN B 680 -33.11 14.52 7.66
CA GLN B 680 -33.11 13.24 8.38
C GLN B 680 -34.52 12.77 8.71
N ALA B 681 -35.47 13.71 8.84
CA ALA B 681 -36.84 13.39 9.22
C ALA B 681 -37.79 13.36 8.02
N SER B 682 -37.26 13.22 6.81
CA SER B 682 -38.05 13.24 5.60
C SER B 682 -38.23 11.84 5.05
N PRO B 683 -39.17 11.65 4.11
CA PRO B 683 -39.24 10.37 3.37
C PRO B 683 -38.12 10.25 2.34
N LEU B 684 -37.17 11.19 2.39
CA LEU B 684 -35.98 11.17 1.54
C LEU B 684 -34.82 10.45 2.21
N ALA B 685 -35.07 9.67 3.24
CA ALA B 685 -34.03 8.98 4.00
C ALA B 685 -34.09 7.50 3.65
N ASP B 686 -33.28 7.10 2.68
CA ASP B 686 -33.09 5.69 2.39
C ASP B 686 -32.22 5.07 3.47
N GLU B 687 -32.29 3.75 3.59
CA GLU B 687 -31.46 3.06 4.58
C GLU B 687 -29.98 3.24 4.27
N LYS B 688 -29.63 3.30 2.99
CA LYS B 688 -28.24 3.34 2.54
C LYS B 688 -27.71 4.76 2.37
N LEU B 689 -28.47 5.78 2.76
CA LEU B 689 -28.06 7.17 2.55
C LEU B 689 -27.36 7.70 3.80
N TRP B 690 -26.05 7.88 3.75
CA TRP B 690 -25.30 8.46 4.85
C TRP B 690 -25.27 9.97 4.71
N VAL B 691 -25.35 10.66 5.84
CA VAL B 691 -25.34 12.12 5.86
C VAL B 691 -24.52 12.58 7.05
N LEU B 692 -23.42 13.27 6.77
CA LEU B 692 -22.38 13.57 7.74
C LEU B 692 -22.14 15.07 7.80
N GLY B 693 -21.98 15.59 9.02
CA GLY B 693 -21.75 17.00 9.23
C GLY B 693 -22.86 17.58 10.07
N PRO B 694 -22.82 18.90 10.35
CA PRO B 694 -21.90 19.95 9.91
C PRO B 694 -20.49 19.86 10.48
N VAL B 695 -19.51 19.78 9.61
CA VAL B 695 -18.11 19.71 10.06
C VAL B 695 -17.33 20.74 9.24
N PRO B 696 -16.41 21.48 9.86
CA PRO B 696 -15.77 22.60 9.17
C PRO B 696 -15.03 22.15 7.92
N ALA B 697 -15.03 23.03 6.93
CA ALA B 697 -14.23 22.79 5.73
C ALA B 697 -12.75 22.78 6.10
N LEU B 698 -11.98 21.99 5.35
CA LEU B 698 -10.55 21.94 5.63
C LEU B 698 -9.84 23.24 5.26
N ALA B 699 -10.49 24.14 4.53
CA ALA B 699 -10.10 25.53 4.41
C ALA B 699 -11.08 26.37 5.22
N PRO B 700 -10.86 26.55 6.53
CA PRO B 700 -11.89 27.17 7.39
C PRO B 700 -12.20 28.62 7.08
N LYS B 701 -11.19 29.50 7.04
CA LYS B 701 -11.38 30.92 6.76
C LYS B 701 -10.56 31.28 5.52
N ARG B 702 -11.20 31.30 4.36
CA ARG B 702 -10.53 31.64 3.11
C ARG B 702 -11.21 32.86 2.50
N GLY B 703 -10.48 33.96 2.42
CA GLY B 703 -11.02 35.19 1.88
C GLY B 703 -11.89 36.00 2.81
N GLY B 704 -11.88 35.70 4.10
CA GLY B 704 -12.69 36.42 5.07
C GLY B 704 -13.99 35.76 5.46
N ARG B 705 -14.09 34.45 5.34
CA ARG B 705 -15.40 33.87 5.68
C ARG B 705 -15.19 32.53 6.38
N TRP B 706 -16.15 32.11 7.17
CA TRP B 706 -16.04 30.78 7.83
C TRP B 706 -16.79 29.80 6.94
N ARG B 707 -16.24 28.64 6.68
CA ARG B 707 -16.86 27.66 5.79
C ARG B 707 -17.21 26.38 6.55
N TRP B 708 -18.38 25.82 6.25
CA TRP B 708 -18.87 24.58 6.83
C TRP B 708 -19.54 23.77 5.73
N GLN B 709 -19.79 22.50 6.03
CA GLN B 709 -20.12 21.51 5.01
C GLN B 709 -20.94 20.36 5.60
N ILE B 710 -21.78 19.74 4.78
CA ILE B 710 -22.36 18.43 5.10
C ILE B 710 -22.32 17.55 3.87
N LEU B 711 -21.75 16.37 4.02
CA LEU B 711 -21.71 15.40 2.92
C LEU B 711 -22.96 14.54 2.91
N LEU B 712 -23.38 14.19 1.70
CA LEU B 712 -24.46 13.25 1.46
C LEU B 712 -23.86 12.13 0.62
N GLN B 713 -23.78 10.93 1.19
CA GLN B 713 -23.20 9.79 0.50
C GLN B 713 -24.27 8.74 0.21
N HIS B 714 -24.23 8.16 -0.99
CA HIS B 714 -25.22 7.15 -1.37
C HIS B 714 -24.64 6.21 -2.42
N PRO B 715 -24.98 4.92 -2.35
CA PRO B 715 -24.41 3.96 -3.34
C PRO B 715 -24.74 4.31 -4.78
N SER B 716 -26.03 4.50 -5.10
CA SER B 716 -26.46 4.73 -6.47
C SER B 716 -26.43 6.21 -6.82
N ARG B 717 -26.27 6.48 -8.11
CA ARG B 717 -26.15 7.87 -8.58
C ARG B 717 -27.51 8.54 -8.73
N VAL B 718 -28.36 8.03 -9.62
CA VAL B 718 -29.59 8.75 -9.93
C VAL B 718 -30.50 8.82 -8.72
N ARG B 719 -30.46 7.83 -7.84
CA ARG B 719 -31.23 7.98 -6.61
C ARG B 719 -30.74 9.21 -5.90
N LEU B 720 -29.46 9.22 -5.49
CA LEU B 720 -28.85 10.34 -4.79
C LEU B 720 -29.22 11.65 -5.47
N GLN B 721 -29.24 11.66 -6.81
CA GLN B 721 -29.68 12.85 -7.53
C GLN B 721 -31.07 13.26 -7.11
N HIS B 722 -31.98 12.29 -6.97
CA HIS B 722 -33.33 12.61 -6.50
C HIS B 722 -33.30 13.12 -5.06
N ILE B 723 -32.60 12.41 -4.16
CA ILE B 723 -32.52 12.88 -2.77
C ILE B 723 -32.03 14.33 -2.72
N VAL B 724 -30.93 14.63 -3.38
CA VAL B 724 -30.47 16.01 -3.33
C VAL B 724 -31.50 16.93 -3.97
N SER B 725 -32.09 16.53 -5.11
CA SER B 725 -33.16 17.28 -5.76
C SER B 725 -34.23 17.67 -4.74
N GLY B 726 -34.84 16.66 -4.11
CA GLY B 726 -35.72 16.92 -2.98
C GLY B 726 -35.09 17.79 -1.91
N THR B 727 -33.88 17.45 -1.48
CA THR B 727 -33.21 18.26 -0.45
C THR B 727 -33.26 19.75 -0.80
N LEU B 728 -32.89 20.09 -2.02
CA LEU B 728 -32.95 21.51 -2.48
C LEU B 728 -34.30 22.10 -2.04
N ALA B 729 -35.42 21.42 -2.31
CA ALA B 729 -36.72 21.92 -1.90
C ALA B 729 -36.71 22.27 -0.41
N LEU B 730 -36.29 21.32 0.44
CA LEU B 730 -36.37 21.55 1.88
C LEU B 730 -35.54 22.72 2.35
N ILE B 731 -34.48 23.06 1.61
CA ILE B 731 -33.56 24.16 1.99
C ILE B 731 -34.34 25.48 2.09
N ASN B 732 -35.37 25.68 1.28
CA ASN B 732 -36.12 26.93 1.33
C ASN B 732 -37.08 26.98 2.51
N THR B 733 -37.55 25.82 2.99
CA THR B 733 -38.32 25.78 4.23
C THR B 733 -37.54 26.41 5.37
N LEU B 734 -36.22 26.29 5.35
CA LEU B 734 -35.39 26.95 6.36
C LEU B 734 -35.41 28.45 6.15
N PRO B 735 -36.03 29.22 7.05
CA PRO B 735 -36.16 30.67 6.83
C PRO B 735 -34.83 31.41 6.84
N GLU B 736 -33.75 30.64 6.86
CA GLU B 736 -32.40 31.15 7.07
C GLU B 736 -31.52 31.05 5.84
N ALA B 737 -31.93 30.32 4.80
CA ALA B 737 -31.11 30.03 3.64
C ALA B 737 -30.72 31.31 2.89
N ARG B 738 -31.16 32.45 3.40
CA ARG B 738 -30.98 33.73 2.73
C ARG B 738 -29.90 34.62 3.35
N LYS B 739 -29.37 34.28 4.53
CA LYS B 739 -28.34 35.09 5.16
C LYS B 739 -26.98 34.40 5.23
N VAL B 740 -26.82 33.24 4.59
CA VAL B 740 -25.52 32.63 4.35
C VAL B 740 -25.28 32.60 2.85
N LYS B 741 -24.09 32.12 2.49
CA LYS B 741 -23.77 31.75 1.14
C LYS B 741 -23.62 30.24 1.09
N TRP B 742 -24.54 29.58 0.40
CA TRP B 742 -24.52 28.13 0.28
C TRP B 742 -24.31 27.78 -1.18
N VAL B 743 -23.34 26.92 -1.45
CA VAL B 743 -23.09 26.42 -2.78
C VAL B 743 -23.10 24.90 -2.73
N LEU B 744 -23.67 24.27 -3.76
CA LEU B 744 -23.74 22.82 -3.83
C LEU B 744 -22.65 22.31 -4.77
N ASP B 745 -22.10 21.16 -4.45
CA ASP B 745 -20.99 20.58 -5.21
C ASP B 745 -21.26 19.09 -5.46
N VAL B 746 -21.80 18.76 -6.64
CA VAL B 746 -21.97 17.36 -7.02
C VAL B 746 -20.62 16.77 -7.40
N ASP B 747 -20.41 15.51 -7.02
CA ASP B 747 -19.15 14.81 -7.25
C ASP B 747 -17.96 15.67 -6.88
N PRO B 748 -17.80 16.07 -5.64
CA PRO B 748 -16.68 16.95 -5.27
C PRO B 748 -15.35 16.23 -5.40
N ILE B 749 -14.33 17.01 -5.77
CA ILE B 749 -12.96 16.57 -5.85
C ILE B 749 -12.13 17.12 -4.69
N GLU B 750 -12.77 17.70 -3.69
CA GLU B 750 -12.10 18.47 -2.65
C GLU B 750 -11.01 17.66 -1.95
ZN ZN G . 18.96 -49.66 4.58
ZN ZN H . 18.12 -46.27 -15.87
S SO4 I . 2.48 -16.35 1.76
O1 SO4 I . 1.78 -15.21 2.33
O2 SO4 I . 1.58 -17.50 1.64
O3 SO4 I . 2.97 -15.99 0.43
O4 SO4 I . 3.60 -16.70 2.62
S SO4 J . 24.21 -27.00 21.83
O1 SO4 J . 24.39 -25.59 22.15
O2 SO4 J . 22.78 -27.32 21.79
O3 SO4 J . 24.76 -27.29 20.51
O4 SO4 J . 24.88 -27.80 22.85
S SO4 K . 24.08 -30.02 16.72
O1 SO4 K . 24.00 -29.10 17.84
O2 SO4 K . 22.84 -30.79 16.61
O3 SO4 K . 24.30 -29.29 15.48
O4 SO4 K . 25.19 -30.95 16.95
S SO4 L . 19.42 -16.40 25.67
O1 SO4 L . 19.07 -14.99 25.82
O2 SO4 L . 18.26 -17.21 25.99
O3 SO4 L . 19.83 -16.67 24.29
O4 SO4 L . 20.53 -16.74 26.56
S SO4 M . 15.24 -30.21 2.20
O1 SO4 M . 14.42 -29.13 2.76
O2 SO4 M . 14.38 -31.31 1.78
O3 SO4 M . 15.98 -29.69 1.06
O4 SO4 M . 16.19 -30.67 3.21
S SO4 N . -4.66 -13.53 6.22
O1 SO4 N . -5.38 -12.58 5.37
O2 SO4 N . -4.75 -13.10 7.60
O3 SO4 N . -5.23 -14.87 6.06
O4 SO4 N . -3.25 -13.55 5.86
S SO4 O . -0.35 -37.29 24.02
O1 SO4 O . -0.74 -36.29 25.01
O2 SO4 O . -1.52 -37.73 23.27
O3 SO4 O . 0.63 -36.72 23.11
O4 SO4 O . 0.25 -38.45 24.70
S SO4 P . 15.35 -17.76 22.32
O1 SO4 P . 15.23 -16.30 22.40
O2 SO4 P . 14.78 -18.37 23.51
O3 SO4 P . 16.76 -18.14 22.21
O4 SO4 P . 14.63 -18.24 21.14
ZN ZN Q . -15.32 10.75 14.09
ZN ZN R . 3.28 5.06 21.08
S SO4 S . -19.46 30.68 -6.20
O1 SO4 S . -19.77 31.87 -5.40
O2 SO4 S . -20.68 29.91 -6.42
O3 SO4 S . -18.93 31.12 -7.48
O4 SO4 S . -18.49 29.86 -5.49
S SO4 T . -13.56 27.08 -2.90
O1 SO4 T . -13.97 28.37 -2.35
O2 SO4 T . -14.73 26.35 -3.40
O3 SO4 T . -12.61 27.29 -3.98
O4 SO4 T . -12.93 26.28 -1.85
S SO4 U . 6.15 16.22 -16.14
O1 SO4 U . 5.84 17.54 -15.60
O2 SO4 U . 4.93 15.42 -16.22
O3 SO4 U . 6.71 16.37 -17.47
O4 SO4 U . 7.10 15.56 -15.26
S SO4 V . 4.23 13.25 -24.35
O1 SO4 V . 4.03 14.61 -23.85
O2 SO4 V . 3.31 12.97 -25.43
O3 SO4 V . 5.61 13.13 -24.84
O4 SO4 V . 4.00 12.29 -23.27
S SO4 W . -2.90 17.12 0.29
O1 SO4 W . -3.80 17.62 -0.73
O2 SO4 W . -3.64 16.71 1.47
O3 SO4 W . -1.94 18.16 0.64
O4 SO4 W . -2.20 15.95 -0.25
#